data_5KPH
#
_entry.id   5KPH
#
_entity_poly.entity_id   1
_entity_poly.type   'polypeptide(L)'
_entity_poly.pdbx_seq_one_letter_code
;MPSEEEEKRQVKQVAKEKLLEQSPNSKVQVRRVQKQGNTIRVELELRTNGKKENYTVEVERQGNTWTVKRITRTVGSLEH
HHHHH
;
_entity_poly.pdbx_strand_id   A
#
# COMPACT_ATOMS: atom_id res chain seq x y z
N MET A 1 5.97 -7.66 -24.22
CA MET A 1 6.78 -6.62 -23.57
C MET A 1 6.09 -6.15 -22.28
N PRO A 2 6.65 -6.44 -21.06
CA PRO A 2 6.14 -5.89 -19.78
C PRO A 2 6.14 -4.35 -19.81
N SER A 3 4.99 -3.79 -20.23
CA SER A 3 4.80 -2.35 -20.40
C SER A 3 4.72 -1.68 -19.03
N GLU A 4 5.63 -0.72 -18.79
CA GLU A 4 5.75 -0.01 -17.51
C GLU A 4 4.43 0.57 -17.05
N GLU A 5 3.67 1.10 -18.01
CA GLU A 5 2.35 1.72 -17.78
C GLU A 5 1.38 0.70 -17.16
N GLU A 6 1.45 -0.54 -17.68
CA GLU A 6 0.63 -1.67 -17.22
C GLU A 6 1.12 -2.19 -15.86
N GLU A 7 2.42 -1.98 -15.56
CA GLU A 7 3.01 -2.40 -14.28
C GLU A 7 2.38 -1.62 -13.12
N LYS A 8 2.10 -0.29 -13.31
CA LYS A 8 1.38 0.51 -12.29
C LYS A 8 -0.02 -0.11 -12.02
N ARG A 9 -0.73 -0.47 -13.11
CA ARG A 9 -2.09 -1.06 -13.06
C ARG A 9 -2.12 -2.31 -12.17
N GLN A 10 -1.07 -3.15 -12.31
CA GLN A 10 -0.93 -4.40 -11.55
C GLN A 10 -0.61 -4.13 -10.07
N VAL A 11 0.42 -3.31 -9.82
CA VAL A 11 0.97 -3.06 -8.47
C VAL A 11 -0.03 -2.36 -7.54
N LYS A 12 -0.71 -1.33 -8.07
CA LYS A 12 -1.69 -0.54 -7.31
C LYS A 12 -2.94 -1.39 -7.01
N GLN A 13 -3.27 -2.32 -7.92
CA GLN A 13 -4.38 -3.27 -7.73
C GLN A 13 -4.03 -4.28 -6.62
N VAL A 14 -2.81 -4.83 -6.65
CA VAL A 14 -2.31 -5.75 -5.61
C VAL A 14 -2.31 -5.03 -4.24
N ALA A 15 -1.83 -3.78 -4.26
CA ALA A 15 -1.67 -2.92 -3.08
C ALA A 15 -3.03 -2.66 -2.40
N LYS A 16 -4.04 -2.26 -3.21
CA LYS A 16 -5.38 -1.94 -2.69
C LYS A 16 -6.06 -3.19 -2.15
N GLU A 17 -5.94 -4.33 -2.89
CA GLU A 17 -6.58 -5.60 -2.50
C GLU A 17 -6.04 -6.12 -1.18
N LYS A 18 -4.72 -5.89 -0.93
CA LYS A 18 -4.08 -6.27 0.35
C LYS A 18 -4.67 -5.48 1.52
N LEU A 19 -4.93 -4.18 1.30
CA LEU A 19 -5.57 -3.31 2.31
C LEU A 19 -7.04 -3.67 2.52
N LEU A 20 -7.68 -4.19 1.45
CA LEU A 20 -9.07 -4.68 1.47
C LEU A 20 -9.14 -6.08 2.13
N GLU A 21 -8.00 -6.81 2.12
CA GLU A 21 -7.86 -8.10 2.85
C GLU A 21 -7.72 -7.83 4.35
N GLN A 22 -6.97 -6.76 4.69
CA GLN A 22 -6.76 -6.33 6.08
C GLN A 22 -8.02 -5.67 6.66
N SER A 23 -8.81 -5.00 5.80
CA SER A 23 -10.00 -4.27 6.24
C SER A 23 -11.04 -4.18 5.08
N PRO A 24 -11.95 -5.21 4.95
CA PRO A 24 -13.00 -5.25 3.89
C PRO A 24 -14.12 -4.18 4.05
N ASN A 25 -14.23 -3.58 5.23
CA ASN A 25 -15.23 -2.51 5.50
C ASN A 25 -14.75 -1.15 4.96
N SER A 26 -13.44 -1.05 4.69
CA SER A 26 -12.80 0.18 4.22
C SER A 26 -12.77 0.24 2.68
N LYS A 27 -12.84 1.46 2.13
CA LYS A 27 -12.66 1.72 0.71
C LYS A 27 -11.33 2.45 0.50
N VAL A 28 -10.43 1.82 -0.26
CA VAL A 28 -9.07 2.31 -0.50
C VAL A 28 -8.98 3.01 -1.88
N GLN A 29 -8.17 4.07 -1.95
CA GLN A 29 -7.85 4.77 -3.20
C GLN A 29 -6.32 4.99 -3.24
N VAL A 30 -5.74 4.98 -4.45
CA VAL A 30 -4.29 5.24 -4.64
C VAL A 30 -3.97 6.71 -4.30
N ARG A 31 -2.85 6.93 -3.59
CA ARG A 31 -2.50 8.27 -3.07
C ARG A 31 -1.20 8.78 -3.73
N ARG A 32 -0.22 7.87 -3.91
CA ARG A 32 1.12 8.22 -4.39
C ARG A 32 1.86 6.91 -4.78
N VAL A 33 2.69 6.94 -5.84
CA VAL A 33 3.46 5.76 -6.33
C VAL A 33 4.90 6.19 -6.62
N GLN A 34 5.89 5.33 -6.26
CA GLN A 34 7.33 5.58 -6.50
C GLN A 34 8.00 4.31 -7.04
N LYS A 35 8.45 4.36 -8.30
CA LYS A 35 9.26 3.30 -8.92
C LYS A 35 10.73 3.48 -8.48
N GLN A 36 11.22 2.58 -7.61
CA GLN A 36 12.61 2.61 -7.09
C GLN A 36 13.28 1.27 -7.43
N GLY A 37 13.78 1.17 -8.67
CA GLY A 37 14.33 -0.09 -9.19
C GLY A 37 13.26 -1.18 -9.28
N ASN A 38 13.52 -2.35 -8.66
CA ASN A 38 12.52 -3.44 -8.57
C ASN A 38 11.37 -3.08 -7.61
N THR A 39 11.68 -2.26 -6.59
CA THR A 39 10.76 -2.00 -5.47
C THR A 39 9.93 -0.71 -5.69
N ILE A 40 8.62 -0.89 -5.92
CA ILE A 40 7.67 0.21 -6.05
C ILE A 40 6.96 0.47 -4.69
N ARG A 41 7.22 1.64 -4.09
CA ARG A 41 6.52 2.09 -2.87
C ARG A 41 5.24 2.84 -3.27
N VAL A 42 4.09 2.16 -3.16
CA VAL A 42 2.77 2.76 -3.42
C VAL A 42 2.14 3.17 -2.09
N GLU A 43 2.08 4.47 -1.85
CA GLU A 43 1.24 5.05 -0.79
C GLU A 43 -0.22 4.99 -1.22
N LEU A 44 -1.10 4.46 -0.37
CA LEU A 44 -2.55 4.48 -0.60
C LEU A 44 -3.22 5.17 0.59
N GLU A 45 -4.50 5.49 0.43
CA GLU A 45 -5.30 6.13 1.46
C GLU A 45 -6.56 5.29 1.69
N LEU A 46 -6.60 4.63 2.85
CA LEU A 46 -7.68 3.73 3.25
C LEU A 46 -8.66 4.53 4.12
N ARG A 47 -9.91 4.62 3.67
CA ARG A 47 -10.96 5.44 4.32
C ARG A 47 -12.00 4.52 4.99
N THR A 48 -12.40 4.87 6.23
CA THR A 48 -13.32 4.08 7.07
C THR A 48 -14.20 5.05 7.89
N ASN A 49 -15.15 4.49 8.67
CA ASN A 49 -16.02 5.25 9.59
C ASN A 49 -15.19 5.94 10.69
N GLY A 50 -14.93 7.24 10.48
CA GLY A 50 -14.15 8.06 11.42
C GLY A 50 -12.64 7.83 11.36
N LYS A 51 -12.20 6.96 10.42
CA LYS A 51 -10.78 6.67 10.21
C LYS A 51 -10.36 7.06 8.78
N LYS A 52 -9.10 7.44 8.63
CA LYS A 52 -8.44 7.59 7.33
C LYS A 52 -6.95 7.30 7.54
N GLU A 53 -6.54 6.07 7.19
CA GLU A 53 -5.17 5.60 7.43
C GLU A 53 -4.39 5.60 6.11
N ASN A 54 -3.35 6.44 6.01
CA ASN A 54 -2.42 6.42 4.88
C ASN A 54 -1.49 5.21 5.03
N TYR A 55 -1.54 4.30 4.07
CA TYR A 55 -0.68 3.11 4.03
C TYR A 55 0.39 3.28 2.95
N THR A 56 1.36 2.36 2.93
CA THR A 56 2.38 2.27 1.91
C THR A 56 2.69 0.79 1.68
N VAL A 57 2.16 0.23 0.60
CA VAL A 57 2.39 -1.16 0.23
C VAL A 57 3.58 -1.17 -0.73
N GLU A 58 4.72 -1.56 -0.18
CA GLU A 58 6.00 -1.59 -0.90
C GLU A 58 6.14 -2.96 -1.57
N VAL A 59 5.94 -2.96 -2.88
CA VAL A 59 5.96 -4.15 -3.73
C VAL A 59 7.33 -4.26 -4.44
N GLU A 60 7.77 -5.48 -4.79
CA GLU A 60 9.07 -5.75 -5.43
C GLU A 60 8.87 -6.64 -6.67
N ARG A 61 9.69 -6.39 -7.71
CA ARG A 61 9.72 -7.20 -8.92
C ARG A 61 10.57 -8.47 -8.69
N GLN A 62 9.92 -9.63 -8.70
CA GLN A 62 10.57 -10.95 -8.69
C GLN A 62 10.15 -11.70 -9.95
N GLY A 63 11.05 -11.70 -10.96
CA GLY A 63 10.77 -12.27 -12.27
C GLY A 63 9.79 -11.41 -13.06
N ASN A 64 8.58 -11.93 -13.28
CA ASN A 64 7.48 -11.19 -13.92
C ASN A 64 6.41 -10.81 -12.88
N THR A 65 6.46 -11.45 -11.70
CA THR A 65 5.41 -11.31 -10.66
C THR A 65 5.78 -10.21 -9.65
N TRP A 66 4.74 -9.56 -9.11
CA TRP A 66 4.87 -8.50 -8.10
C TRP A 66 4.52 -9.04 -6.70
N THR A 67 5.51 -9.05 -5.79
CA THR A 67 5.35 -9.55 -4.41
C THR A 67 5.36 -8.37 -3.40
N VAL A 68 4.58 -8.47 -2.32
CA VAL A 68 4.52 -7.42 -1.30
C VAL A 68 5.65 -7.62 -0.26
N LYS A 69 6.61 -6.69 -0.25
CA LYS A 69 7.69 -6.63 0.75
C LYS A 69 7.12 -6.33 2.14
N ARG A 70 6.25 -5.30 2.20
CA ARG A 70 5.65 -4.86 3.45
C ARG A 70 4.39 -4.02 3.16
N ILE A 71 3.49 -4.00 4.13
CA ILE A 71 2.37 -3.06 4.21
C ILE A 71 2.62 -2.16 5.43
N THR A 72 2.99 -0.91 5.17
CA THR A 72 3.23 0.09 6.21
C THR A 72 1.93 0.88 6.45
N ARG A 73 1.66 1.26 7.70
CA ARG A 73 0.58 2.18 8.07
C ARG A 73 1.23 3.43 8.67
N THR A 74 0.59 4.60 8.49
CA THR A 74 1.03 5.87 9.10
C THR A 74 1.04 5.74 10.64
N VAL A 75 2.10 6.23 11.28
CA VAL A 75 2.28 6.13 12.74
C VAL A 75 1.48 7.26 13.44
N GLY A 76 0.77 6.92 14.52
CA GLY A 76 -0.06 7.86 15.27
C GLY A 76 0.59 8.33 16.55
N SER A 77 0.27 9.56 16.97
CA SER A 77 0.74 10.16 18.22
C SER A 77 -0.37 11.07 18.77
N LEU A 78 -0.26 11.42 20.07
CA LEU A 78 -1.14 12.39 20.71
C LEU A 78 -0.89 13.79 20.08
N GLU A 79 -1.96 14.50 19.75
CA GLU A 79 -1.90 15.78 19.02
C GLU A 79 -2.18 16.95 19.98
N HIS A 80 -2.42 18.14 19.41
CA HIS A 80 -2.93 19.31 20.14
C HIS A 80 -4.23 19.73 19.48
N HIS A 81 -5.34 19.67 20.24
CA HIS A 81 -6.66 20.10 19.76
C HIS A 81 -6.62 21.59 19.42
N HIS A 82 -6.94 21.93 18.16
CA HIS A 82 -7.05 23.33 17.71
C HIS A 82 -8.33 23.93 18.31
N HIS A 83 -9.42 23.15 18.23
CA HIS A 83 -10.72 23.49 18.82
C HIS A 83 -10.76 23.02 20.28
N HIS A 84 -11.10 23.93 21.19
CA HIS A 84 -11.25 23.65 22.63
C HIS A 84 -12.67 24.02 23.05
N HIS A 85 -13.30 23.18 23.87
CA HIS A 85 -14.65 23.38 24.38
C HIS A 85 -14.59 23.63 25.91
N MET A 1 0.58 -7.97 -23.35
CA MET A 1 1.54 -6.86 -23.55
C MET A 1 1.89 -6.20 -22.20
N PRO A 2 2.86 -6.76 -21.42
CA PRO A 2 3.33 -6.10 -20.17
C PRO A 2 4.17 -4.85 -20.48
N SER A 3 3.64 -3.67 -20.15
CA SER A 3 4.35 -2.38 -20.31
C SER A 3 4.63 -1.78 -18.94
N GLU A 4 5.74 -1.01 -18.82
CA GLU A 4 6.19 -0.42 -17.53
C GLU A 4 5.13 0.51 -16.91
N GLU A 5 4.33 1.16 -17.78
CA GLU A 5 3.24 2.06 -17.37
C GLU A 5 2.02 1.24 -16.89
N GLU A 6 1.80 0.08 -17.54
CA GLU A 6 0.79 -0.91 -17.12
C GLU A 6 1.20 -1.60 -15.82
N GLU A 7 2.52 -1.69 -15.57
CA GLU A 7 3.06 -2.37 -14.38
C GLU A 7 2.53 -1.72 -13.10
N LYS A 8 2.58 -0.35 -13.03
CA LYS A 8 2.04 0.38 -11.86
C LYS A 8 0.54 0.08 -11.66
N ARG A 9 -0.21 -0.11 -12.77
CA ARG A 9 -1.66 -0.43 -12.71
C ARG A 9 -1.89 -1.81 -12.07
N GLN A 10 -0.93 -2.74 -12.30
CA GLN A 10 -0.95 -4.08 -11.68
C GLN A 10 -0.54 -4.00 -10.20
N VAL A 11 0.44 -3.11 -9.89
CA VAL A 11 1.00 -2.95 -8.53
C VAL A 11 -0.03 -2.29 -7.58
N LYS A 12 -0.69 -1.23 -8.07
CA LYS A 12 -1.74 -0.50 -7.33
C LYS A 12 -2.92 -1.43 -7.04
N GLN A 13 -3.22 -2.31 -8.03
CA GLN A 13 -4.28 -3.31 -7.93
C GLN A 13 -3.96 -4.31 -6.80
N VAL A 14 -2.77 -4.95 -6.86
CA VAL A 14 -2.31 -5.91 -5.83
C VAL A 14 -2.33 -5.23 -4.45
N ALA A 15 -1.82 -3.99 -4.41
CA ALA A 15 -1.68 -3.18 -3.19
C ALA A 15 -3.04 -2.91 -2.52
N LYS A 16 -4.05 -2.52 -3.34
CA LYS A 16 -5.39 -2.18 -2.84
C LYS A 16 -6.15 -3.43 -2.43
N GLU A 17 -5.88 -4.56 -3.12
CA GLU A 17 -6.48 -5.86 -2.79
C GLU A 17 -5.99 -6.32 -1.42
N LYS A 18 -4.68 -6.07 -1.11
CA LYS A 18 -4.08 -6.39 0.20
C LYS A 18 -4.83 -5.67 1.33
N LEU A 19 -5.02 -4.36 1.14
CA LEU A 19 -5.71 -3.49 2.12
C LEU A 19 -7.19 -3.85 2.27
N LEU A 20 -7.80 -4.38 1.19
CA LEU A 20 -9.20 -4.84 1.19
C LEU A 20 -9.33 -6.24 1.85
N GLU A 21 -8.25 -7.05 1.80
CA GLU A 21 -8.21 -8.37 2.50
C GLU A 21 -8.11 -8.13 4.02
N GLN A 22 -7.26 -7.17 4.40
CA GLN A 22 -7.04 -6.77 5.81
C GLN A 22 -8.29 -6.07 6.38
N SER A 23 -8.90 -5.20 5.57
CA SER A 23 -10.07 -4.41 5.96
C SER A 23 -11.01 -4.23 4.74
N PRO A 24 -12.01 -5.15 4.54
CA PRO A 24 -13.03 -5.01 3.48
C PRO A 24 -14.16 -4.03 3.87
N ASN A 25 -14.07 -3.52 5.11
CA ASN A 25 -15.04 -2.59 5.71
C ASN A 25 -14.59 -1.13 5.50
N SER A 26 -13.60 -0.91 4.63
CA SER A 26 -13.00 0.42 4.41
C SER A 26 -12.83 0.70 2.91
N LYS A 27 -12.93 1.99 2.54
CA LYS A 27 -12.69 2.44 1.16
C LYS A 27 -11.22 2.80 0.98
N VAL A 28 -10.56 2.01 0.13
CA VAL A 28 -9.14 2.13 -0.19
C VAL A 28 -8.99 2.86 -1.53
N GLN A 29 -8.21 3.95 -1.51
CA GLN A 29 -7.82 4.74 -2.69
C GLN A 29 -6.31 4.58 -2.90
N VAL A 30 -5.81 5.00 -4.06
CA VAL A 30 -4.36 5.09 -4.31
C VAL A 30 -3.98 6.58 -4.26
N ARG A 31 -3.22 6.97 -3.22
CA ARG A 31 -2.92 8.39 -2.95
C ARG A 31 -1.75 8.91 -3.81
N ARG A 32 -0.69 8.09 -3.93
CA ARG A 32 0.54 8.43 -4.64
C ARG A 32 1.31 7.12 -4.92
N VAL A 33 2.02 7.05 -6.06
CA VAL A 33 2.86 5.88 -6.42
C VAL A 33 4.32 6.33 -6.55
N GLN A 34 5.26 5.50 -6.10
CA GLN A 34 6.70 5.79 -6.21
C GLN A 34 7.46 4.52 -6.68
N LYS A 35 8.01 4.59 -7.90
CA LYS A 35 8.77 3.50 -8.51
C LYS A 35 10.24 3.62 -8.06
N GLN A 36 10.76 2.61 -7.33
CA GLN A 36 12.17 2.57 -6.86
C GLN A 36 12.82 1.22 -7.23
N GLY A 37 13.16 1.09 -8.54
CA GLY A 37 13.91 -0.06 -9.07
C GLY A 37 13.14 -1.38 -9.03
N ASN A 38 13.39 -2.18 -7.97
CA ASN A 38 12.64 -3.42 -7.71
C ASN A 38 11.31 -3.07 -7.04
N THR A 39 11.40 -2.30 -5.96
CA THR A 39 10.30 -2.06 -5.04
C THR A 39 9.56 -0.76 -5.41
N ILE A 40 8.33 -0.90 -5.90
CA ILE A 40 7.42 0.22 -6.09
C ILE A 40 6.62 0.43 -4.79
N ARG A 41 6.95 1.52 -4.08
CA ARG A 41 6.23 1.95 -2.88
C ARG A 41 5.00 2.75 -3.29
N VAL A 42 3.86 2.06 -3.34
CA VAL A 42 2.57 2.69 -3.62
C VAL A 42 1.97 3.14 -2.28
N GLU A 43 1.84 4.45 -2.11
CA GLU A 43 1.18 5.07 -0.95
C GLU A 43 -0.32 5.15 -1.21
N LEU A 44 -1.09 4.31 -0.52
CA LEU A 44 -2.56 4.27 -0.63
C LEU A 44 -3.20 5.01 0.54
N GLU A 45 -4.52 5.21 0.44
CA GLU A 45 -5.31 5.95 1.42
C GLU A 45 -6.54 5.13 1.81
N LEU A 46 -6.50 4.53 3.01
CA LEU A 46 -7.56 3.65 3.53
C LEU A 46 -8.36 4.42 4.58
N ARG A 47 -9.68 4.19 4.64
CA ARG A 47 -10.59 4.90 5.57
C ARG A 47 -11.11 3.96 6.67
N THR A 48 -10.45 4.01 7.84
CA THR A 48 -10.79 3.22 9.02
C THR A 48 -11.80 3.99 9.89
N ASN A 49 -13.08 3.55 9.85
CA ASN A 49 -14.16 4.10 10.70
C ASN A 49 -14.46 5.58 10.34
N GLY A 50 -14.18 5.94 9.06
CA GLY A 50 -14.35 7.31 8.57
C GLY A 50 -13.08 8.15 8.69
N LYS A 51 -12.08 7.63 9.45
CA LYS A 51 -10.78 8.30 9.64
C LYS A 51 -9.79 7.79 8.60
N LYS A 52 -8.83 8.64 8.24
CA LYS A 52 -7.88 8.37 7.14
C LYS A 52 -6.53 7.84 7.67
N GLU A 53 -6.20 6.59 7.33
CA GLU A 53 -4.87 5.99 7.57
C GLU A 53 -4.28 5.60 6.20
N ASN A 54 -3.20 6.28 5.80
CA ASN A 54 -2.48 6.00 4.54
C ASN A 54 -1.53 4.80 4.73
N TYR A 55 -1.66 3.77 3.88
CA TYR A 55 -0.79 2.57 3.92
C TYR A 55 0.09 2.52 2.67
N THR A 56 1.41 2.56 2.87
CA THR A 56 2.40 2.40 1.81
C THR A 56 2.70 0.90 1.61
N VAL A 57 2.12 0.32 0.55
CA VAL A 57 2.30 -1.09 0.21
C VAL A 57 3.50 -1.20 -0.76
N GLU A 58 4.60 -1.70 -0.20
CA GLU A 58 5.89 -1.88 -0.89
C GLU A 58 5.86 -3.20 -1.66
N VAL A 59 5.67 -3.13 -2.98
CA VAL A 59 5.56 -4.32 -3.86
C VAL A 59 6.80 -4.39 -4.77
N GLU A 60 7.52 -5.51 -4.72
CA GLU A 60 8.79 -5.72 -5.44
C GLU A 60 8.56 -6.60 -6.68
N ARG A 61 9.28 -6.27 -7.77
CA ARG A 61 9.33 -7.09 -8.98
C ARG A 61 10.31 -8.25 -8.75
N GLN A 62 9.78 -9.47 -8.69
CA GLN A 62 10.56 -10.71 -8.66
C GLN A 62 10.25 -11.51 -9.92
N GLY A 63 11.14 -11.40 -10.92
CA GLY A 63 10.93 -11.99 -12.23
C GLY A 63 9.82 -11.27 -12.99
N ASN A 64 8.65 -11.92 -13.09
CA ASN A 64 7.42 -11.32 -13.67
C ASN A 64 6.34 -11.13 -12.60
N THR A 65 6.51 -11.82 -11.46
CA THR A 65 5.51 -11.84 -10.38
C THR A 65 5.78 -10.66 -9.40
N TRP A 66 4.73 -9.88 -9.12
CA TRP A 66 4.75 -8.82 -8.10
C TRP A 66 4.51 -9.45 -6.71
N THR A 67 5.35 -9.09 -5.73
CA THR A 67 5.29 -9.68 -4.38
C THR A 67 5.35 -8.54 -3.32
N VAL A 68 4.33 -8.48 -2.47
CA VAL A 68 4.20 -7.47 -1.41
C VAL A 68 5.17 -7.79 -0.26
N LYS A 69 6.28 -7.04 -0.20
CA LYS A 69 7.34 -7.23 0.80
C LYS A 69 6.86 -6.82 2.20
N ARG A 70 6.29 -5.61 2.28
CA ARG A 70 5.79 -5.06 3.54
C ARG A 70 4.76 -3.95 3.25
N ILE A 71 3.77 -3.83 4.15
CA ILE A 71 2.78 -2.74 4.14
C ILE A 71 3.06 -1.84 5.35
N THR A 72 3.64 -0.65 5.11
CA THR A 72 3.99 0.32 6.15
C THR A 72 2.92 1.42 6.25
N ARG A 73 2.12 1.37 7.31
CA ARG A 73 1.11 2.40 7.60
C ARG A 73 1.79 3.68 8.15
N THR A 74 1.15 4.84 7.91
CA THR A 74 1.55 6.12 8.50
C THR A 74 1.07 6.19 9.97
N VAL A 75 1.80 6.94 10.80
CA VAL A 75 1.45 7.15 12.22
C VAL A 75 0.18 8.04 12.31
N GLY A 76 -0.97 7.41 12.65
CA GLY A 76 -2.25 8.13 12.74
C GLY A 76 -3.42 7.22 13.11
N SER A 77 -3.14 6.18 13.91
CA SER A 77 -4.17 5.24 14.39
C SER A 77 -5.01 5.86 15.50
N LEU A 78 -6.34 5.59 15.49
CA LEU A 78 -7.24 6.02 16.56
C LEU A 78 -7.09 5.05 17.74
N GLU A 79 -6.36 5.50 18.77
CA GLU A 79 -6.21 4.76 20.04
C GLU A 79 -7.57 4.73 20.77
N HIS A 80 -8.07 3.52 21.02
CA HIS A 80 -9.44 3.30 21.51
C HIS A 80 -9.52 3.50 23.02
N HIS A 81 -9.84 4.75 23.42
CA HIS A 81 -10.10 5.10 24.83
C HIS A 81 -11.47 4.54 25.23
N HIS A 82 -11.49 3.67 26.25
CA HIS A 82 -12.70 2.97 26.70
C HIS A 82 -13.06 3.41 28.14
N HIS A 83 -14.25 4.00 28.28
CA HIS A 83 -14.74 4.59 29.54
C HIS A 83 -15.24 3.51 30.53
N HIS A 84 -15.77 2.38 30.01
CA HIS A 84 -16.27 1.26 30.87
C HIS A 84 -15.19 0.19 31.05
N HIS A 85 -15.52 -0.85 31.84
CA HIS A 85 -14.63 -2.01 32.06
C HIS A 85 -14.71 -2.97 30.84
N MET A 1 2.56 -5.07 -24.78
CA MET A 1 3.52 -5.66 -23.83
C MET A 1 3.35 -5.02 -22.44
N PRO A 2 3.76 -5.72 -21.32
CA PRO A 2 3.83 -5.09 -19.98
C PRO A 2 4.70 -3.83 -19.99
N SER A 3 4.04 -2.68 -20.20
CA SER A 3 4.71 -1.37 -20.26
C SER A 3 5.14 -0.93 -18.84
N GLU A 4 6.11 -0.01 -18.77
CA GLU A 4 6.64 0.50 -17.50
C GLU A 4 5.56 1.28 -16.72
N GLU A 5 4.51 1.74 -17.40
CA GLU A 5 3.35 2.37 -16.76
C GLU A 5 2.27 1.31 -16.41
N GLU A 6 2.14 0.26 -17.27
CA GLU A 6 1.09 -0.77 -17.14
C GLU A 6 1.29 -1.64 -15.87
N GLU A 7 2.57 -1.83 -15.50
CA GLU A 7 2.93 -2.57 -14.29
C GLU A 7 2.34 -1.89 -13.03
N LYS A 8 2.32 -0.52 -13.02
CA LYS A 8 1.74 0.29 -11.91
C LYS A 8 0.28 -0.12 -11.62
N ARG A 9 -0.48 -0.40 -12.71
CA ARG A 9 -1.89 -0.81 -12.64
C ARG A 9 -2.01 -2.14 -11.88
N GLN A 10 -1.08 -3.05 -12.21
CA GLN A 10 -0.99 -4.38 -11.56
C GLN A 10 -0.60 -4.25 -10.07
N VAL A 11 0.38 -3.36 -9.80
CA VAL A 11 0.97 -3.19 -8.46
C VAL A 11 -0.04 -2.57 -7.46
N LYS A 12 -0.79 -1.54 -7.93
CA LYS A 12 -1.81 -0.87 -7.11
C LYS A 12 -2.94 -1.85 -6.73
N GLN A 13 -3.21 -2.82 -7.63
CA GLN A 13 -4.18 -3.89 -7.38
C GLN A 13 -3.65 -4.82 -6.26
N VAL A 14 -2.41 -5.31 -6.41
CA VAL A 14 -1.75 -6.22 -5.43
C VAL A 14 -1.64 -5.52 -4.05
N ALA A 15 -1.50 -4.19 -4.07
CA ALA A 15 -1.37 -3.36 -2.87
C ALA A 15 -2.72 -3.16 -2.16
N LYS A 16 -3.77 -2.82 -2.95
CA LYS A 16 -5.08 -2.46 -2.41
C LYS A 16 -5.81 -3.67 -1.81
N GLU A 17 -5.59 -4.86 -2.42
CA GLU A 17 -6.18 -6.11 -1.95
C GLU A 17 -5.64 -6.49 -0.56
N LYS A 18 -4.34 -6.22 -0.34
CA LYS A 18 -3.69 -6.46 0.97
C LYS A 18 -4.35 -5.63 2.08
N LEU A 19 -4.65 -4.36 1.77
CA LEU A 19 -5.31 -3.44 2.70
C LEU A 19 -6.80 -3.80 2.90
N LEU A 20 -7.42 -4.37 1.85
CA LEU A 20 -8.81 -4.88 1.91
C LEU A 20 -8.90 -6.16 2.78
N GLU A 21 -7.78 -6.92 2.86
CA GLU A 21 -7.68 -8.09 3.76
C GLU A 21 -7.64 -7.64 5.23
N GLN A 22 -6.98 -6.48 5.47
CA GLN A 22 -6.85 -5.89 6.81
C GLN A 22 -8.09 -5.06 7.20
N SER A 23 -8.84 -4.57 6.19
CA SER A 23 -10.05 -3.78 6.39
C SER A 23 -10.92 -3.83 5.10
N PRO A 24 -11.90 -4.79 5.01
CA PRO A 24 -12.77 -4.95 3.82
C PRO A 24 -13.96 -3.98 3.79
N ASN A 25 -14.19 -3.25 4.90
CA ASN A 25 -15.31 -2.30 5.04
C ASN A 25 -14.94 -0.91 4.48
N SER A 26 -13.67 -0.75 4.09
CA SER A 26 -13.11 0.53 3.61
C SER A 26 -12.70 0.43 2.14
N LYS A 27 -12.96 1.51 1.37
CA LYS A 27 -12.46 1.62 -0.02
C LYS A 27 -10.99 2.07 0.03
N VAL A 28 -10.12 1.32 -0.66
CA VAL A 28 -8.69 1.63 -0.72
C VAL A 28 -8.37 2.37 -2.02
N GLN A 29 -7.98 3.66 -1.90
CA GLN A 29 -7.56 4.49 -3.03
C GLN A 29 -6.02 4.54 -3.07
N VAL A 30 -5.46 5.14 -4.13
CA VAL A 30 -4.02 5.41 -4.22
C VAL A 30 -3.76 6.88 -3.81
N ARG A 31 -2.77 7.08 -2.94
CA ARG A 31 -2.30 8.42 -2.54
C ARG A 31 -1.19 8.88 -3.53
N ARG A 32 -0.23 7.99 -3.79
CA ARG A 32 0.87 8.19 -4.77
C ARG A 32 1.56 6.85 -5.08
N VAL A 33 2.22 6.77 -6.24
CA VAL A 33 3.02 5.61 -6.66
C VAL A 33 4.49 6.02 -6.77
N GLN A 34 5.33 5.53 -5.86
CA GLN A 34 6.75 5.89 -5.80
C GLN A 34 7.59 4.75 -6.43
N LYS A 35 8.16 5.03 -7.61
CA LYS A 35 9.02 4.10 -8.34
C LYS A 35 10.44 4.10 -7.73
N GLN A 36 11.00 2.91 -7.56
CA GLN A 36 12.33 2.72 -6.96
C GLN A 36 12.95 1.44 -7.57
N GLY A 37 13.24 1.52 -8.89
CA GLY A 37 13.70 0.36 -9.67
C GLY A 37 12.61 -0.68 -9.83
N ASN A 38 12.96 -1.97 -9.62
CA ASN A 38 11.99 -3.09 -9.66
C ASN A 38 11.14 -3.15 -8.37
N THR A 39 11.40 -2.25 -7.42
CA THR A 39 10.53 -2.03 -6.24
C THR A 39 9.64 -0.80 -6.50
N ILE A 40 8.38 -0.87 -6.04
CA ILE A 40 7.45 0.26 -6.04
C ILE A 40 6.83 0.40 -4.64
N ARG A 41 7.08 1.54 -3.98
CA ARG A 41 6.38 1.93 -2.75
C ARG A 41 5.04 2.57 -3.14
N VAL A 42 3.97 1.79 -3.08
CA VAL A 42 2.63 2.32 -3.29
C VAL A 42 2.16 2.97 -2.00
N GLU A 43 1.98 4.28 -2.04
CA GLU A 43 1.34 5.03 -0.95
C GLU A 43 -0.16 4.98 -1.23
N LEU A 44 -0.93 4.37 -0.33
CA LEU A 44 -2.39 4.25 -0.49
C LEU A 44 -3.11 5.10 0.55
N GLU A 45 -4.42 5.24 0.38
CA GLU A 45 -5.26 6.01 1.29
C GLU A 45 -6.61 5.29 1.47
N LEU A 46 -6.77 4.72 2.67
CA LEU A 46 -7.89 3.85 3.05
C LEU A 46 -8.71 4.57 4.14
N ARG A 47 -10.06 4.55 4.02
CA ARG A 47 -10.96 5.24 4.99
C ARG A 47 -11.90 4.25 5.69
N THR A 48 -11.58 3.91 6.96
CA THR A 48 -12.40 3.02 7.80
C THR A 48 -13.14 3.84 8.87
N ASN A 49 -14.50 3.72 8.90
CA ASN A 49 -15.38 4.38 9.91
C ASN A 49 -15.29 5.92 9.84
N GLY A 50 -14.83 6.44 8.68
CA GLY A 50 -14.62 7.88 8.48
C GLY A 50 -13.17 8.29 8.67
N LYS A 51 -12.39 7.45 9.39
CA LYS A 51 -10.96 7.70 9.63
C LYS A 51 -10.15 7.50 8.34
N LYS A 52 -9.39 8.52 7.93
CA LYS A 52 -8.60 8.50 6.69
C LYS A 52 -7.13 8.23 7.01
N GLU A 53 -6.72 6.98 6.82
CA GLU A 53 -5.38 6.49 7.16
C GLU A 53 -4.58 6.23 5.87
N ASN A 54 -3.40 6.85 5.76
CA ASN A 54 -2.43 6.56 4.69
C ASN A 54 -1.67 5.26 5.01
N TYR A 55 -1.34 4.51 3.97
CA TYR A 55 -0.57 3.26 4.07
C TYR A 55 0.55 3.25 3.04
N THR A 56 1.43 2.27 3.16
CA THR A 56 2.55 2.05 2.25
C THR A 56 2.72 0.55 2.05
N VAL A 57 2.29 0.05 0.90
CA VAL A 57 2.51 -1.35 0.54
C VAL A 57 3.70 -1.40 -0.40
N GLU A 58 4.82 -1.86 0.15
CA GLU A 58 6.11 -1.96 -0.52
C GLU A 58 6.15 -3.25 -1.33
N VAL A 59 5.91 -3.12 -2.63
CA VAL A 59 5.84 -4.23 -3.58
C VAL A 59 7.16 -4.33 -4.35
N GLU A 60 7.53 -5.54 -4.78
CA GLU A 60 8.82 -5.81 -5.44
C GLU A 60 8.61 -6.90 -6.51
N ARG A 61 9.19 -6.70 -7.69
CA ARG A 61 8.96 -7.57 -8.86
C ARG A 61 9.80 -8.84 -8.79
N GLN A 62 9.13 -9.97 -9.06
CA GLN A 62 9.75 -11.31 -9.15
C GLN A 62 9.47 -11.85 -10.56
N GLY A 63 10.52 -11.92 -11.40
CA GLY A 63 10.36 -12.25 -12.80
C GLY A 63 9.64 -11.13 -13.55
N ASN A 64 8.37 -11.38 -13.89
CA ASN A 64 7.47 -10.35 -14.46
C ASN A 64 6.37 -9.98 -13.43
N THR A 65 6.04 -10.94 -12.55
CA THR A 65 4.97 -10.78 -11.54
C THR A 65 5.46 -9.91 -10.38
N TRP A 66 4.53 -9.55 -9.46
CA TRP A 66 4.83 -8.65 -8.33
C TRP A 66 4.43 -9.31 -7.00
N THR A 67 5.18 -9.02 -5.92
CA THR A 67 4.91 -9.57 -4.58
C THR A 67 5.07 -8.47 -3.51
N VAL A 68 4.24 -8.52 -2.48
CA VAL A 68 4.30 -7.57 -1.36
C VAL A 68 5.35 -8.05 -0.34
N LYS A 69 6.37 -7.21 -0.12
CA LYS A 69 7.44 -7.48 0.85
C LYS A 69 7.08 -6.95 2.25
N ARG A 70 6.30 -5.84 2.30
CA ARG A 70 5.92 -5.22 3.58
C ARG A 70 4.66 -4.35 3.42
N ILE A 71 3.74 -4.46 4.40
CA ILE A 71 2.60 -3.54 4.55
C ILE A 71 2.93 -2.58 5.71
N THR A 72 2.75 -1.28 5.47
CA THR A 72 3.05 -0.21 6.43
C THR A 72 1.82 0.69 6.58
N ARG A 73 1.65 1.29 7.76
CA ARG A 73 0.59 2.26 8.06
C ARG A 73 1.24 3.54 8.61
N THR A 74 0.67 4.72 8.29
CA THR A 74 1.16 6.01 8.83
C THR A 74 0.84 6.11 10.33
N VAL A 75 1.86 6.47 11.12
CA VAL A 75 1.70 6.76 12.55
C VAL A 75 1.68 8.30 12.73
N GLY A 76 0.47 8.84 12.94
CA GLY A 76 0.27 10.28 13.15
C GLY A 76 -0.53 10.57 14.41
N SER A 77 -0.40 9.67 15.39
CA SER A 77 -1.15 9.73 16.66
C SER A 77 -0.21 9.43 17.83
N LEU A 78 -0.52 10.02 19.00
CA LEU A 78 0.23 9.79 20.24
C LEU A 78 -0.08 8.38 20.78
N GLU A 79 0.87 7.47 20.60
CA GLU A 79 0.79 6.10 21.12
C GLU A 79 1.14 6.09 22.61
N HIS A 80 0.37 5.33 23.40
CA HIS A 80 0.66 5.13 24.83
C HIS A 80 1.74 4.05 24.99
N HIS A 81 2.71 4.29 25.89
CA HIS A 81 3.72 3.27 26.23
C HIS A 81 3.04 2.13 26.99
N HIS A 82 3.10 0.91 26.43
CA HIS A 82 2.54 -0.29 27.09
C HIS A 82 3.70 -1.11 27.70
N HIS A 83 3.40 -1.80 28.79
CA HIS A 83 4.37 -2.67 29.48
C HIS A 83 4.50 -3.98 28.68
N HIS A 84 5.74 -4.32 28.24
CA HIS A 84 6.00 -5.61 27.58
C HIS A 84 5.91 -6.76 28.61
N HIS A 85 6.22 -6.42 29.87
CA HIS A 85 6.00 -7.32 31.02
C HIS A 85 4.47 -7.52 31.22
N MET A 1 -0.86 -7.09 -20.84
CA MET A 1 -0.55 -6.22 -22.00
C MET A 1 0.89 -5.69 -21.89
N PRO A 2 1.79 -5.92 -22.92
CA PRO A 2 3.15 -5.35 -22.93
C PRO A 2 3.14 -3.80 -23.00
N SER A 3 3.17 -3.18 -21.80
CA SER A 3 3.16 -1.72 -21.63
C SER A 3 3.85 -1.35 -20.32
N GLU A 4 4.28 -0.08 -20.21
CA GLU A 4 4.83 0.47 -18.96
C GLU A 4 3.69 0.84 -18.00
N GLU A 5 2.50 1.18 -18.59
CA GLU A 5 1.25 1.43 -17.83
C GLU A 5 0.85 0.19 -17.04
N GLU A 6 1.13 -0.99 -17.64
CA GLU A 6 0.80 -2.29 -17.08
C GLU A 6 1.42 -2.48 -15.69
N GLU A 7 2.69 -2.05 -15.55
CA GLU A 7 3.43 -2.12 -14.28
C GLU A 7 2.63 -1.49 -13.15
N LYS A 8 2.17 -0.25 -13.39
CA LYS A 8 1.43 0.56 -12.41
C LYS A 8 0.07 -0.12 -12.10
N ARG A 9 -0.60 -0.62 -13.17
CA ARG A 9 -1.92 -1.30 -13.06
C ARG A 9 -1.83 -2.56 -12.17
N GLN A 10 -0.68 -3.25 -12.23
CA GLN A 10 -0.42 -4.46 -11.44
C GLN A 10 -0.13 -4.09 -9.98
N VAL A 11 0.87 -3.21 -9.77
CA VAL A 11 1.43 -2.89 -8.43
C VAL A 11 0.36 -2.25 -7.51
N LYS A 12 -0.39 -1.26 -8.06
CA LYS A 12 -1.46 -0.56 -7.32
C LYS A 12 -2.62 -1.51 -6.98
N GLN A 13 -2.88 -2.47 -7.89
CA GLN A 13 -3.96 -3.47 -7.71
C GLN A 13 -3.59 -4.46 -6.59
N VAL A 14 -2.33 -4.93 -6.59
CA VAL A 14 -1.80 -5.81 -5.52
C VAL A 14 -1.93 -5.09 -4.17
N ALA A 15 -1.43 -3.84 -4.16
CA ALA A 15 -1.34 -2.99 -2.97
C ALA A 15 -2.73 -2.75 -2.32
N LYS A 16 -3.73 -2.43 -3.17
CA LYS A 16 -5.10 -2.16 -2.70
C LYS A 16 -5.76 -3.46 -2.19
N GLU A 17 -5.45 -4.59 -2.88
CA GLU A 17 -5.99 -5.94 -2.52
C GLU A 17 -5.48 -6.38 -1.14
N LYS A 18 -4.24 -5.99 -0.80
CA LYS A 18 -3.64 -6.31 0.51
C LYS A 18 -4.33 -5.51 1.62
N LEU A 19 -4.71 -4.27 1.29
CA LEU A 19 -5.52 -3.41 2.16
C LEU A 19 -6.98 -3.90 2.24
N LEU A 20 -7.42 -4.64 1.22
CA LEU A 20 -8.76 -5.28 1.17
C LEU A 20 -8.75 -6.64 1.88
N GLU A 21 -7.56 -7.23 2.10
CA GLU A 21 -7.42 -8.42 2.98
C GLU A 21 -7.61 -7.97 4.44
N GLN A 22 -6.97 -6.84 4.76
CA GLN A 22 -6.97 -6.25 6.13
C GLN A 22 -8.29 -5.51 6.41
N SER A 23 -8.88 -4.91 5.35
CA SER A 23 -10.06 -4.04 5.47
C SER A 23 -10.86 -4.03 4.12
N PRO A 24 -11.71 -5.08 3.84
CA PRO A 24 -12.50 -5.16 2.58
C PRO A 24 -13.66 -4.15 2.52
N ASN A 25 -14.17 -3.75 3.70
CA ASN A 25 -15.32 -2.82 3.81
C ASN A 25 -14.88 -1.35 3.72
N SER A 26 -13.56 -1.11 3.76
CA SER A 26 -12.98 0.24 3.72
C SER A 26 -12.73 0.70 2.28
N LYS A 27 -12.90 2.02 2.04
CA LYS A 27 -12.72 2.63 0.72
C LYS A 27 -11.25 3.07 0.53
N VAL A 28 -10.54 2.34 -0.33
CA VAL A 28 -9.10 2.54 -0.58
C VAL A 28 -8.91 3.43 -1.82
N GLN A 29 -8.22 4.56 -1.64
CA GLN A 29 -7.89 5.51 -2.71
C GLN A 29 -6.43 5.30 -3.13
N VAL A 30 -6.11 5.54 -4.40
CA VAL A 30 -4.70 5.65 -4.84
C VAL A 30 -4.20 7.05 -4.45
N ARG A 31 -3.33 7.12 -3.41
CA ARG A 31 -2.81 8.40 -2.89
C ARG A 31 -1.63 8.89 -3.76
N ARG A 32 -0.55 8.07 -3.79
CA ARG A 32 0.69 8.33 -4.58
C ARG A 32 1.28 6.98 -5.05
N VAL A 33 2.29 7.04 -5.93
CA VAL A 33 3.06 5.86 -6.38
C VAL A 33 4.56 6.24 -6.39
N GLN A 34 5.36 5.60 -5.52
CA GLN A 34 6.81 5.87 -5.39
C GLN A 34 7.61 4.68 -5.98
N LYS A 35 8.28 4.90 -7.12
CA LYS A 35 9.02 3.86 -7.84
C LYS A 35 10.49 3.86 -7.35
N GLN A 36 10.90 2.83 -6.58
CA GLN A 36 12.25 2.72 -6.01
C GLN A 36 12.92 1.41 -6.50
N GLY A 37 13.50 1.47 -7.71
CA GLY A 37 14.21 0.35 -8.32
C GLY A 37 13.29 -0.80 -8.71
N ASN A 38 13.38 -1.91 -7.97
CA ASN A 38 12.53 -3.11 -8.19
C ASN A 38 11.29 -3.04 -7.27
N THR A 39 11.44 -2.34 -6.13
CA THR A 39 10.36 -2.18 -5.14
C THR A 39 9.58 -0.87 -5.41
N ILE A 40 8.44 -0.99 -6.10
CA ILE A 40 7.52 0.13 -6.31
C ILE A 40 6.55 0.20 -5.09
N ARG A 41 6.76 1.22 -4.26
CA ARG A 41 5.99 1.48 -3.05
C ARG A 41 4.78 2.37 -3.39
N VAL A 42 3.61 1.75 -3.61
CA VAL A 42 2.38 2.51 -3.84
C VAL A 42 1.82 2.96 -2.50
N GLU A 43 1.62 4.27 -2.38
CA GLU A 43 0.99 4.88 -1.21
C GLU A 43 -0.52 4.97 -1.49
N LEU A 44 -1.34 4.40 -0.59
CA LEU A 44 -2.80 4.40 -0.73
C LEU A 44 -3.44 4.92 0.55
N GLU A 45 -4.59 5.54 0.42
CA GLU A 45 -5.32 6.10 1.55
C GLU A 45 -6.57 5.26 1.84
N LEU A 46 -6.50 4.48 2.91
CA LEU A 46 -7.56 3.55 3.33
C LEU A 46 -8.46 4.31 4.32
N ARG A 47 -9.68 4.60 3.85
CA ARG A 47 -10.68 5.39 4.58
C ARG A 47 -11.74 4.44 5.18
N THR A 48 -11.92 4.55 6.50
CA THR A 48 -12.93 3.80 7.26
C THR A 48 -13.78 4.81 8.07
N ASN A 49 -14.90 4.38 8.66
CA ASN A 49 -15.74 5.26 9.50
C ASN A 49 -14.98 5.75 10.74
N GLY A 50 -14.50 7.01 10.66
CA GLY A 50 -13.74 7.64 11.76
C GLY A 50 -12.22 7.54 11.59
N LYS A 51 -11.76 6.74 10.60
CA LYS A 51 -10.33 6.58 10.29
C LYS A 51 -10.00 7.15 8.89
N LYS A 52 -8.84 7.79 8.78
CA LYS A 52 -8.23 8.17 7.51
C LYS A 52 -6.74 7.82 7.62
N GLU A 53 -6.38 6.66 7.07
CA GLU A 53 -5.03 6.07 7.21
C GLU A 53 -4.33 6.04 5.85
N ASN A 54 -3.03 6.31 5.85
CA ASN A 54 -2.19 6.22 4.64
C ASN A 54 -1.19 5.04 4.81
N TYR A 55 -1.32 4.01 3.93
CA TYR A 55 -0.45 2.83 3.89
C TYR A 55 0.47 2.88 2.67
N THR A 56 1.79 2.88 2.90
CA THR A 56 2.79 2.67 1.85
C THR A 56 3.05 1.16 1.71
N VAL A 57 2.46 0.54 0.68
CA VAL A 57 2.61 -0.89 0.41
C VAL A 57 3.79 -1.08 -0.56
N GLU A 58 4.89 -1.59 -0.01
CA GLU A 58 6.14 -1.86 -0.72
C GLU A 58 5.98 -3.17 -1.52
N VAL A 59 5.78 -3.04 -2.84
CA VAL A 59 5.58 -4.20 -3.76
C VAL A 59 6.82 -4.31 -4.68
N GLU A 60 7.39 -5.52 -4.80
CA GLU A 60 8.65 -5.75 -5.54
C GLU A 60 8.44 -6.75 -6.69
N ARG A 61 9.09 -6.49 -7.83
CA ARG A 61 9.05 -7.37 -9.01
C ARG A 61 9.93 -8.61 -8.78
N GLN A 62 9.29 -9.79 -8.76
CA GLN A 62 9.96 -11.11 -8.73
C GLN A 62 9.60 -11.88 -10.02
N GLY A 63 10.58 -11.99 -10.94
CA GLY A 63 10.34 -12.54 -12.28
C GLY A 63 9.36 -11.68 -13.06
N ASN A 64 8.18 -12.22 -13.40
CA ASN A 64 7.06 -11.46 -14.00
C ASN A 64 6.13 -10.92 -12.89
N THR A 65 6.02 -11.69 -11.79
CA THR A 65 5.01 -11.47 -10.74
C THR A 65 5.45 -10.38 -9.73
N TRP A 66 4.53 -10.00 -8.81
CA TRP A 66 4.73 -8.89 -7.84
C TRP A 66 4.41 -9.37 -6.40
N THR A 67 5.45 -9.47 -5.56
CA THR A 67 5.33 -9.86 -4.14
C THR A 67 5.19 -8.62 -3.24
N VAL A 68 4.67 -8.82 -2.02
CA VAL A 68 4.58 -7.76 -1.00
C VAL A 68 5.72 -7.92 0.01
N LYS A 69 6.54 -6.88 0.11
CA LYS A 69 7.68 -6.83 1.02
C LYS A 69 7.25 -6.41 2.43
N ARG A 70 6.52 -5.27 2.52
CA ARG A 70 5.98 -4.75 3.79
C ARG A 70 4.92 -3.67 3.51
N ILE A 71 3.87 -3.64 4.35
CA ILE A 71 2.86 -2.58 4.35
C ILE A 71 3.14 -1.65 5.54
N THR A 72 3.67 -0.46 5.26
CA THR A 72 4.04 0.52 6.28
C THR A 72 2.92 1.57 6.41
N ARG A 73 2.11 1.47 7.49
CA ARG A 73 1.06 2.47 7.78
C ARG A 73 1.66 3.62 8.57
N THR A 74 1.12 4.83 8.35
CA THR A 74 1.44 6.01 9.16
C THR A 74 1.03 5.79 10.63
N VAL A 75 1.91 6.19 11.58
CA VAL A 75 1.65 6.02 13.03
C VAL A 75 0.65 7.10 13.49
N GLY A 76 -0.62 6.70 13.65
CA GLY A 76 -1.68 7.62 14.07
C GLY A 76 -1.53 8.06 15.51
N SER A 77 -1.40 7.08 16.40
CA SER A 77 -1.23 7.29 17.85
C SER A 77 0.14 6.74 18.27
N LEU A 78 1.05 7.65 18.65
CA LEU A 78 2.40 7.28 19.10
C LEU A 78 2.34 6.76 20.54
N GLU A 79 2.43 5.43 20.68
CA GLU A 79 2.48 4.75 21.98
C GLU A 79 3.89 4.90 22.59
N HIS A 80 4.10 6.02 23.31
CA HIS A 80 5.40 6.37 23.90
C HIS A 80 5.19 6.92 25.33
N HIS A 81 6.12 6.57 26.24
CA HIS A 81 6.05 6.95 27.67
C HIS A 81 6.45 8.42 27.87
N HIS A 82 5.76 9.10 28.79
CA HIS A 82 6.01 10.53 29.08
C HIS A 82 7.12 10.68 30.14
N HIS A 83 7.91 11.75 30.02
CA HIS A 83 8.99 12.08 31.00
C HIS A 83 8.38 12.69 32.27
N HIS A 84 9.15 12.63 33.38
CA HIS A 84 8.80 13.30 34.65
C HIS A 84 9.26 14.76 34.57
N HIS A 85 10.59 14.96 34.55
CA HIS A 85 11.23 16.28 34.42
C HIS A 85 12.30 16.20 33.31
N MET A 1 5.09 -2.42 -26.99
CA MET A 1 5.00 -1.08 -26.36
C MET A 1 5.79 -1.08 -25.02
N PRO A 2 6.34 0.10 -24.57
CA PRO A 2 6.92 0.25 -23.21
C PRO A 2 5.89 -0.04 -22.11
N SER A 3 6.08 -1.14 -21.36
CA SER A 3 5.16 -1.57 -20.28
C SER A 3 5.55 -0.96 -18.93
N GLU A 4 6.12 0.26 -18.99
CA GLU A 4 6.69 0.96 -17.84
C GLU A 4 5.55 1.44 -16.91
N GLU A 5 4.52 2.05 -17.54
CA GLU A 5 3.31 2.52 -16.84
C GLU A 5 2.46 1.33 -16.36
N GLU A 6 2.48 0.23 -17.15
CA GLU A 6 1.69 -0.98 -16.90
C GLU A 6 1.99 -1.58 -15.51
N GLU A 7 3.28 -1.49 -15.11
CA GLU A 7 3.76 -1.92 -13.79
C GLU A 7 2.93 -1.27 -12.67
N LYS A 8 2.81 0.07 -12.75
CA LYS A 8 2.13 0.91 -11.73
C LYS A 8 0.65 0.51 -11.66
N ARG A 9 0.04 0.30 -12.86
CA ARG A 9 -1.37 -0.08 -13.02
C ARG A 9 -1.67 -1.41 -12.29
N GLN A 10 -0.73 -2.37 -12.46
CA GLN A 10 -0.78 -3.71 -11.81
C GLN A 10 -0.63 -3.58 -10.28
N VAL A 11 0.41 -2.82 -9.86
CA VAL A 11 0.85 -2.74 -8.46
C VAL A 11 -0.19 -2.03 -7.57
N LYS A 12 -0.89 -1.02 -8.13
CA LYS A 12 -1.97 -0.31 -7.40
C LYS A 12 -3.10 -1.28 -7.03
N GLN A 13 -3.35 -2.24 -7.94
CA GLN A 13 -4.34 -3.32 -7.71
C GLN A 13 -3.81 -4.31 -6.66
N VAL A 14 -2.55 -4.78 -6.83
CA VAL A 14 -1.91 -5.75 -5.90
C VAL A 14 -1.91 -5.20 -4.46
N ALA A 15 -1.65 -3.89 -4.35
CA ALA A 15 -1.54 -3.16 -3.08
C ALA A 15 -2.91 -3.02 -2.37
N LYS A 16 -3.93 -2.60 -3.16
CA LYS A 16 -5.28 -2.33 -2.61
C LYS A 16 -5.94 -3.64 -2.13
N GLU A 17 -5.65 -4.75 -2.84
CA GLU A 17 -6.18 -6.08 -2.50
C GLU A 17 -5.73 -6.51 -1.11
N LYS A 18 -4.44 -6.23 -0.78
CA LYS A 18 -3.85 -6.61 0.52
C LYS A 18 -4.49 -5.80 1.66
N LEU A 19 -4.81 -4.53 1.37
CA LEU A 19 -5.55 -3.66 2.31
C LEU A 19 -7.01 -4.11 2.48
N LEU A 20 -7.57 -4.71 1.42
CA LEU A 20 -8.93 -5.29 1.43
C LEU A 20 -8.92 -6.69 2.07
N GLU A 21 -7.73 -7.31 2.17
CA GLU A 21 -7.55 -8.59 2.89
C GLU A 21 -7.44 -8.30 4.40
N GLN A 22 -6.62 -7.30 4.76
CA GLN A 22 -6.43 -6.87 6.15
C GLN A 22 -7.67 -6.13 6.69
N SER A 23 -8.48 -5.55 5.77
CA SER A 23 -9.69 -4.80 6.14
C SER A 23 -10.67 -4.75 4.93
N PRO A 24 -11.50 -5.83 4.72
CA PRO A 24 -12.46 -5.93 3.57
C PRO A 24 -13.54 -4.83 3.52
N ASN A 25 -13.99 -4.38 4.70
CA ASN A 25 -15.09 -3.41 4.81
C ASN A 25 -14.64 -1.97 4.47
N SER A 26 -13.32 -1.74 4.50
CA SER A 26 -12.72 -0.42 4.26
C SER A 26 -12.72 -0.07 2.75
N LYS A 27 -12.83 1.24 2.46
CA LYS A 27 -12.72 1.79 1.10
C LYS A 27 -11.35 2.45 0.92
N VAL A 28 -10.57 1.88 0.00
CA VAL A 28 -9.19 2.29 -0.28
C VAL A 28 -9.17 3.19 -1.53
N GLN A 29 -8.32 4.22 -1.50
CA GLN A 29 -8.13 5.18 -2.61
C GLN A 29 -6.63 5.33 -2.85
N VAL A 30 -6.14 4.83 -3.99
CA VAL A 30 -4.71 4.96 -4.34
C VAL A 30 -4.32 6.45 -4.40
N ARG A 31 -3.44 6.86 -3.48
CA ARG A 31 -3.10 8.27 -3.25
C ARG A 31 -1.86 8.67 -4.10
N ARG A 32 -0.81 7.83 -4.08
CA ARG A 32 0.46 8.09 -4.78
C ARG A 32 1.20 6.76 -5.04
N VAL A 33 2.07 6.75 -6.08
CA VAL A 33 2.93 5.60 -6.44
C VAL A 33 4.41 6.07 -6.52
N GLN A 34 5.35 5.22 -6.05
CA GLN A 34 6.81 5.47 -6.09
C GLN A 34 7.51 4.25 -6.74
N LYS A 35 8.02 4.39 -7.97
CA LYS A 35 8.74 3.32 -8.67
C LYS A 35 10.25 3.47 -8.35
N GLN A 36 10.79 2.53 -7.57
CA GLN A 36 12.22 2.54 -7.17
C GLN A 36 12.90 1.22 -7.61
N GLY A 37 13.46 1.21 -8.84
CA GLY A 37 14.18 0.06 -9.37
C GLY A 37 13.24 -1.05 -9.82
N ASN A 38 12.80 -1.87 -8.86
CA ASN A 38 11.71 -2.87 -9.02
C ASN A 38 10.84 -2.94 -7.75
N THR A 39 11.17 -2.13 -6.74
CA THR A 39 10.39 -1.98 -5.51
C THR A 39 9.49 -0.74 -5.64
N ILE A 40 8.23 -0.97 -6.02
CA ILE A 40 7.23 0.08 -6.15
C ILE A 40 6.43 0.25 -4.84
N ARG A 41 6.70 1.36 -4.13
CA ARG A 41 5.98 1.76 -2.91
C ARG A 41 4.76 2.59 -3.30
N VAL A 42 3.57 2.00 -3.20
CA VAL A 42 2.30 2.71 -3.45
C VAL A 42 1.71 3.18 -2.12
N GLU A 43 1.55 4.50 -1.96
CA GLU A 43 0.80 5.07 -0.83
C GLU A 43 -0.70 5.05 -1.17
N LEU A 44 -1.50 4.30 -0.40
CA LEU A 44 -2.96 4.27 -0.57
C LEU A 44 -3.63 4.83 0.69
N GLU A 45 -4.82 5.36 0.51
CA GLU A 45 -5.55 6.10 1.55
C GLU A 45 -6.82 5.32 1.90
N LEU A 46 -6.79 4.65 3.05
CA LEU A 46 -7.84 3.73 3.51
C LEU A 46 -8.74 4.48 4.50
N ARG A 47 -9.99 4.75 4.09
CA ARG A 47 -10.96 5.53 4.88
C ARG A 47 -11.96 4.59 5.58
N THR A 48 -12.07 4.74 6.91
CA THR A 48 -12.95 3.94 7.77
C THR A 48 -13.42 4.82 8.96
N ASN A 49 -14.76 4.86 9.18
CA ASN A 49 -15.42 5.57 10.33
C ASN A 49 -15.18 7.09 10.30
N GLY A 50 -14.86 7.64 9.11
CA GLY A 50 -14.52 9.06 8.97
C GLY A 50 -13.02 9.32 9.09
N LYS A 51 -12.29 8.37 9.71
CA LYS A 51 -10.82 8.38 9.80
C LYS A 51 -10.21 7.94 8.45
N LYS A 52 -8.90 8.17 8.29
CA LYS A 52 -8.12 7.68 7.13
C LYS A 52 -6.70 7.32 7.59
N GLU A 53 -6.17 6.23 7.03
CA GLU A 53 -4.82 5.73 7.31
C GLU A 53 -4.11 5.54 5.98
N ASN A 54 -2.98 6.25 5.78
CA ASN A 54 -2.16 6.09 4.58
C ASN A 54 -1.23 4.88 4.78
N TYR A 55 -1.36 3.89 3.91
CA TYR A 55 -0.52 2.68 3.91
C TYR A 55 0.42 2.73 2.70
N THR A 56 1.72 2.77 2.98
CA THR A 56 2.76 2.59 1.99
C THR A 56 2.99 1.08 1.82
N VAL A 57 2.42 0.52 0.75
CA VAL A 57 2.52 -0.90 0.44
C VAL A 57 3.73 -1.09 -0.49
N GLU A 58 4.81 -1.61 0.10
CA GLU A 58 6.08 -1.87 -0.57
C GLU A 58 5.96 -3.16 -1.37
N VAL A 59 5.79 -3.02 -2.67
CA VAL A 59 5.67 -4.15 -3.63
C VAL A 59 6.99 -4.29 -4.40
N GLU A 60 7.41 -5.53 -4.71
CA GLU A 60 8.67 -5.79 -5.43
C GLU A 60 8.44 -6.86 -6.51
N ARG A 61 9.19 -6.76 -7.63
CA ARG A 61 9.14 -7.72 -8.74
C ARG A 61 9.92 -9.01 -8.37
N GLN A 62 9.20 -10.14 -8.32
CA GLN A 62 9.81 -11.49 -8.22
C GLN A 62 9.39 -12.28 -9.47
N GLY A 63 10.39 -12.83 -10.19
CA GLY A 63 10.17 -13.48 -11.48
C GLY A 63 9.71 -12.46 -12.53
N ASN A 64 8.41 -12.49 -12.85
CA ASN A 64 7.76 -11.53 -13.77
C ASN A 64 6.52 -10.91 -13.09
N THR A 65 6.18 -11.41 -11.88
CA THR A 65 4.98 -10.97 -11.12
C THR A 65 5.36 -10.00 -9.99
N TRP A 66 4.33 -9.45 -9.31
CA TRP A 66 4.47 -8.49 -8.20
C TRP A 66 4.02 -9.12 -6.87
N THR A 67 4.82 -8.93 -5.82
CA THR A 67 4.55 -9.41 -4.45
C THR A 67 4.69 -8.24 -3.47
N VAL A 68 3.96 -8.28 -2.35
CA VAL A 68 4.09 -7.27 -1.29
C VAL A 68 5.11 -7.74 -0.25
N LYS A 69 6.18 -6.94 -0.10
CA LYS A 69 7.21 -7.12 0.92
C LYS A 69 6.64 -6.80 2.31
N ARG A 70 6.12 -5.58 2.47
CA ARG A 70 5.50 -5.13 3.73
C ARG A 70 4.60 -3.93 3.47
N ILE A 71 3.43 -3.92 4.13
CA ILE A 71 2.56 -2.76 4.20
C ILE A 71 2.97 -1.93 5.44
N THR A 72 3.64 -0.81 5.19
CA THR A 72 4.03 0.14 6.23
C THR A 72 3.00 1.28 6.29
N ARG A 73 2.16 1.27 7.33
CA ARG A 73 1.23 2.36 7.63
C ARG A 73 2.03 3.58 8.14
N THR A 74 1.52 4.79 7.87
CA THR A 74 2.11 6.03 8.40
C THR A 74 1.90 6.10 9.92
N VAL A 75 2.80 6.81 10.61
CA VAL A 75 2.74 6.99 12.06
C VAL A 75 2.23 8.41 12.38
N GLY A 76 1.48 8.54 13.49
CA GLY A 76 1.00 9.82 13.98
C GLY A 76 0.89 9.77 15.49
N SER A 77 1.29 10.87 16.17
CA SER A 77 1.33 10.94 17.64
C SER A 77 -0.11 11.00 18.20
N LEU A 78 -0.48 9.97 18.96
CA LEU A 78 -1.78 9.87 19.65
C LEU A 78 -1.51 10.11 21.15
N GLU A 79 -0.79 11.21 21.42
CA GLU A 79 -0.41 11.61 22.78
C GLU A 79 -1.66 11.96 23.59
N HIS A 80 -1.57 11.82 24.91
CA HIS A 80 -2.66 12.16 25.83
C HIS A 80 -2.14 13.20 26.81
N HIS A 81 -2.84 14.32 26.91
CA HIS A 81 -2.52 15.38 27.87
C HIS A 81 -3.37 15.13 29.14
N HIS A 82 -2.68 14.91 30.27
CA HIS A 82 -3.35 14.66 31.55
C HIS A 82 -3.31 15.93 32.41
N HIS A 83 -4.50 16.38 32.87
CA HIS A 83 -4.65 17.59 33.70
C HIS A 83 -4.51 17.26 35.21
N HIS A 84 -4.21 15.98 35.52
CA HIS A 84 -3.92 15.52 36.88
C HIS A 84 -2.41 15.32 37.05
N HIS A 85 -1.78 16.12 37.92
CA HIS A 85 -0.36 15.95 38.28
C HIS A 85 -0.18 14.60 39.04
N MET A 1 1.14 -6.17 -22.60
CA MET A 1 2.53 -6.72 -22.62
C MET A 1 3.39 -5.98 -21.58
N PRO A 2 4.47 -6.65 -21.00
CA PRO A 2 5.38 -6.04 -19.99
C PRO A 2 5.84 -4.60 -20.34
N SER A 3 5.33 -3.65 -19.55
CA SER A 3 5.60 -2.21 -19.68
C SER A 3 5.37 -1.58 -18.31
N GLU A 4 6.29 -0.69 -17.85
CA GLU A 4 6.27 -0.17 -16.47
C GLU A 4 4.97 0.59 -16.14
N GLU A 5 4.36 1.20 -17.18
CA GLU A 5 3.05 1.86 -17.08
C GLU A 5 1.94 0.83 -16.76
N GLU A 6 1.98 -0.30 -17.49
CA GLU A 6 1.05 -1.44 -17.33
C GLU A 6 1.25 -2.12 -15.96
N GLU A 7 2.49 -2.00 -15.43
CA GLU A 7 2.84 -2.55 -14.14
C GLU A 7 2.05 -1.87 -13.02
N LYS A 8 1.83 -0.52 -13.08
CA LYS A 8 1.01 0.19 -12.05
C LYS A 8 -0.44 -0.38 -12.01
N ARG A 9 -0.96 -0.75 -13.19
CA ARG A 9 -2.30 -1.38 -13.33
C ARG A 9 -2.36 -2.70 -12.53
N GLN A 10 -1.19 -3.38 -12.45
CA GLN A 10 -1.03 -4.59 -11.63
C GLN A 10 -0.76 -4.26 -10.14
N VAL A 11 0.17 -3.32 -9.88
CA VAL A 11 0.77 -3.11 -8.53
C VAL A 11 -0.22 -2.44 -7.56
N LYS A 12 -0.92 -1.38 -8.03
CA LYS A 12 -1.90 -0.66 -7.20
C LYS A 12 -3.13 -1.55 -6.96
N GLN A 13 -3.37 -2.50 -7.90
CA GLN A 13 -4.43 -3.50 -7.81
C GLN A 13 -4.11 -4.55 -6.72
N VAL A 14 -2.86 -5.03 -6.71
CA VAL A 14 -2.36 -5.93 -5.66
C VAL A 14 -2.44 -5.22 -4.30
N ALA A 15 -1.93 -3.98 -4.29
CA ALA A 15 -1.80 -3.16 -3.08
C ALA A 15 -3.16 -2.85 -2.42
N LYS A 16 -4.19 -2.58 -3.26
CA LYS A 16 -5.53 -2.26 -2.76
C LYS A 16 -6.18 -3.51 -2.15
N GLU A 17 -5.95 -4.69 -2.78
CA GLU A 17 -6.47 -5.97 -2.28
C GLU A 17 -5.78 -6.35 -0.96
N LYS A 18 -4.48 -6.01 -0.83
CA LYS A 18 -3.71 -6.23 0.40
C LYS A 18 -4.28 -5.41 1.56
N LEU A 19 -4.82 -4.22 1.23
CA LEU A 19 -5.51 -3.35 2.18
C LEU A 19 -6.92 -3.86 2.49
N LEU A 20 -7.60 -4.41 1.48
CA LEU A 20 -8.97 -4.96 1.62
C LEU A 20 -8.97 -6.30 2.38
N GLU A 21 -7.78 -6.93 2.50
CA GLU A 21 -7.56 -8.07 3.41
C GLU A 21 -7.79 -7.64 4.88
N GLN A 22 -7.33 -6.42 5.18
CA GLN A 22 -7.36 -5.84 6.52
C GLN A 22 -8.71 -5.17 6.81
N SER A 23 -9.34 -4.60 5.77
CA SER A 23 -10.62 -3.87 5.90
C SER A 23 -11.38 -3.92 4.55
N PRO A 24 -12.23 -5.01 4.33
CA PRO A 24 -12.96 -5.22 3.05
C PRO A 24 -13.97 -4.12 2.69
N ASN A 25 -14.77 -3.68 3.68
CA ASN A 25 -15.90 -2.74 3.48
C ASN A 25 -15.43 -1.28 3.44
N SER A 26 -14.14 -1.04 3.65
CA SER A 26 -13.54 0.32 3.59
C SER A 26 -13.20 0.71 2.14
N LYS A 27 -13.09 2.03 1.91
CA LYS A 27 -12.72 2.59 0.61
C LYS A 27 -11.20 2.80 0.53
N VAL A 28 -10.59 2.37 -0.60
CA VAL A 28 -9.15 2.53 -0.86
C VAL A 28 -8.95 3.44 -2.11
N GLN A 29 -8.36 4.64 -1.88
CA GLN A 29 -7.94 5.57 -2.94
C GLN A 29 -6.40 5.60 -2.99
N VAL A 30 -5.80 5.28 -4.15
CA VAL A 30 -4.34 5.37 -4.30
C VAL A 30 -3.91 6.85 -4.21
N ARG A 31 -3.11 7.17 -3.19
CA ARG A 31 -2.70 8.55 -2.89
C ARG A 31 -1.48 8.95 -3.75
N ARG A 32 -0.45 8.10 -3.73
CA ARG A 32 0.83 8.31 -4.44
C ARG A 32 1.40 6.96 -4.91
N VAL A 33 2.25 6.97 -5.95
CA VAL A 33 2.96 5.78 -6.47
C VAL A 33 4.45 6.13 -6.67
N GLN A 34 5.36 5.46 -5.93
CA GLN A 34 6.81 5.70 -6.03
C GLN A 34 7.52 4.47 -6.63
N LYS A 35 8.32 4.70 -7.66
CA LYS A 35 9.07 3.66 -8.37
C LYS A 35 10.58 3.78 -8.02
N GLN A 36 11.09 2.82 -7.25
CA GLN A 36 12.49 2.81 -6.79
C GLN A 36 13.13 1.43 -7.04
N GLY A 37 13.96 1.34 -8.10
CA GLY A 37 14.63 0.09 -8.50
C GLY A 37 13.65 -0.94 -9.05
N ASN A 38 13.30 -1.93 -8.23
CA ASN A 38 12.26 -2.94 -8.56
C ASN A 38 11.06 -2.75 -7.63
N THR A 39 11.30 -2.14 -6.46
CA THR A 39 10.29 -1.95 -5.42
C THR A 39 9.47 -0.68 -5.69
N ILE A 40 8.23 -0.86 -6.14
CA ILE A 40 7.24 0.21 -6.23
C ILE A 40 6.53 0.36 -4.87
N ARG A 41 6.84 1.46 -4.14
CA ARG A 41 6.18 1.79 -2.87
C ARG A 41 4.93 2.62 -3.19
N VAL A 42 3.78 1.94 -3.24
CA VAL A 42 2.49 2.59 -3.51
C VAL A 42 1.88 3.05 -2.18
N GLU A 43 1.67 4.35 -2.04
CA GLU A 43 0.97 4.94 -0.89
C GLU A 43 -0.52 5.02 -1.22
N LEU A 44 -1.38 4.37 -0.42
CA LEU A 44 -2.83 4.37 -0.63
C LEU A 44 -3.54 4.92 0.62
N GLU A 45 -4.84 5.16 0.48
CA GLU A 45 -5.68 5.75 1.52
C GLU A 45 -6.82 4.76 1.85
N LEU A 46 -6.72 4.10 3.00
CA LEU A 46 -7.79 3.23 3.54
C LEU A 46 -8.39 3.98 4.71
N ARG A 47 -9.73 4.02 4.78
CA ARG A 47 -10.43 4.82 5.79
C ARG A 47 -10.89 3.90 6.94
N THR A 48 -10.06 3.87 8.01
CA THR A 48 -10.25 3.00 9.17
C THR A 48 -11.10 3.75 10.21
N ASN A 49 -12.32 3.20 10.48
CA ASN A 49 -13.30 3.79 11.43
C ASN A 49 -13.82 5.16 10.92
N GLY A 50 -13.61 5.42 9.61
CA GLY A 50 -13.95 6.71 8.98
C GLY A 50 -12.76 7.65 8.89
N LYS A 51 -11.69 7.37 9.66
CA LYS A 51 -10.46 8.17 9.66
C LYS A 51 -9.57 7.81 8.47
N LYS A 52 -8.86 8.80 7.92
CA LYS A 52 -7.89 8.59 6.84
C LYS A 52 -6.57 8.04 7.42
N GLU A 53 -6.31 6.76 7.15
CA GLU A 53 -5.04 6.10 7.46
C GLU A 53 -4.34 5.77 6.13
N ASN A 54 -3.14 6.34 5.92
CA ASN A 54 -2.34 6.07 4.71
C ASN A 54 -1.44 4.85 4.94
N TYR A 55 -1.43 3.92 3.97
CA TYR A 55 -0.60 2.69 4.03
C TYR A 55 0.29 2.63 2.79
N THR A 56 1.62 2.62 3.01
CA THR A 56 2.60 2.42 1.95
C THR A 56 2.82 0.90 1.77
N VAL A 57 2.20 0.33 0.73
CA VAL A 57 2.35 -1.09 0.38
C VAL A 57 3.50 -1.21 -0.62
N GLU A 58 4.63 -1.70 -0.11
CA GLU A 58 5.86 -1.90 -0.87
C GLU A 58 5.78 -3.21 -1.65
N VAL A 59 5.58 -3.11 -2.97
CA VAL A 59 5.50 -4.27 -3.88
C VAL A 59 6.72 -4.25 -4.82
N GLU A 60 7.39 -5.40 -5.03
CA GLU A 60 8.65 -5.48 -5.81
C GLU A 60 8.50 -6.46 -6.99
N ARG A 61 9.13 -6.10 -8.13
CA ARG A 61 9.20 -6.95 -9.33
C ARG A 61 10.29 -8.01 -9.15
N GLN A 62 9.89 -9.27 -9.10
CA GLN A 62 10.80 -10.44 -9.08
C GLN A 62 10.47 -11.31 -10.30
N GLY A 63 11.31 -11.22 -11.35
CA GLY A 63 11.02 -11.86 -12.63
C GLY A 63 9.91 -11.12 -13.35
N ASN A 64 8.68 -11.65 -13.26
CA ASN A 64 7.45 -10.97 -13.71
C ASN A 64 6.45 -10.85 -12.54
N THR A 65 6.64 -11.67 -11.49
CA THR A 65 5.71 -11.73 -10.35
C THR A 65 5.91 -10.53 -9.40
N TRP A 66 4.78 -9.95 -8.94
CA TRP A 66 4.76 -8.83 -7.98
C TRP A 66 4.56 -9.37 -6.56
N THR A 67 5.61 -9.24 -5.72
CA THR A 67 5.62 -9.73 -4.34
C THR A 67 5.47 -8.55 -3.35
N VAL A 68 4.68 -8.72 -2.29
CA VAL A 68 4.52 -7.67 -1.26
C VAL A 68 5.56 -7.85 -0.13
N LYS A 69 6.44 -6.85 0.00
CA LYS A 69 7.46 -6.77 1.06
C LYS A 69 6.82 -6.47 2.42
N ARG A 70 6.08 -5.35 2.48
CA ARG A 70 5.52 -4.83 3.74
C ARG A 70 4.41 -3.83 3.44
N ILE A 71 3.27 -3.98 4.14
CA ILE A 71 2.25 -2.94 4.23
C ILE A 71 2.60 -2.09 5.46
N THR A 72 3.13 -0.91 5.25
CA THR A 72 3.58 -0.02 6.31
C THR A 72 2.53 1.07 6.54
N ARG A 73 1.81 0.98 7.67
CA ARG A 73 0.91 2.05 8.11
C ARG A 73 1.74 3.27 8.48
N THR A 74 1.25 4.47 8.09
CA THR A 74 1.86 5.76 8.46
C THR A 74 1.89 5.93 9.98
N VAL A 75 2.81 6.78 10.47
CA VAL A 75 2.91 7.09 11.90
C VAL A 75 1.60 7.73 12.37
N GLY A 76 0.74 6.92 12.98
CA GLY A 76 -0.55 7.35 13.48
C GLY A 76 -0.50 7.67 14.96
N SER A 77 -1.52 7.28 15.70
CA SER A 77 -1.58 7.44 17.15
C SER A 77 -2.51 6.36 17.73
N LEU A 78 -2.40 6.11 19.04
CA LEU A 78 -3.32 5.23 19.75
C LEU A 78 -4.77 5.73 19.58
N GLU A 79 -5.70 4.82 19.33
CA GLU A 79 -7.10 5.17 19.05
C GLU A 79 -7.84 5.50 20.36
N HIS A 80 -8.82 6.41 20.30
CA HIS A 80 -9.69 6.75 21.45
C HIS A 80 -10.49 5.48 21.82
N HIS A 81 -10.08 4.84 22.93
CA HIS A 81 -10.54 3.48 23.28
C HIS A 81 -12.07 3.44 23.49
N HIS A 82 -12.74 2.63 22.65
CA HIS A 82 -14.17 2.32 22.79
C HIS A 82 -14.39 1.26 23.90
N HIS A 83 -13.26 0.67 24.36
CA HIS A 83 -13.19 -0.19 25.56
C HIS A 83 -13.69 0.58 26.77
N HIS A 84 -14.88 0.21 27.27
CA HIS A 84 -15.54 0.88 28.38
C HIS A 84 -16.06 -0.15 29.39
N HIS A 85 -15.33 -0.28 30.51
CA HIS A 85 -15.69 -1.17 31.64
C HIS A 85 -15.03 -0.59 32.93
N MET A 1 3.05 -2.52 -25.11
CA MET A 1 3.06 -1.38 -24.16
C MET A 1 4.36 -1.41 -23.33
N PRO A 2 4.93 -0.22 -22.96
CA PRO A 2 6.04 -0.16 -21.98
C PRO A 2 5.63 -0.83 -20.65
N SER A 3 6.38 -1.86 -20.23
CA SER A 3 6.14 -2.58 -18.98
C SER A 3 6.25 -1.62 -17.77
N GLU A 4 7.00 -0.51 -17.95
CA GLU A 4 7.12 0.60 -16.98
C GLU A 4 5.72 1.12 -16.53
N GLU A 5 4.83 1.34 -17.51
CA GLU A 5 3.45 1.79 -17.26
C GLU A 5 2.60 0.62 -16.73
N GLU A 6 2.84 -0.56 -17.32
CA GLU A 6 2.09 -1.78 -17.02
C GLU A 6 2.34 -2.26 -15.56
N GLU A 7 3.49 -1.82 -14.99
CA GLU A 7 3.85 -2.06 -13.58
C GLU A 7 2.69 -1.65 -12.68
N LYS A 8 2.41 -0.34 -12.64
CA LYS A 8 1.49 0.26 -11.67
C LYS A 8 0.05 -0.22 -11.89
N ARG A 9 -0.29 -0.58 -13.15
CA ARG A 9 -1.62 -1.14 -13.50
C ARG A 9 -1.87 -2.44 -12.72
N GLN A 10 -0.81 -3.25 -12.59
CA GLN A 10 -0.83 -4.48 -11.77
C GLN A 10 -0.67 -4.12 -10.27
N VAL A 11 0.36 -3.32 -9.94
CA VAL A 11 0.85 -3.14 -8.55
C VAL A 11 -0.19 -2.45 -7.65
N LYS A 12 -0.84 -1.37 -8.14
CA LYS A 12 -1.85 -0.63 -7.34
C LYS A 12 -3.08 -1.50 -7.07
N GLN A 13 -3.37 -2.39 -8.04
CA GLN A 13 -4.48 -3.34 -7.96
C GLN A 13 -4.18 -4.44 -6.91
N VAL A 14 -2.95 -4.95 -6.92
CA VAL A 14 -2.48 -5.94 -5.92
C VAL A 14 -2.45 -5.29 -4.52
N ALA A 15 -2.01 -4.02 -4.49
CA ALA A 15 -1.81 -3.25 -3.25
C ALA A 15 -3.16 -2.95 -2.56
N LYS A 16 -4.18 -2.54 -3.36
CA LYS A 16 -5.52 -2.23 -2.84
C LYS A 16 -6.20 -3.50 -2.33
N GLU A 17 -5.93 -4.64 -3.00
CA GLU A 17 -6.47 -5.96 -2.60
C GLU A 17 -6.00 -6.33 -1.20
N LYS A 18 -4.69 -6.16 -0.95
CA LYS A 18 -4.08 -6.52 0.36
C LYS A 18 -4.59 -5.60 1.49
N LEU A 19 -4.93 -4.35 1.12
CA LEU A 19 -5.56 -3.38 2.04
C LEU A 19 -7.02 -3.78 2.37
N LEU A 20 -7.71 -4.34 1.37
CA LEU A 20 -9.08 -4.85 1.53
C LEU A 20 -9.07 -6.21 2.26
N GLU A 21 -7.93 -6.92 2.22
CA GLU A 21 -7.70 -8.15 3.02
C GLU A 21 -7.59 -7.80 4.51
N GLN A 22 -6.96 -6.66 4.80
CA GLN A 22 -6.82 -6.13 6.17
C GLN A 22 -8.16 -5.51 6.66
N SER A 23 -8.82 -4.76 5.77
CA SER A 23 -10.04 -4.02 6.11
C SER A 23 -10.97 -3.92 4.87
N PRO A 24 -12.00 -4.83 4.77
CA PRO A 24 -13.04 -4.75 3.71
C PRO A 24 -14.18 -3.77 4.09
N ASN A 25 -14.08 -3.18 5.30
CA ASN A 25 -15.03 -2.20 5.85
C ASN A 25 -14.73 -0.78 5.35
N SER A 26 -13.65 -0.63 4.57
CA SER A 26 -13.09 0.67 4.22
C SER A 26 -12.89 0.81 2.70
N LYS A 27 -13.15 2.02 2.19
CA LYS A 27 -12.82 2.40 0.82
C LYS A 27 -11.32 2.71 0.71
N VAL A 28 -10.69 2.21 -0.36
CA VAL A 28 -9.27 2.44 -0.67
C VAL A 28 -9.17 3.31 -1.94
N GLN A 29 -8.30 4.34 -1.92
CA GLN A 29 -8.03 5.22 -3.09
C GLN A 29 -6.52 5.31 -3.33
N VAL A 30 -6.09 5.49 -4.59
CA VAL A 30 -4.66 5.67 -4.92
C VAL A 30 -4.21 7.10 -4.57
N ARG A 31 -3.37 7.21 -3.53
CA ARG A 31 -2.83 8.51 -3.05
C ARG A 31 -1.64 8.93 -3.92
N ARG A 32 -0.61 8.09 -3.94
CA ARG A 32 0.66 8.32 -4.63
C ARG A 32 1.23 6.98 -5.09
N VAL A 33 2.25 7.02 -5.97
CA VAL A 33 3.02 5.82 -6.37
C VAL A 33 4.52 6.18 -6.36
N GLN A 34 5.35 5.26 -5.87
CA GLN A 34 6.81 5.43 -5.82
C GLN A 34 7.49 4.26 -6.54
N LYS A 35 8.06 4.48 -7.73
CA LYS A 35 8.80 3.43 -8.47
C LYS A 35 10.29 3.60 -8.15
N GLN A 36 10.89 2.62 -7.46
CA GLN A 36 12.32 2.60 -7.17
C GLN A 36 12.88 1.22 -7.51
N GLY A 37 13.50 1.13 -8.70
CA GLY A 37 14.11 -0.11 -9.19
C GLY A 37 13.09 -1.22 -9.39
N ASN A 38 13.07 -2.17 -8.45
CA ASN A 38 12.07 -3.25 -8.42
C ASN A 38 10.93 -2.88 -7.48
N THR A 39 11.29 -2.26 -6.33
CA THR A 39 10.35 -1.99 -5.25
C THR A 39 9.52 -0.74 -5.54
N ILE A 40 8.32 -0.95 -6.08
CA ILE A 40 7.31 0.10 -6.20
C ILE A 40 6.48 0.16 -4.90
N ARG A 41 6.70 1.22 -4.12
CA ARG A 41 5.92 1.49 -2.91
C ARG A 41 4.70 2.32 -3.32
N VAL A 42 3.55 1.66 -3.54
CA VAL A 42 2.31 2.37 -3.86
C VAL A 42 1.66 2.86 -2.58
N GLU A 43 1.47 4.17 -2.49
CA GLU A 43 0.78 4.83 -1.38
C GLU A 43 -0.72 4.89 -1.68
N LEU A 44 -1.54 4.25 -0.86
CA LEU A 44 -3.02 4.30 -0.99
C LEU A 44 -3.61 4.82 0.32
N GLU A 45 -4.87 5.24 0.28
CA GLU A 45 -5.53 5.96 1.38
C GLU A 45 -6.82 5.22 1.76
N LEU A 46 -6.81 4.64 2.96
CA LEU A 46 -7.85 3.73 3.50
C LEU A 46 -8.43 4.35 4.78
N ARG A 47 -9.76 4.30 4.95
CA ARG A 47 -10.41 4.89 6.14
C ARG A 47 -10.76 3.78 7.15
N THR A 48 -9.89 3.60 8.16
CA THR A 48 -10.07 2.58 9.20
C THR A 48 -11.03 3.10 10.30
N ASN A 49 -12.28 2.59 10.28
CA ASN A 49 -13.34 2.91 11.26
C ASN A 49 -13.66 4.43 11.27
N GLY A 50 -13.58 5.06 10.07
CA GLY A 50 -13.84 6.49 9.91
C GLY A 50 -12.58 7.34 9.93
N LYS A 51 -11.45 6.77 10.42
CA LYS A 51 -10.15 7.48 10.44
C LYS A 51 -9.45 7.27 9.10
N LYS A 52 -9.14 8.38 8.39
CA LYS A 52 -8.53 8.33 7.05
C LYS A 52 -7.01 8.25 7.20
N GLU A 53 -6.48 7.03 7.10
CA GLU A 53 -5.06 6.73 7.31
C GLU A 53 -4.38 6.39 5.97
N ASN A 54 -3.21 6.97 5.74
CA ASN A 54 -2.41 6.76 4.53
C ASN A 54 -1.48 5.55 4.69
N TYR A 55 -1.65 4.56 3.81
CA TYR A 55 -0.82 3.34 3.78
C TYR A 55 0.17 3.42 2.61
N THR A 56 1.25 2.65 2.71
CA THR A 56 2.24 2.49 1.65
C THR A 56 2.56 0.99 1.53
N VAL A 57 1.99 0.34 0.51
CA VAL A 57 2.18 -1.09 0.28
C VAL A 57 3.41 -1.25 -0.63
N GLU A 58 4.52 -1.67 -0.02
CA GLU A 58 5.80 -1.89 -0.70
C GLU A 58 5.74 -3.20 -1.49
N VAL A 59 5.73 -3.10 -2.83
CA VAL A 59 5.64 -4.26 -3.73
C VAL A 59 6.85 -4.27 -4.68
N GLU A 60 7.62 -5.36 -4.67
CA GLU A 60 8.87 -5.52 -5.45
C GLU A 60 8.64 -6.45 -6.66
N ARG A 61 9.34 -6.16 -7.78
CA ARG A 61 9.36 -7.08 -8.95
C ARG A 61 10.28 -8.26 -8.65
N GLN A 62 9.71 -9.47 -8.72
CA GLN A 62 10.49 -10.72 -8.72
C GLN A 62 10.23 -11.45 -10.04
N GLY A 63 11.21 -11.34 -10.97
CA GLY A 63 11.09 -11.96 -12.29
C GLY A 63 10.05 -11.27 -13.16
N ASN A 64 8.90 -11.93 -13.34
CA ASN A 64 7.77 -11.39 -14.11
C ASN A 64 6.61 -11.03 -13.16
N THR A 65 6.62 -11.61 -11.96
CA THR A 65 5.56 -11.41 -10.96
C THR A 65 5.92 -10.28 -9.99
N TRP A 66 4.96 -9.95 -9.12
CA TRP A 66 5.10 -8.93 -8.07
C TRP A 66 4.97 -9.61 -6.69
N THR A 67 5.63 -9.04 -5.67
CA THR A 67 5.60 -9.58 -4.31
C THR A 67 5.38 -8.43 -3.31
N VAL A 68 4.33 -8.53 -2.49
CA VAL A 68 4.07 -7.55 -1.43
C VAL A 68 5.06 -7.79 -0.29
N LYS A 69 6.08 -6.92 -0.22
CA LYS A 69 7.13 -6.97 0.80
C LYS A 69 6.53 -6.72 2.20
N ARG A 70 5.79 -5.62 2.32
CA ARG A 70 5.10 -5.23 3.57
C ARG A 70 4.04 -4.18 3.27
N ILE A 71 3.01 -4.15 4.11
CA ILE A 71 2.01 -3.07 4.11
C ILE A 71 2.33 -2.13 5.27
N THR A 72 2.78 -0.93 4.93
CA THR A 72 3.09 0.11 5.90
C THR A 72 1.84 0.98 6.11
N ARG A 73 1.60 1.44 7.34
CA ARG A 73 0.59 2.46 7.65
C ARG A 73 1.33 3.66 8.24
N THR A 74 0.84 4.88 7.94
CA THR A 74 1.40 6.12 8.50
C THR A 74 1.31 6.08 10.05
N VAL A 75 2.32 6.67 10.73
CA VAL A 75 2.35 6.70 12.19
C VAL A 75 1.12 7.47 12.70
N GLY A 76 0.12 6.70 13.12
CA GLY A 76 -1.11 7.20 13.70
C GLY A 76 -1.55 6.34 14.86
N SER A 77 -0.67 5.40 15.24
CA SER A 77 -0.88 4.49 16.37
C SER A 77 -0.83 5.28 17.70
N LEU A 78 -1.99 5.87 18.05
CA LEU A 78 -2.14 6.65 19.29
C LEU A 78 -2.16 5.72 20.52
N GLU A 79 -1.75 6.27 21.67
CA GLU A 79 -1.63 5.50 22.91
C GLU A 79 -3.01 5.05 23.42
N HIS A 80 -3.05 3.82 23.92
CA HIS A 80 -4.23 3.22 24.56
C HIS A 80 -3.80 2.46 25.81
N HIS A 81 -4.67 2.45 26.82
CA HIS A 81 -4.38 1.84 28.14
C HIS A 81 -4.38 0.31 28.08
N HIS A 82 -3.57 -0.30 28.96
CA HIS A 82 -3.55 -1.75 29.19
C HIS A 82 -4.89 -2.16 29.82
N HIS A 83 -5.78 -2.71 28.98
CA HIS A 83 -7.10 -3.23 29.41
C HIS A 83 -6.91 -4.33 30.48
N HIS A 84 -7.84 -4.36 31.46
CA HIS A 84 -7.74 -5.18 32.68
C HIS A 84 -6.56 -4.68 33.53
N HIS A 85 -6.84 -3.70 34.40
CA HIS A 85 -5.82 -2.98 35.19
C HIS A 85 -6.35 -2.70 36.61
N MET A 1 2.55 -5.67 -26.54
CA MET A 1 3.23 -4.44 -26.09
C MET A 1 3.14 -4.34 -24.55
N PRO A 2 4.14 -4.88 -23.80
CA PRO A 2 4.17 -4.82 -22.31
C PRO A 2 4.69 -3.46 -21.80
N SER A 3 3.77 -2.47 -21.76
CA SER A 3 4.09 -1.13 -21.23
C SER A 3 4.37 -1.22 -19.73
N GLU A 4 5.41 -0.50 -19.29
CA GLU A 4 5.82 -0.46 -17.88
C GLU A 4 4.76 0.29 -17.03
N GLU A 5 3.91 1.11 -17.69
CA GLU A 5 2.77 1.81 -17.06
C GLU A 5 1.69 0.78 -16.61
N GLU A 6 1.51 -0.29 -17.41
CA GLU A 6 0.58 -1.40 -17.12
C GLU A 6 0.95 -2.06 -15.79
N GLU A 7 2.26 -2.11 -15.51
CA GLU A 7 2.80 -2.68 -14.27
C GLU A 7 2.33 -1.91 -13.03
N LYS A 8 2.31 -0.56 -13.14
CA LYS A 8 1.86 0.33 -12.04
C LYS A 8 0.39 0.06 -11.69
N ARG A 9 -0.43 -0.13 -12.74
CA ARG A 9 -1.86 -0.49 -12.62
C ARG A 9 -2.02 -1.83 -11.85
N GLN A 10 -1.18 -2.80 -12.22
CA GLN A 10 -1.14 -4.14 -11.61
C GLN A 10 -0.77 -4.07 -10.12
N VAL A 11 0.26 -3.26 -9.82
CA VAL A 11 0.81 -3.12 -8.46
C VAL A 11 -0.20 -2.45 -7.51
N LYS A 12 -0.86 -1.39 -8.00
CA LYS A 12 -1.92 -0.68 -7.23
C LYS A 12 -3.08 -1.63 -6.92
N GLN A 13 -3.38 -2.50 -7.90
CA GLN A 13 -4.46 -3.50 -7.79
C GLN A 13 -4.10 -4.54 -6.70
N VAL A 14 -2.88 -5.08 -6.75
CA VAL A 14 -2.36 -6.03 -5.74
C VAL A 14 -2.39 -5.36 -4.34
N ALA A 15 -1.92 -4.11 -4.30
CA ALA A 15 -1.77 -3.33 -3.06
C ALA A 15 -3.12 -3.04 -2.39
N LYS A 16 -4.13 -2.69 -3.20
CA LYS A 16 -5.46 -2.31 -2.69
C LYS A 16 -6.23 -3.54 -2.21
N GLU A 17 -6.04 -4.70 -2.89
CA GLU A 17 -6.65 -5.97 -2.49
C GLU A 17 -6.08 -6.44 -1.14
N LYS A 18 -4.78 -6.19 -0.94
CA LYS A 18 -4.09 -6.50 0.32
C LYS A 18 -4.67 -5.67 1.49
N LEU A 19 -5.03 -4.40 1.18
CA LEU A 19 -5.67 -3.50 2.15
C LEU A 19 -7.13 -3.91 2.42
N LEU A 20 -7.78 -4.49 1.40
CA LEU A 20 -9.16 -5.01 1.49
C LEU A 20 -9.20 -6.34 2.27
N GLU A 21 -8.04 -7.02 2.36
CA GLU A 21 -7.85 -8.20 3.23
C GLU A 21 -7.70 -7.78 4.71
N GLN A 22 -7.31 -6.52 4.92
CA GLN A 22 -7.20 -5.92 6.27
C GLN A 22 -8.55 -5.29 6.69
N SER A 23 -9.24 -4.67 5.71
CA SER A 23 -10.51 -3.95 5.91
C SER A 23 -11.26 -3.88 4.56
N PRO A 24 -12.32 -4.73 4.34
CA PRO A 24 -13.06 -4.77 3.05
C PRO A 24 -14.05 -3.61 2.89
N ASN A 25 -14.54 -3.10 4.04
CA ASN A 25 -15.60 -2.07 4.09
C ASN A 25 -15.06 -0.69 3.69
N SER A 26 -13.75 -0.48 3.93
CA SER A 26 -13.09 0.81 3.71
C SER A 26 -12.75 1.02 2.22
N LYS A 27 -13.14 2.19 1.69
CA LYS A 27 -12.82 2.60 0.31
C LYS A 27 -11.34 3.00 0.22
N VAL A 28 -10.61 2.33 -0.69
CA VAL A 28 -9.17 2.53 -0.88
C VAL A 28 -8.92 3.46 -2.07
N GLN A 29 -8.39 4.65 -1.79
CA GLN A 29 -7.99 5.63 -2.82
C GLN A 29 -6.49 5.45 -3.12
N VAL A 30 -6.07 5.78 -4.34
CA VAL A 30 -4.64 5.84 -4.70
C VAL A 30 -4.08 7.24 -4.37
N ARG A 31 -3.29 7.31 -3.28
CA ARG A 31 -2.71 8.58 -2.79
C ARG A 31 -1.51 9.00 -3.67
N ARG A 32 -0.66 8.03 -4.02
CA ARG A 32 0.55 8.23 -4.85
C ARG A 32 1.13 6.86 -5.24
N VAL A 33 1.87 6.83 -6.37
CA VAL A 33 2.65 5.65 -6.80
C VAL A 33 4.14 6.03 -6.81
N GLN A 34 4.94 5.38 -5.97
CA GLN A 34 6.41 5.56 -5.95
C GLN A 34 7.08 4.34 -6.62
N LYS A 35 8.20 4.56 -7.33
CA LYS A 35 8.92 3.50 -8.05
C LYS A 35 10.42 3.70 -7.78
N GLN A 36 11.03 2.70 -7.12
CA GLN A 36 12.44 2.75 -6.70
C GLN A 36 13.13 1.43 -7.10
N GLY A 37 13.81 1.44 -8.26
CA GLY A 37 14.48 0.25 -8.80
C GLY A 37 13.49 -0.82 -9.26
N ASN A 38 13.15 -1.76 -8.35
CA ASN A 38 12.13 -2.80 -8.59
C ASN A 38 10.93 -2.61 -7.64
N THR A 39 11.17 -1.96 -6.48
CA THR A 39 10.15 -1.77 -5.45
C THR A 39 9.23 -0.58 -5.78
N ILE A 40 8.02 -0.87 -6.24
CA ILE A 40 6.97 0.14 -6.37
C ILE A 40 6.21 0.23 -5.03
N ARG A 41 6.44 1.34 -4.30
CA ARG A 41 5.75 1.63 -3.04
C ARG A 41 4.52 2.47 -3.34
N VAL A 42 3.36 1.82 -3.44
CA VAL A 42 2.10 2.51 -3.66
C VAL A 42 1.61 3.06 -2.31
N GLU A 43 1.45 4.38 -2.25
CA GLU A 43 0.80 5.06 -1.13
C GLU A 43 -0.71 5.03 -1.39
N LEU A 44 -1.46 4.34 -0.53
CA LEU A 44 -2.93 4.27 -0.66
C LEU A 44 -3.58 4.88 0.56
N GLU A 45 -4.70 5.57 0.34
CA GLU A 45 -5.43 6.30 1.38
C GLU A 45 -6.73 5.54 1.71
N LEU A 46 -6.71 4.87 2.87
CA LEU A 46 -7.82 4.01 3.33
C LEU A 46 -8.39 4.59 4.63
N ARG A 47 -9.72 4.65 4.74
CA ARG A 47 -10.41 5.21 5.91
C ARG A 47 -10.93 4.07 6.80
N THR A 48 -10.17 3.72 7.86
CA THR A 48 -10.53 2.66 8.80
C THR A 48 -11.61 3.16 9.77
N ASN A 49 -12.88 2.83 9.43
CA ASN A 49 -14.08 3.24 10.21
C ASN A 49 -14.20 4.79 10.28
N GLY A 50 -13.66 5.46 9.25
CA GLY A 50 -13.67 6.93 9.15
C GLY A 50 -12.36 7.58 9.57
N LYS A 51 -11.42 6.79 10.13
CA LYS A 51 -10.08 7.28 10.47
C LYS A 51 -9.18 7.21 9.23
N LYS A 52 -8.59 8.35 8.84
CA LYS A 52 -7.79 8.47 7.61
C LYS A 52 -6.37 7.94 7.86
N GLU A 53 -6.07 6.79 7.24
CA GLU A 53 -4.78 6.09 7.39
C GLU A 53 -4.19 5.79 6.01
N ASN A 54 -3.01 6.35 5.74
CA ASN A 54 -2.23 6.01 4.53
C ASN A 54 -1.47 4.69 4.79
N TYR A 55 -1.29 3.89 3.73
CA TYR A 55 -0.57 2.60 3.80
C TYR A 55 0.47 2.56 2.68
N THR A 56 1.74 2.42 3.07
CA THR A 56 2.84 2.16 2.14
C THR A 56 2.91 0.66 1.89
N VAL A 57 2.38 0.21 0.75
CA VAL A 57 2.48 -1.18 0.33
C VAL A 57 3.64 -1.30 -0.65
N GLU A 58 4.75 -1.81 -0.13
CA GLU A 58 5.99 -2.01 -0.87
C GLU A 58 5.86 -3.30 -1.68
N VAL A 59 5.59 -3.16 -2.98
CA VAL A 59 5.49 -4.30 -3.90
C VAL A 59 6.71 -4.27 -4.83
N GLU A 60 7.62 -5.22 -4.64
CA GLU A 60 8.90 -5.29 -5.38
C GLU A 60 8.80 -6.36 -6.48
N ARG A 61 9.48 -6.09 -7.59
CA ARG A 61 9.51 -6.99 -8.75
C ARG A 61 10.52 -8.13 -8.53
N GLN A 62 9.98 -9.35 -8.38
CA GLN A 62 10.77 -10.57 -8.27
C GLN A 62 10.66 -11.35 -9.59
N GLY A 63 11.63 -11.12 -10.49
CA GLY A 63 11.64 -11.73 -11.81
C GLY A 63 10.52 -11.21 -12.70
N ASN A 64 9.44 -11.99 -12.81
CA ASN A 64 8.25 -11.68 -13.61
C ASN A 64 7.08 -11.26 -12.71
N THR A 65 7.09 -11.75 -11.46
CA THR A 65 5.98 -11.57 -10.50
C THR A 65 6.21 -10.34 -9.59
N TRP A 66 5.12 -9.85 -8.99
CA TRP A 66 5.11 -8.73 -8.03
C TRP A 66 4.85 -9.26 -6.60
N THR A 67 5.88 -9.22 -5.75
CA THR A 67 5.82 -9.71 -4.36
C THR A 67 5.72 -8.52 -3.36
N VAL A 68 4.73 -8.57 -2.46
CA VAL A 68 4.55 -7.56 -1.41
C VAL A 68 5.56 -7.81 -0.28
N LYS A 69 6.55 -6.92 -0.16
CA LYS A 69 7.58 -6.98 0.89
C LYS A 69 6.96 -6.69 2.27
N ARG A 70 6.19 -5.58 2.35
CA ARG A 70 5.50 -5.20 3.58
C ARG A 70 4.45 -4.10 3.32
N ILE A 71 3.33 -4.20 4.03
CA ILE A 71 2.31 -3.15 4.16
C ILE A 71 2.57 -2.41 5.49
N THR A 72 3.10 -1.19 5.42
CA THR A 72 3.38 -0.36 6.59
C THR A 72 2.29 0.71 6.73
N ARG A 73 1.56 0.71 7.87
CA ARG A 73 0.53 1.71 8.15
C ARG A 73 1.21 3.04 8.58
N THR A 74 0.57 4.18 8.25
CA THR A 74 1.12 5.53 8.42
C THR A 74 1.58 5.80 9.87
N VAL A 75 2.77 6.44 10.00
CA VAL A 75 3.33 6.84 11.29
C VAL A 75 2.48 7.98 11.88
N GLY A 76 1.67 7.61 12.87
CA GLY A 76 0.67 8.50 13.46
C GLY A 76 -0.33 7.67 14.24
N SER A 77 -0.66 6.49 13.69
CA SER A 77 -1.48 5.46 14.36
C SER A 77 -0.57 4.53 15.20
N LEU A 78 -1.18 3.57 15.91
CA LEU A 78 -0.46 2.65 16.80
C LEU A 78 -1.00 1.23 16.57
N GLU A 79 -0.13 0.32 16.10
CA GLU A 79 -0.44 -1.10 15.99
C GLU A 79 -0.28 -1.73 17.39
N HIS A 80 -1.41 -1.89 18.11
CA HIS A 80 -1.40 -2.30 19.54
C HIS A 80 -0.84 -3.72 19.72
N HIS A 81 -0.29 -3.98 20.93
CA HIS A 81 0.36 -5.25 21.27
C HIS A 81 -0.65 -6.40 21.38
N HIS A 82 -0.17 -7.61 21.14
CA HIS A 82 -0.98 -8.83 21.10
C HIS A 82 -0.91 -9.53 22.47
N HIS A 83 -2.06 -9.68 23.14
CA HIS A 83 -2.15 -10.44 24.39
C HIS A 83 -1.96 -11.93 24.09
N HIS A 84 -0.78 -12.49 24.46
CA HIS A 84 -0.43 -13.89 24.16
C HIS A 84 -1.35 -14.85 24.93
N HIS A 85 -2.01 -15.77 24.19
CA HIS A 85 -2.83 -16.85 24.77
C HIS A 85 -1.91 -17.95 25.35
N MET A 1 9.17 -5.65 -18.18
CA MET A 1 8.08 -6.01 -19.12
C MET A 1 7.99 -4.98 -20.27
N PRO A 2 7.61 -5.41 -21.53
CA PRO A 2 7.40 -4.48 -22.67
C PRO A 2 6.37 -3.38 -22.37
N SER A 3 5.31 -3.75 -21.66
CA SER A 3 4.26 -2.83 -21.22
C SER A 3 4.71 -2.12 -19.93
N GLU A 4 5.11 -0.85 -20.08
CA GLU A 4 5.67 -0.04 -18.99
C GLU A 4 4.57 0.50 -18.06
N GLU A 5 3.40 0.84 -18.65
CA GLU A 5 2.23 1.34 -17.87
C GLU A 5 1.67 0.22 -16.97
N GLU A 6 1.72 -1.01 -17.51
CA GLU A 6 1.22 -2.24 -16.87
C GLU A 6 1.75 -2.40 -15.45
N GLU A 7 3.06 -2.11 -15.27
CA GLU A 7 3.78 -2.29 -13.99
C GLU A 7 3.12 -1.50 -12.85
N LYS A 8 2.72 -0.25 -13.15
CA LYS A 8 2.08 0.66 -12.16
C LYS A 8 0.69 0.12 -11.82
N ARG A 9 -0.06 -0.21 -12.89
CA ARG A 9 -1.45 -0.70 -12.83
C ARG A 9 -1.56 -2.02 -12.01
N GLN A 10 -0.52 -2.86 -12.10
CA GLN A 10 -0.43 -4.13 -11.35
C GLN A 10 -0.21 -3.88 -9.86
N VAL A 11 0.82 -3.09 -9.53
CA VAL A 11 1.26 -2.87 -8.13
C VAL A 11 0.18 -2.17 -7.30
N LYS A 12 -0.44 -1.12 -7.89
CA LYS A 12 -1.49 -0.33 -7.23
C LYS A 12 -2.74 -1.19 -7.00
N GLN A 13 -3.00 -2.13 -7.93
CA GLN A 13 -4.11 -3.09 -7.83
C GLN A 13 -3.85 -4.04 -6.65
N VAL A 14 -2.72 -4.78 -6.69
CA VAL A 14 -2.32 -5.77 -5.65
C VAL A 14 -2.34 -5.15 -4.25
N ALA A 15 -1.78 -3.93 -4.16
CA ALA A 15 -1.69 -3.15 -2.91
C ALA A 15 -3.08 -2.83 -2.33
N LYS A 16 -3.99 -2.46 -3.24
CA LYS A 16 -5.40 -2.19 -2.93
C LYS A 16 -6.12 -3.47 -2.46
N GLU A 17 -5.86 -4.60 -3.17
CA GLU A 17 -6.50 -5.90 -2.89
C GLU A 17 -6.17 -6.38 -1.47
N LYS A 18 -4.89 -6.19 -1.09
CA LYS A 18 -4.37 -6.56 0.24
C LYS A 18 -5.05 -5.73 1.35
N LEU A 19 -5.22 -4.41 1.09
CA LEU A 19 -5.90 -3.49 2.04
C LEU A 19 -7.42 -3.78 2.13
N LEU A 20 -8.01 -4.33 1.04
CA LEU A 20 -9.42 -4.76 1.01
C LEU A 20 -9.59 -6.08 1.81
N GLU A 21 -8.56 -6.94 1.78
CA GLU A 21 -8.53 -8.21 2.54
C GLU A 21 -8.39 -7.95 4.05
N GLN A 22 -7.59 -6.92 4.40
CA GLN A 22 -7.35 -6.51 5.80
C GLN A 22 -8.56 -5.73 6.37
N SER A 23 -9.22 -4.93 5.51
CA SER A 23 -10.38 -4.12 5.89
C SER A 23 -11.34 -3.98 4.68
N PRO A 24 -12.37 -4.88 4.55
CA PRO A 24 -13.42 -4.76 3.51
C PRO A 24 -14.47 -3.67 3.83
N ASN A 25 -14.33 -3.05 5.02
CA ASN A 25 -15.14 -1.89 5.44
C ASN A 25 -14.54 -0.60 4.88
N SER A 26 -13.26 -0.66 4.48
CA SER A 26 -12.49 0.51 4.05
C SER A 26 -12.67 0.80 2.55
N LYS A 27 -12.75 2.11 2.25
CA LYS A 27 -12.61 2.63 0.89
C LYS A 27 -11.11 2.92 0.68
N VAL A 28 -10.47 2.10 -0.16
CA VAL A 28 -9.03 2.17 -0.43
C VAL A 28 -8.79 2.95 -1.74
N GLN A 29 -8.17 4.12 -1.63
CA GLN A 29 -7.91 5.01 -2.77
C GLN A 29 -6.39 5.20 -2.94
N VAL A 30 -5.86 4.89 -4.14
CA VAL A 30 -4.46 5.15 -4.47
C VAL A 30 -4.17 6.66 -4.41
N ARG A 31 -3.45 7.07 -3.37
CA ARG A 31 -3.15 8.48 -3.08
C ARG A 31 -1.87 8.97 -3.80
N ARG A 32 -0.87 8.07 -3.92
CA ARG A 32 0.43 8.40 -4.53
C ARG A 32 1.25 7.10 -4.73
N VAL A 33 2.33 7.16 -5.55
CA VAL A 33 3.21 6.00 -5.85
C VAL A 33 4.67 6.48 -5.92
N GLN A 34 5.56 5.87 -5.10
CA GLN A 34 7.03 6.07 -5.21
C GLN A 34 7.66 4.86 -5.94
N LYS A 35 8.13 5.07 -7.17
CA LYS A 35 8.77 4.02 -7.99
C LYS A 35 10.30 4.18 -7.87
N GLN A 36 10.97 3.25 -7.15
CA GLN A 36 12.45 3.22 -7.01
C GLN A 36 13.00 1.82 -7.40
N GLY A 37 13.51 1.73 -8.65
CA GLY A 37 14.15 0.52 -9.17
C GLY A 37 13.17 -0.64 -9.31
N ASN A 38 13.46 -1.75 -8.62
CA ASN A 38 12.62 -2.96 -8.63
C ASN A 38 11.38 -2.76 -7.72
N THR A 39 11.56 -2.02 -6.61
CA THR A 39 10.50 -1.83 -5.61
C THR A 39 9.63 -0.62 -5.98
N ILE A 40 8.33 -0.85 -6.05
CA ILE A 40 7.32 0.18 -6.26
C ILE A 40 6.45 0.26 -4.99
N ARG A 41 6.64 1.35 -4.23
CA ARG A 41 5.82 1.68 -3.06
C ARG A 41 4.56 2.40 -3.54
N VAL A 42 3.39 1.98 -3.06
CA VAL A 42 2.11 2.65 -3.36
C VAL A 42 1.50 3.14 -2.05
N GLU A 43 1.37 4.46 -1.94
CA GLU A 43 0.67 5.11 -0.85
C GLU A 43 -0.83 5.11 -1.19
N LEU A 44 -1.61 4.23 -0.55
CA LEU A 44 -3.09 4.23 -0.69
C LEU A 44 -3.69 4.70 0.63
N GLU A 45 -4.97 5.03 0.65
CA GLU A 45 -5.61 5.62 1.83
C GLU A 45 -6.79 4.75 2.28
N LEU A 46 -6.75 4.36 3.56
CA LEU A 46 -7.73 3.50 4.21
C LEU A 46 -8.75 4.39 4.94
N ARG A 47 -10.02 4.36 4.48
CA ARG A 47 -11.12 5.18 5.03
C ARG A 47 -12.25 4.29 5.57
N THR A 48 -12.38 4.17 6.90
CA THR A 48 -13.48 3.41 7.56
C THR A 48 -13.67 3.88 9.01
N ASN A 49 -14.95 4.08 9.44
CA ASN A 49 -15.32 4.48 10.82
C ASN A 49 -14.72 5.85 11.24
N GLY A 50 -14.38 6.70 10.24
CA GLY A 50 -13.74 8.01 10.48
C GLY A 50 -12.21 7.92 10.60
N LYS A 51 -11.67 6.71 10.41
CA LYS A 51 -10.23 6.46 10.37
C LYS A 51 -9.71 6.73 8.95
N LYS A 52 -8.69 7.57 8.84
CA LYS A 52 -8.09 7.97 7.56
C LYS A 52 -6.56 7.91 7.72
N GLU A 53 -5.95 6.82 7.24
CA GLU A 53 -4.49 6.58 7.34
C GLU A 53 -3.98 6.00 6.01
N ASN A 54 -2.88 6.58 5.50
CA ASN A 54 -2.23 6.13 4.26
C ASN A 54 -1.27 4.97 4.55
N TYR A 55 -1.44 3.86 3.81
CA TYR A 55 -0.56 2.68 3.89
C TYR A 55 0.32 2.63 2.64
N THR A 56 1.63 2.68 2.88
CA THR A 56 2.66 2.47 1.87
C THR A 56 2.95 0.97 1.74
N VAL A 57 2.39 0.37 0.69
CA VAL A 57 2.57 -1.05 0.40
C VAL A 57 3.75 -1.20 -0.57
N GLU A 58 4.88 -1.67 -0.04
CA GLU A 58 6.10 -1.93 -0.81
C GLU A 58 5.93 -3.25 -1.57
N VAL A 59 5.87 -3.18 -2.91
CA VAL A 59 5.75 -4.36 -3.78
C VAL A 59 6.89 -4.32 -4.82
N GLU A 60 7.79 -5.30 -4.74
CA GLU A 60 8.99 -5.39 -5.59
C GLU A 60 8.76 -6.39 -6.73
N ARG A 61 9.40 -6.12 -7.90
CA ARG A 61 9.35 -7.02 -9.06
C ARG A 61 10.36 -8.15 -8.86
N GLN A 62 9.85 -9.38 -8.72
CA GLN A 62 10.66 -10.60 -8.57
C GLN A 62 10.33 -11.55 -9.74
N GLY A 63 11.04 -11.35 -10.87
CA GLY A 63 10.78 -12.11 -12.10
C GLY A 63 9.43 -11.72 -12.72
N ASN A 64 8.65 -12.73 -13.09
CA ASN A 64 7.30 -12.54 -13.69
C ASN A 64 6.23 -12.25 -12.62
N THR A 65 6.61 -12.25 -11.32
CA THR A 65 5.68 -12.08 -10.19
C THR A 65 5.97 -10.76 -9.44
N TRP A 66 4.92 -10.18 -8.84
CA TRP A 66 5.03 -9.06 -7.89
C TRP A 66 4.96 -9.61 -6.46
N THR A 67 6.03 -9.40 -5.68
CA THR A 67 6.10 -9.85 -4.27
C THR A 67 5.88 -8.64 -3.32
N VAL A 68 4.84 -8.73 -2.46
CA VAL A 68 4.56 -7.69 -1.46
C VAL A 68 5.58 -7.84 -0.31
N LYS A 69 6.53 -6.90 -0.25
CA LYS A 69 7.58 -6.89 0.77
C LYS A 69 6.97 -6.68 2.17
N ARG A 70 6.24 -5.55 2.32
CA ARG A 70 5.55 -5.21 3.58
C ARG A 70 4.56 -4.05 3.36
N ILE A 71 3.36 -4.21 3.96
CA ILE A 71 2.33 -3.16 4.02
C ILE A 71 2.62 -2.31 5.27
N THR A 72 3.13 -1.10 5.06
CA THR A 72 3.57 -0.21 6.12
C THR A 72 2.57 0.95 6.26
N ARG A 73 1.89 1.03 7.42
CA ARG A 73 1.03 2.17 7.77
C ARG A 73 1.90 3.42 8.01
N THR A 74 1.34 4.61 7.72
CA THR A 74 1.90 5.91 8.14
C THR A 74 2.01 5.98 9.68
N VAL A 75 2.95 6.80 10.19
CA VAL A 75 3.07 7.03 11.63
C VAL A 75 1.80 7.77 12.14
N GLY A 76 0.89 6.98 12.74
CA GLY A 76 -0.39 7.46 13.28
C GLY A 76 -0.70 6.87 14.63
N SER A 77 -0.06 5.72 14.96
CA SER A 77 -0.20 5.07 16.27
C SER A 77 0.49 5.93 17.34
N LEU A 78 -0.23 6.21 18.44
CA LEU A 78 0.27 7.02 19.56
C LEU A 78 1.52 6.37 20.20
N GLU A 79 1.51 5.02 20.29
CA GLU A 79 2.56 4.25 20.97
C GLU A 79 3.84 4.11 20.12
N HIS A 80 3.87 4.79 18.93
CA HIS A 80 5.01 4.77 17.99
C HIS A 80 6.35 4.96 18.74
N HIS A 81 7.10 3.86 18.82
CA HIS A 81 8.40 3.81 19.49
C HIS A 81 9.41 4.70 18.73
N HIS A 82 10.29 5.40 19.46
CA HIS A 82 11.23 6.37 18.88
C HIS A 82 12.20 5.68 17.91
N HIS A 83 11.82 5.74 16.63
CA HIS A 83 12.49 5.06 15.52
C HIS A 83 11.95 5.64 14.21
N HIS A 84 12.84 6.14 13.36
CA HIS A 84 12.51 6.67 12.03
C HIS A 84 12.65 5.56 11.00
N HIS A 85 11.76 5.57 10.00
CA HIS A 85 11.83 4.67 8.84
C HIS A 85 12.96 5.15 7.89
N MET A 1 6.41 -4.48 -23.02
CA MET A 1 5.28 -3.74 -22.41
C MET A 1 5.52 -2.21 -22.61
N PRO A 2 4.98 -1.61 -23.73
CA PRO A 2 5.20 -0.16 -24.09
C PRO A 2 4.75 0.80 -22.97
N SER A 3 3.53 0.57 -22.45
CA SER A 3 3.00 1.32 -21.32
C SER A 3 3.51 0.68 -20.02
N GLU A 4 4.52 1.29 -19.39
CA GLU A 4 5.04 0.83 -18.08
C GLU A 4 4.04 1.15 -16.93
N GLU A 5 3.12 2.11 -17.22
CA GLU A 5 1.91 2.38 -16.38
C GLU A 5 1.05 1.13 -16.15
N GLU A 6 1.12 0.17 -17.10
CA GLU A 6 0.44 -1.14 -16.96
C GLU A 6 0.90 -1.87 -15.68
N GLU A 7 2.21 -1.73 -15.35
CA GLU A 7 2.79 -2.32 -14.13
C GLU A 7 2.18 -1.69 -12.88
N LYS A 8 1.98 -0.36 -12.92
CA LYS A 8 1.37 0.40 -11.82
C LYS A 8 -0.08 -0.09 -11.60
N ARG A 9 -0.80 -0.30 -12.71
CA ARG A 9 -2.20 -0.80 -12.71
C ARG A 9 -2.29 -2.16 -11.97
N GLN A 10 -1.32 -3.04 -12.27
CA GLN A 10 -1.24 -4.37 -11.68
C GLN A 10 -0.86 -4.30 -10.19
N VAL A 11 0.14 -3.46 -9.86
CA VAL A 11 0.72 -3.36 -8.51
C VAL A 11 -0.23 -2.69 -7.51
N LYS A 12 -0.89 -1.59 -7.94
CA LYS A 12 -1.90 -0.88 -7.13
C LYS A 12 -3.07 -1.81 -6.82
N GLN A 13 -3.42 -2.67 -7.80
CA GLN A 13 -4.48 -3.69 -7.63
C GLN A 13 -4.09 -4.69 -6.55
N VAL A 14 -2.89 -5.28 -6.68
CA VAL A 14 -2.35 -6.24 -5.69
C VAL A 14 -2.34 -5.61 -4.27
N ALA A 15 -1.89 -4.35 -4.22
CA ALA A 15 -1.73 -3.57 -2.97
C ALA A 15 -3.08 -3.30 -2.27
N LYS A 16 -4.06 -2.82 -3.07
CA LYS A 16 -5.37 -2.42 -2.56
C LYS A 16 -6.15 -3.63 -2.05
N GLU A 17 -6.00 -4.78 -2.74
CA GLU A 17 -6.66 -6.03 -2.37
C GLU A 17 -6.22 -6.50 -0.98
N LYS A 18 -4.92 -6.36 -0.67
CA LYS A 18 -4.36 -6.75 0.63
C LYS A 18 -4.96 -5.88 1.77
N LEU A 19 -5.11 -4.57 1.47
CA LEU A 19 -5.71 -3.57 2.40
C LEU A 19 -7.24 -3.76 2.55
N LEU A 20 -7.90 -4.27 1.50
CA LEU A 20 -9.34 -4.61 1.52
C LEU A 20 -9.58 -5.87 2.35
N GLU A 21 -8.62 -6.81 2.31
CA GLU A 21 -8.61 -8.03 3.14
C GLU A 21 -8.44 -7.68 4.63
N GLN A 22 -7.70 -6.58 4.90
CA GLN A 22 -7.51 -6.05 6.26
C GLN A 22 -8.75 -5.27 6.75
N SER A 23 -9.35 -4.48 5.86
CA SER A 23 -10.49 -3.62 6.21
C SER A 23 -11.49 -3.53 5.01
N PRO A 24 -12.47 -4.50 4.93
CA PRO A 24 -13.49 -4.53 3.85
C PRO A 24 -14.59 -3.46 4.01
N ASN A 25 -14.69 -2.89 5.22
CA ASN A 25 -15.60 -1.78 5.52
C ASN A 25 -15.00 -0.43 5.07
N SER A 26 -13.68 -0.43 4.77
CA SER A 26 -12.98 0.76 4.24
C SER A 26 -12.86 0.69 2.72
N LYS A 27 -13.10 1.82 2.06
CA LYS A 27 -12.75 2.01 0.66
C LYS A 27 -11.29 2.44 0.58
N VAL A 28 -10.45 1.61 -0.06
CA VAL A 28 -9.01 1.90 -0.22
C VAL A 28 -8.74 2.47 -1.62
N GLN A 29 -8.35 3.75 -1.65
CA GLN A 29 -7.94 4.45 -2.89
C GLN A 29 -6.40 4.44 -2.97
N VAL A 30 -5.82 4.99 -4.05
CA VAL A 30 -4.35 5.17 -4.17
C VAL A 30 -3.99 6.66 -3.98
N ARG A 31 -3.08 6.94 -3.03
CA ARG A 31 -2.61 8.31 -2.75
C ARG A 31 -1.50 8.68 -3.75
N ARG A 32 -0.41 7.88 -3.74
CA ARG A 32 0.74 8.02 -4.66
C ARG A 32 1.30 6.64 -4.99
N VAL A 33 2.16 6.59 -6.02
CA VAL A 33 2.89 5.38 -6.46
C VAL A 33 4.37 5.77 -6.59
N GLN A 34 5.24 5.25 -5.72
CA GLN A 34 6.67 5.59 -5.74
C GLN A 34 7.49 4.41 -6.28
N LYS A 35 8.05 4.55 -7.49
CA LYS A 35 9.02 3.59 -8.02
C LYS A 35 10.39 3.86 -7.37
N GLN A 36 11.08 2.78 -6.98
CA GLN A 36 12.37 2.86 -6.30
C GLN A 36 13.25 1.70 -6.79
N GLY A 37 13.90 1.91 -7.95
CA GLY A 37 14.75 0.90 -8.58
C GLY A 37 13.94 -0.23 -9.21
N ASN A 38 13.48 -1.18 -8.36
CA ASN A 38 12.59 -2.29 -8.75
C ASN A 38 11.40 -2.42 -7.78
N THR A 39 11.51 -1.83 -6.57
CA THR A 39 10.42 -1.83 -5.57
C THR A 39 9.46 -0.67 -5.85
N ILE A 40 8.20 -0.99 -6.17
CA ILE A 40 7.14 0.03 -6.23
C ILE A 40 6.46 0.14 -4.85
N ARG A 41 6.76 1.21 -4.15
CA ARG A 41 6.15 1.54 -2.85
C ARG A 41 4.88 2.36 -3.11
N VAL A 42 3.73 1.69 -3.17
CA VAL A 42 2.44 2.34 -3.44
C VAL A 42 1.86 2.85 -2.12
N GLU A 43 1.75 4.17 -1.98
CA GLU A 43 1.07 4.79 -0.85
C GLU A 43 -0.43 4.83 -1.16
N LEU A 44 -1.23 4.03 -0.46
CA LEU A 44 -2.69 4.00 -0.63
C LEU A 44 -3.38 4.72 0.52
N GLU A 45 -4.69 4.96 0.38
CA GLU A 45 -5.50 5.73 1.33
C GLU A 45 -6.65 4.84 1.84
N LEU A 46 -6.53 4.36 3.10
CA LEU A 46 -7.50 3.46 3.74
C LEU A 46 -8.39 4.30 4.69
N ARG A 47 -9.68 4.48 4.34
CA ARG A 47 -10.60 5.35 5.09
C ARG A 47 -11.56 4.51 5.96
N THR A 48 -11.26 4.41 7.27
CA THR A 48 -12.11 3.72 8.25
C THR A 48 -13.14 4.69 8.87
N ASN A 49 -14.38 4.63 8.35
CA ASN A 49 -15.54 5.41 8.86
C ASN A 49 -15.28 6.94 8.82
N GLY A 50 -14.58 7.38 7.76
CA GLY A 50 -14.24 8.79 7.55
C GLY A 50 -12.82 9.13 7.99
N LYS A 51 -12.19 8.26 8.81
CA LYS A 51 -10.79 8.44 9.24
C LYS A 51 -9.81 7.95 8.16
N LYS A 52 -8.91 8.84 7.73
CA LYS A 52 -7.92 8.58 6.67
C LYS A 52 -6.61 8.07 7.28
N GLU A 53 -6.14 6.91 6.83
CA GLU A 53 -4.85 6.33 7.24
C GLU A 53 -4.18 5.72 6.02
N ASN A 54 -3.00 6.22 5.66
CA ASN A 54 -2.26 5.79 4.46
C ASN A 54 -1.35 4.59 4.75
N TYR A 55 -1.33 3.62 3.83
CA TYR A 55 -0.47 2.41 3.93
C TYR A 55 0.41 2.30 2.68
N THR A 56 1.73 2.33 2.89
CA THR A 56 2.71 2.14 1.82
C THR A 56 2.97 0.63 1.62
N VAL A 57 2.34 0.06 0.60
CA VAL A 57 2.47 -1.36 0.27
C VAL A 57 3.57 -1.47 -0.78
N GLU A 58 4.74 -1.93 -0.33
CA GLU A 58 5.93 -2.04 -1.14
C GLU A 58 5.90 -3.38 -1.89
N VAL A 59 5.54 -3.32 -3.18
CA VAL A 59 5.49 -4.47 -4.07
C VAL A 59 6.68 -4.40 -5.04
N GLU A 60 7.64 -5.32 -4.89
CA GLU A 60 8.90 -5.33 -5.66
C GLU A 60 8.82 -6.36 -6.80
N ARG A 61 9.55 -6.06 -7.90
CA ARG A 61 9.68 -6.99 -9.03
C ARG A 61 10.51 -8.21 -8.60
N GLN A 62 9.84 -9.35 -8.43
CA GLN A 62 10.48 -10.64 -8.16
C GLN A 62 10.68 -11.35 -9.51
N GLY A 63 11.82 -11.05 -10.17
CA GLY A 63 12.12 -11.57 -11.51
C GLY A 63 11.20 -10.95 -12.55
N ASN A 64 10.15 -11.69 -12.91
CA ASN A 64 9.10 -11.23 -13.86
C ASN A 64 7.85 -10.79 -13.08
N THR A 65 7.59 -11.49 -11.97
CA THR A 65 6.37 -11.31 -11.16
C THR A 65 6.52 -10.15 -10.14
N TRP A 66 5.42 -9.86 -9.42
CA TRP A 66 5.36 -8.85 -8.35
C TRP A 66 5.11 -9.54 -6.99
N THR A 67 5.80 -9.07 -5.93
CA THR A 67 5.69 -9.63 -4.58
C THR A 67 5.52 -8.50 -3.54
N VAL A 68 4.55 -8.64 -2.63
CA VAL A 68 4.38 -7.70 -1.52
C VAL A 68 5.48 -7.97 -0.47
N LYS A 69 6.46 -7.06 -0.42
CA LYS A 69 7.56 -7.05 0.55
C LYS A 69 7.00 -6.87 1.96
N ARG A 70 6.18 -5.83 2.13
CA ARG A 70 5.51 -5.51 3.39
C ARG A 70 4.57 -4.31 3.20
N ILE A 71 3.43 -4.35 3.91
CA ILE A 71 2.53 -3.20 4.03
C ILE A 71 2.99 -2.37 5.23
N THR A 72 3.52 -1.17 4.96
CA THR A 72 3.96 -0.23 5.99
C THR A 72 2.79 0.70 6.34
N ARG A 73 2.21 0.50 7.50
CA ARG A 73 1.23 1.44 8.08
C ARG A 73 1.97 2.72 8.47
N THR A 74 1.45 3.89 8.03
CA THR A 74 2.06 5.19 8.33
C THR A 74 2.12 5.45 9.84
N VAL A 75 3.30 5.86 10.35
CA VAL A 75 3.47 6.23 11.74
C VAL A 75 2.81 7.61 11.99
N GLY A 76 1.62 7.56 12.61
CA GLY A 76 0.86 8.76 13.03
C GLY A 76 0.10 8.55 14.34
N SER A 77 0.27 7.36 14.92
CA SER A 77 -0.37 6.95 16.17
C SER A 77 0.71 6.42 17.12
N LEU A 78 0.67 6.85 18.39
CA LEU A 78 1.63 6.39 19.41
C LEU A 78 1.21 4.99 19.86
N GLU A 79 1.96 3.99 19.38
CA GLU A 79 1.69 2.57 19.64
C GLU A 79 1.99 2.25 21.12
N HIS A 80 0.94 2.39 21.93
CA HIS A 80 0.94 2.12 23.38
C HIS A 80 1.44 0.69 23.69
N HIS A 81 2.62 0.62 24.31
CA HIS A 81 3.33 -0.65 24.60
C HIS A 81 3.66 -0.73 26.10
N HIS A 82 3.39 -1.91 26.70
CA HIS A 82 3.53 -2.11 28.16
C HIS A 82 4.02 -3.54 28.47
N HIS A 83 4.53 -3.72 29.69
CA HIS A 83 4.89 -5.04 30.24
C HIS A 83 3.76 -5.51 31.18
N HIS A 84 3.85 -6.75 31.67
CA HIS A 84 2.88 -7.28 32.65
C HIS A 84 3.33 -6.92 34.09
N HIS A 85 4.04 -7.85 34.81
CA HIS A 85 4.63 -7.58 36.16
C HIS A 85 5.74 -8.63 36.42
N MET A 1 6.95 -1.02 -25.95
CA MET A 1 6.07 -1.97 -25.23
C MET A 1 5.63 -1.34 -23.88
N PRO A 2 4.32 -0.91 -23.75
CA PRO A 2 3.75 -0.48 -22.45
C PRO A 2 3.88 -1.56 -21.35
N SER A 3 4.99 -1.48 -20.62
CA SER A 3 5.36 -2.43 -19.56
C SER A 3 5.66 -1.66 -18.26
N GLU A 4 6.53 -0.64 -18.39
CA GLU A 4 6.97 0.25 -17.30
C GLU A 4 5.80 1.00 -16.65
N GLU A 5 4.81 1.40 -17.46
CA GLU A 5 3.60 2.08 -16.96
C GLU A 5 2.56 1.05 -16.50
N GLU A 6 2.51 -0.11 -17.19
CA GLU A 6 1.58 -1.21 -16.90
C GLU A 6 1.82 -1.78 -15.47
N GLU A 7 3.10 -1.69 -15.02
CA GLU A 7 3.52 -2.06 -13.64
C GLU A 7 2.57 -1.42 -12.62
N LYS A 8 2.42 -0.09 -12.75
CA LYS A 8 1.64 0.76 -11.84
C LYS A 8 0.19 0.23 -11.76
N ARG A 9 -0.38 -0.09 -12.93
CA ARG A 9 -1.79 -0.56 -13.07
C ARG A 9 -2.01 -1.91 -12.33
N GLN A 10 -0.98 -2.78 -12.40
CA GLN A 10 -1.00 -4.11 -11.75
C GLN A 10 -0.79 -3.99 -10.23
N VAL A 11 0.19 -3.15 -9.85
CA VAL A 11 0.71 -3.06 -8.47
C VAL A 11 -0.26 -2.29 -7.54
N LYS A 12 -0.98 -1.30 -8.08
CA LYS A 12 -2.05 -0.58 -7.34
C LYS A 12 -3.15 -1.57 -6.93
N GLN A 13 -3.44 -2.52 -7.85
CA GLN A 13 -4.40 -3.60 -7.61
C GLN A 13 -3.86 -4.56 -6.53
N VAL A 14 -2.61 -5.05 -6.70
CA VAL A 14 -1.97 -5.97 -5.74
C VAL A 14 -1.95 -5.36 -4.32
N ALA A 15 -1.69 -4.06 -4.26
CA ALA A 15 -1.61 -3.30 -3.01
C ALA A 15 -2.97 -3.22 -2.29
N LYS A 16 -4.03 -2.85 -3.06
CA LYS A 16 -5.37 -2.61 -2.50
C LYS A 16 -6.05 -3.90 -2.07
N GLU A 17 -5.81 -5.02 -2.79
CA GLU A 17 -6.41 -6.33 -2.48
C GLU A 17 -5.98 -6.80 -1.09
N LYS A 18 -4.67 -6.63 -0.78
CA LYS A 18 -4.09 -7.01 0.50
C LYS A 18 -4.71 -6.15 1.63
N LEU A 19 -4.85 -4.84 1.35
CA LEU A 19 -5.46 -3.86 2.28
C LEU A 19 -6.94 -4.18 2.57
N LEU A 20 -7.66 -4.70 1.56
CA LEU A 20 -9.11 -4.99 1.65
C LEU A 20 -9.37 -6.29 2.44
N GLU A 21 -8.39 -7.21 2.45
CA GLU A 21 -8.45 -8.42 3.31
C GLU A 21 -8.27 -8.01 4.79
N GLN A 22 -7.41 -7.00 5.03
CA GLN A 22 -7.13 -6.44 6.36
C GLN A 22 -8.26 -5.50 6.83
N SER A 23 -8.92 -4.82 5.86
CA SER A 23 -9.95 -3.80 6.13
C SER A 23 -11.04 -3.84 5.02
N PRO A 24 -12.06 -4.76 5.13
CA PRO A 24 -13.18 -4.86 4.16
C PRO A 24 -14.21 -3.72 4.37
N ASN A 25 -14.22 -3.13 5.58
CA ASN A 25 -15.12 -2.02 5.97
C ASN A 25 -14.53 -0.65 5.58
N SER A 26 -13.51 -0.67 4.71
CA SER A 26 -12.80 0.53 4.29
C SER A 26 -12.89 0.74 2.77
N LYS A 27 -12.80 2.02 2.36
CA LYS A 27 -12.75 2.41 0.94
C LYS A 27 -11.31 2.83 0.63
N VAL A 28 -10.60 2.02 -0.15
CA VAL A 28 -9.19 2.24 -0.48
C VAL A 28 -9.07 2.91 -1.86
N GLN A 29 -8.53 4.14 -1.86
CA GLN A 29 -8.16 4.89 -3.07
C GLN A 29 -6.64 4.78 -3.27
N VAL A 30 -6.16 5.06 -4.48
CA VAL A 30 -4.72 5.21 -4.73
C VAL A 30 -4.34 6.67 -4.46
N ARG A 31 -3.52 6.88 -3.42
CA ARG A 31 -3.11 8.22 -2.96
C ARG A 31 -1.95 8.74 -3.84
N ARG A 32 -0.95 7.85 -4.07
CA ARG A 32 0.22 8.14 -4.93
C ARG A 32 0.97 6.82 -5.22
N VAL A 33 1.75 6.79 -6.32
CA VAL A 33 2.59 5.63 -6.69
C VAL A 33 4.06 6.07 -6.77
N GLN A 34 4.97 5.32 -6.11
CA GLN A 34 6.42 5.60 -6.09
C GLN A 34 7.19 4.42 -6.70
N LYS A 35 7.83 4.61 -7.88
CA LYS A 35 8.70 3.58 -8.47
C LYS A 35 10.12 3.87 -7.99
N GLN A 36 10.63 3.03 -7.08
CA GLN A 36 11.94 3.22 -6.42
C GLN A 36 12.83 2.02 -6.75
N GLY A 37 13.75 2.21 -7.71
CA GLY A 37 14.64 1.14 -8.19
C GLY A 37 13.90 0.10 -9.03
N ASN A 38 13.45 -0.97 -8.36
CA ASN A 38 12.71 -2.10 -8.98
C ASN A 38 11.50 -2.47 -8.07
N THR A 39 11.29 -1.67 -7.01
CA THR A 39 10.25 -1.88 -6.00
C THR A 39 9.29 -0.67 -6.00
N ILE A 40 8.03 -0.91 -6.35
CA ILE A 40 7.01 0.14 -6.36
C ILE A 40 6.33 0.24 -4.98
N ARG A 41 6.65 1.33 -4.28
CA ARG A 41 6.03 1.69 -3.00
C ARG A 41 4.76 2.49 -3.29
N VAL A 42 3.61 1.81 -3.31
CA VAL A 42 2.31 2.48 -3.55
C VAL A 42 1.77 3.01 -2.22
N GLU A 43 1.52 4.32 -2.19
CA GLU A 43 0.83 5.00 -1.09
C GLU A 43 -0.69 4.94 -1.38
N LEU A 44 -1.47 4.34 -0.48
CA LEU A 44 -2.92 4.22 -0.63
C LEU A 44 -3.63 4.92 0.52
N GLU A 45 -4.84 5.42 0.24
CA GLU A 45 -5.68 6.13 1.19
C GLU A 45 -6.83 5.19 1.60
N LEU A 46 -6.69 4.60 2.79
CA LEU A 46 -7.62 3.59 3.31
C LEU A 46 -8.55 4.27 4.33
N ARG A 47 -9.84 4.37 3.98
CA ARG A 47 -10.83 5.17 4.71
C ARG A 47 -11.68 4.28 5.62
N THR A 48 -11.37 4.24 6.94
CA THR A 48 -12.13 3.43 7.92
C THR A 48 -12.93 4.34 8.86
N ASN A 49 -14.22 4.54 8.53
CA ASN A 49 -15.21 5.27 9.35
C ASN A 49 -14.77 6.73 9.60
N GLY A 50 -14.20 7.35 8.54
CA GLY A 50 -13.78 8.75 8.58
C GLY A 50 -12.29 8.93 8.84
N LYS A 51 -11.58 7.82 9.13
CA LYS A 51 -10.12 7.81 9.35
C LYS A 51 -9.38 7.69 8.00
N LYS A 52 -8.39 8.55 7.78
CA LYS A 52 -7.49 8.46 6.61
C LYS A 52 -6.19 7.80 7.06
N GLU A 53 -6.10 6.50 6.80
CA GLU A 53 -4.94 5.68 7.14
C GLU A 53 -4.12 5.44 5.87
N ASN A 54 -2.92 6.02 5.80
CA ASN A 54 -2.05 5.95 4.62
C ASN A 54 -1.11 4.73 4.76
N TYR A 55 -1.28 3.74 3.87
CA TYR A 55 -0.47 2.52 3.85
C TYR A 55 0.48 2.56 2.65
N THR A 56 1.78 2.49 2.92
CA THR A 56 2.79 2.29 1.89
C THR A 56 3.02 0.78 1.72
N VAL A 57 2.42 0.22 0.68
CA VAL A 57 2.56 -1.20 0.32
C VAL A 57 3.69 -1.29 -0.71
N GLU A 58 4.86 -1.73 -0.24
CA GLU A 58 6.07 -1.83 -1.05
C GLU A 58 6.08 -3.19 -1.77
N VAL A 59 5.71 -3.16 -3.05
CA VAL A 59 5.62 -4.35 -3.90
C VAL A 59 6.82 -4.39 -4.85
N GLU A 60 7.65 -5.43 -4.71
CA GLU A 60 8.91 -5.60 -5.47
C GLU A 60 8.70 -6.61 -6.61
N ARG A 61 9.35 -6.34 -7.76
CA ARG A 61 9.32 -7.24 -8.92
C ARG A 61 10.14 -8.51 -8.64
N GLN A 62 9.54 -9.67 -8.99
CA GLN A 62 10.20 -10.97 -8.95
C GLN A 62 9.91 -11.70 -10.27
N GLY A 63 10.81 -11.47 -11.26
CA GLY A 63 10.69 -12.02 -12.60
C GLY A 63 9.51 -11.43 -13.37
N ASN A 64 8.48 -12.24 -13.61
CA ASN A 64 7.25 -11.81 -14.32
C ASN A 64 6.17 -11.33 -13.33
N THR A 65 6.25 -11.84 -12.09
CA THR A 65 5.25 -11.58 -11.02
C THR A 65 5.72 -10.49 -10.05
N TRP A 66 4.84 -10.12 -9.10
CA TRP A 66 5.10 -9.10 -8.07
C TRP A 66 4.89 -9.71 -6.67
N THR A 67 5.49 -9.11 -5.63
CA THR A 67 5.35 -9.59 -4.24
C THR A 67 5.34 -8.41 -3.26
N VAL A 68 4.41 -8.44 -2.28
CA VAL A 68 4.37 -7.45 -1.20
C VAL A 68 5.45 -7.80 -0.15
N LYS A 69 6.44 -6.90 -0.01
CA LYS A 69 7.55 -7.07 0.94
C LYS A 69 7.11 -6.66 2.35
N ARG A 70 6.36 -5.56 2.44
CA ARG A 70 5.78 -5.06 3.69
C ARG A 70 4.71 -4.01 3.40
N ILE A 71 3.65 -4.02 4.22
CA ILE A 71 2.64 -2.95 4.28
C ILE A 71 2.90 -2.12 5.54
N THR A 72 3.42 -0.90 5.37
CA THR A 72 3.73 0.01 6.48
C THR A 72 2.71 1.16 6.54
N ARG A 73 1.82 1.15 7.55
CA ARG A 73 0.89 2.26 7.80
C ARG A 73 1.63 3.39 8.55
N THR A 74 1.18 4.62 8.31
CA THR A 74 1.66 5.81 9.06
C THR A 74 1.25 5.70 10.55
N VAL A 75 2.24 5.60 11.44
CA VAL A 75 2.02 5.48 12.90
C VAL A 75 1.93 6.88 13.55
N GLY A 76 0.69 7.31 13.86
CA GLY A 76 0.44 8.56 14.60
C GLY A 76 0.27 8.31 16.08
N SER A 77 -0.30 7.15 16.41
CA SER A 77 -0.55 6.73 17.80
C SER A 77 0.54 5.74 18.26
N LEU A 78 1.34 6.15 19.25
CA LEU A 78 2.35 5.28 19.88
C LEU A 78 1.72 4.38 20.97
N GLU A 79 2.56 3.53 21.57
CA GLU A 79 2.15 2.58 22.61
C GLU A 79 3.20 2.60 23.73
N HIS A 80 3.15 1.61 24.64
CA HIS A 80 4.07 1.50 25.77
C HIS A 80 5.48 1.06 25.29
N HIS A 81 6.43 2.00 25.23
CA HIS A 81 7.85 1.67 25.01
C HIS A 81 8.49 1.39 26.37
N HIS A 82 9.09 0.21 26.53
CA HIS A 82 9.64 -0.27 27.82
C HIS A 82 10.98 0.44 28.14
N HIS A 83 11.74 0.77 27.09
CA HIS A 83 13.05 1.45 27.20
C HIS A 83 13.16 2.57 26.14
N HIS A 84 14.21 3.41 26.31
CA HIS A 84 14.48 4.56 25.44
C HIS A 84 15.44 4.15 24.29
N HIS A 85 15.20 2.97 23.70
CA HIS A 85 16.03 2.42 22.62
C HIS A 85 15.22 2.44 21.30
N MET A 1 7.62 -8.49 -20.10
CA MET A 1 6.53 -7.58 -19.66
C MET A 1 5.59 -7.30 -20.84
N PRO A 2 4.25 -7.10 -20.58
CA PRO A 2 3.33 -6.55 -21.61
C PRO A 2 3.75 -5.11 -21.99
N SER A 3 3.92 -4.28 -20.95
CA SER A 3 4.44 -2.91 -21.06
C SER A 3 4.96 -2.50 -19.67
N GLU A 4 6.04 -1.70 -19.64
CA GLU A 4 6.72 -1.33 -18.39
C GLU A 4 5.83 -0.40 -17.52
N GLU A 5 5.01 0.42 -18.20
CA GLU A 5 4.05 1.34 -17.54
C GLU A 5 2.83 0.57 -17.02
N GLU A 6 2.46 -0.51 -17.75
CA GLU A 6 1.33 -1.38 -17.43
C GLU A 6 1.55 -2.07 -16.09
N GLU A 7 2.85 -2.35 -15.79
CA GLU A 7 3.28 -2.92 -14.52
C GLU A 7 2.82 -2.09 -13.31
N LYS A 8 2.97 -0.75 -13.39
CA LYS A 8 2.60 0.18 -12.29
C LYS A 8 1.09 0.12 -11.99
N ARG A 9 0.30 -0.04 -13.07
CA ARG A 9 -1.18 -0.14 -12.99
C ARG A 9 -1.57 -1.40 -12.20
N GLN A 10 -0.81 -2.49 -12.45
CA GLN A 10 -0.96 -3.77 -11.74
C GLN A 10 -0.58 -3.63 -10.25
N VAL A 11 0.50 -2.88 -9.97
CA VAL A 11 1.04 -2.70 -8.60
C VAL A 11 0.02 -2.06 -7.66
N LYS A 12 -0.66 -1.00 -8.14
CA LYS A 12 -1.69 -0.28 -7.36
C LYS A 12 -2.85 -1.22 -6.98
N GLN A 13 -3.13 -2.18 -7.87
CA GLN A 13 -4.14 -3.21 -7.65
C GLN A 13 -3.66 -4.21 -6.58
N VAL A 14 -2.46 -4.80 -6.79
CA VAL A 14 -1.86 -5.79 -5.85
C VAL A 14 -1.78 -5.20 -4.41
N ALA A 15 -1.52 -3.89 -4.36
CA ALA A 15 -1.42 -3.13 -3.11
C ALA A 15 -2.78 -3.04 -2.40
N LYS A 16 -3.83 -2.62 -3.16
CA LYS A 16 -5.17 -2.38 -2.59
C LYS A 16 -5.85 -3.68 -2.18
N GLU A 17 -5.57 -4.78 -2.91
CA GLU A 17 -6.17 -6.10 -2.62
C GLU A 17 -5.76 -6.58 -1.23
N LYS A 18 -4.47 -6.39 -0.92
CA LYS A 18 -3.91 -6.81 0.37
C LYS A 18 -4.35 -5.88 1.51
N LEU A 19 -4.76 -4.65 1.16
CA LEU A 19 -5.42 -3.72 2.10
C LEU A 19 -6.88 -4.15 2.39
N LEU A 20 -7.56 -4.68 1.35
CA LEU A 20 -8.94 -5.17 1.45
C LEU A 20 -9.02 -6.40 2.38
N GLU A 21 -7.94 -7.20 2.37
CA GLU A 21 -7.77 -8.37 3.27
C GLU A 21 -7.88 -7.95 4.75
N GLN A 22 -7.27 -6.79 5.07
CA GLN A 22 -7.21 -6.26 6.44
C GLN A 22 -8.52 -5.54 6.81
N SER A 23 -8.94 -4.61 5.94
CA SER A 23 -10.13 -3.76 6.17
C SER A 23 -11.04 -3.77 4.91
N PRO A 24 -12.00 -4.75 4.84
CA PRO A 24 -13.02 -4.80 3.76
C PRO A 24 -14.19 -3.82 3.99
N ASN A 25 -14.15 -3.10 5.14
CA ASN A 25 -15.20 -2.13 5.55
C ASN A 25 -14.95 -0.74 4.95
N SER A 26 -13.94 -0.63 4.08
CA SER A 26 -13.47 0.66 3.56
C SER A 26 -13.04 0.51 2.09
N LYS A 27 -13.33 1.55 1.28
CA LYS A 27 -12.90 1.61 -0.13
C LYS A 27 -11.48 2.22 -0.16
N VAL A 28 -10.60 1.64 -0.97
CA VAL A 28 -9.19 2.01 -1.03
C VAL A 28 -8.94 2.96 -2.22
N GLN A 29 -8.51 4.19 -1.90
CA GLN A 29 -8.13 5.22 -2.87
C GLN A 29 -6.60 5.11 -3.13
N VAL A 30 -6.16 5.43 -4.35
CA VAL A 30 -4.73 5.57 -4.67
C VAL A 30 -4.31 7.02 -4.37
N ARG A 31 -3.33 7.20 -3.47
CA ARG A 31 -2.85 8.53 -3.06
C ARG A 31 -1.62 8.95 -3.89
N ARG A 32 -0.54 8.13 -3.82
CA ARG A 32 0.74 8.36 -4.54
C ARG A 32 1.41 7.02 -4.88
N VAL A 33 2.40 7.08 -5.80
CA VAL A 33 3.19 5.90 -6.25
C VAL A 33 4.68 6.30 -6.33
N GLN A 34 5.57 5.46 -5.78
CA GLN A 34 7.03 5.70 -5.72
C GLN A 34 7.76 4.51 -6.34
N LYS A 35 8.34 4.70 -7.53
CA LYS A 35 9.01 3.63 -8.28
C LYS A 35 10.52 3.65 -7.91
N GLN A 36 10.95 2.66 -7.11
CA GLN A 36 12.36 2.54 -6.67
C GLN A 36 12.95 1.20 -7.14
N GLY A 37 13.54 1.23 -8.37
CA GLY A 37 14.14 0.04 -8.97
C GLY A 37 13.11 -1.04 -9.31
N ASN A 38 12.99 -2.04 -8.43
CA ASN A 38 11.98 -3.11 -8.53
C ASN A 38 10.86 -2.90 -7.50
N THR A 39 11.19 -2.21 -6.39
CA THR A 39 10.26 -1.97 -5.28
C THR A 39 9.47 -0.68 -5.53
N ILE A 40 8.24 -0.83 -6.03
CA ILE A 40 7.29 0.27 -6.15
C ILE A 40 6.44 0.39 -4.87
N ARG A 41 6.70 1.45 -4.09
CA ARG A 41 5.94 1.81 -2.88
C ARG A 41 4.71 2.62 -3.29
N VAL A 42 3.53 2.02 -3.25
CA VAL A 42 2.27 2.74 -3.50
C VAL A 42 1.68 3.19 -2.16
N GLU A 43 1.53 4.51 -1.97
CA GLU A 43 0.75 5.06 -0.87
C GLU A 43 -0.72 5.06 -1.27
N LEU A 44 -1.52 4.28 -0.57
CA LEU A 44 -2.96 4.25 -0.75
C LEU A 44 -3.63 4.90 0.46
N GLU A 45 -4.93 5.12 0.36
CA GLU A 45 -5.67 5.94 1.31
C GLU A 45 -6.98 5.22 1.67
N LEU A 46 -7.04 4.70 2.89
CA LEU A 46 -8.09 3.78 3.37
C LEU A 46 -8.67 4.33 4.69
N ARG A 47 -10.00 4.27 4.85
CA ARG A 47 -10.70 4.85 6.02
C ARG A 47 -11.09 3.75 7.03
N THR A 48 -10.28 3.61 8.09
CA THR A 48 -10.49 2.60 9.16
C THR A 48 -11.19 3.25 10.37
N ASN A 49 -12.42 2.79 10.70
CA ASN A 49 -13.19 3.20 11.90
C ASN A 49 -13.52 4.71 11.90
N GLY A 50 -13.68 5.28 10.69
CA GLY A 50 -13.97 6.71 10.53
C GLY A 50 -12.71 7.58 10.55
N LYS A 51 -11.53 6.94 10.57
CA LYS A 51 -10.23 7.62 10.50
C LYS A 51 -9.55 7.31 9.16
N LYS A 52 -9.14 8.35 8.44
CA LYS A 52 -8.41 8.24 7.18
C LYS A 52 -6.93 7.95 7.50
N GLU A 53 -6.48 6.74 7.14
CA GLU A 53 -5.10 6.27 7.32
C GLU A 53 -4.50 5.92 5.95
N ASN A 54 -3.32 6.48 5.64
CA ASN A 54 -2.57 6.17 4.41
C ASN A 54 -1.66 4.97 4.66
N TYR A 55 -1.71 3.97 3.78
CA TYR A 55 -0.86 2.76 3.87
C TYR A 55 0.11 2.74 2.68
N THR A 56 1.41 2.77 2.98
CA THR A 56 2.46 2.59 1.98
C THR A 56 2.73 1.09 1.84
N VAL A 57 2.16 0.51 0.78
CA VAL A 57 2.34 -0.90 0.46
C VAL A 57 3.52 -1.04 -0.50
N GLU A 58 4.62 -1.55 0.04
CA GLU A 58 5.86 -1.81 -0.71
C GLU A 58 5.66 -3.09 -1.52
N VAL A 59 5.52 -2.95 -2.85
CA VAL A 59 5.39 -4.09 -3.78
C VAL A 59 6.65 -4.17 -4.66
N GLU A 60 7.33 -5.32 -4.67
CA GLU A 60 8.57 -5.52 -5.41
C GLU A 60 8.35 -6.51 -6.55
N ARG A 61 9.09 -6.31 -7.65
CA ARG A 61 9.02 -7.16 -8.84
C ARG A 61 9.74 -8.49 -8.58
N GLN A 62 8.96 -9.56 -8.43
CA GLN A 62 9.47 -10.93 -8.30
C GLN A 62 9.54 -11.55 -9.72
N GLY A 63 10.60 -11.19 -10.45
CA GLY A 63 10.84 -11.66 -11.81
C GLY A 63 9.89 -11.03 -12.82
N ASN A 64 8.85 -11.80 -13.18
CA ASN A 64 7.77 -11.35 -14.08
C ASN A 64 6.58 -10.83 -13.27
N THR A 65 6.37 -11.41 -12.08
CA THR A 65 5.21 -11.10 -11.21
C THR A 65 5.58 -10.06 -10.14
N TRP A 66 4.59 -9.66 -9.33
CA TRP A 66 4.73 -8.68 -8.23
C TRP A 66 4.35 -9.34 -6.89
N THR A 67 4.99 -8.90 -5.80
CA THR A 67 4.75 -9.43 -4.44
C THR A 67 4.93 -8.32 -3.39
N VAL A 68 4.07 -8.30 -2.35
CA VAL A 68 4.09 -7.27 -1.31
C VAL A 68 5.16 -7.58 -0.25
N LYS A 69 6.18 -6.72 -0.17
CA LYS A 69 7.27 -6.77 0.82
C LYS A 69 6.72 -6.52 2.23
N ARG A 70 6.03 -5.38 2.39
CA ARG A 70 5.47 -4.95 3.68
C ARG A 70 4.41 -3.88 3.46
N ILE A 71 3.25 -4.04 4.10
CA ILE A 71 2.25 -2.98 4.20
C ILE A 71 2.58 -2.14 5.43
N THR A 72 3.08 -0.94 5.17
CA THR A 72 3.49 0.01 6.21
C THR A 72 2.36 1.03 6.41
N ARG A 73 1.75 1.04 7.61
CA ARG A 73 0.78 2.08 8.00
C ARG A 73 1.54 3.43 8.17
N THR A 74 0.86 4.55 7.90
CA THR A 74 1.39 5.90 8.16
C THR A 74 1.70 6.08 9.66
N VAL A 75 2.67 6.96 9.97
CA VAL A 75 3.02 7.29 11.35
C VAL A 75 1.81 7.92 12.05
N GLY A 76 1.42 7.31 13.18
CA GLY A 76 0.24 7.71 13.92
C GLY A 76 -0.14 6.64 14.92
N SER A 77 -1.04 5.72 14.50
CA SER A 77 -1.45 4.58 15.31
C SER A 77 -0.40 3.46 15.19
N LEU A 78 0.69 3.62 15.95
CA LEU A 78 1.81 2.66 15.98
C LEU A 78 1.55 1.61 17.08
N GLU A 79 1.80 0.34 16.73
CA GLU A 79 1.74 -0.79 17.67
C GLU A 79 2.84 -0.64 18.74
N HIS A 80 2.46 -0.75 20.03
CA HIS A 80 3.39 -0.65 21.17
C HIS A 80 4.11 -2.00 21.40
N HIS A 81 4.87 -2.42 20.37
CA HIS A 81 5.53 -3.74 20.32
C HIS A 81 6.67 -3.83 21.36
N HIS A 82 6.70 -4.97 22.10
CA HIS A 82 7.74 -5.25 23.11
C HIS A 82 8.33 -6.63 22.85
N HIS A 83 9.64 -6.67 22.55
CA HIS A 83 10.40 -7.92 22.28
C HIS A 83 11.68 -7.90 23.13
N HIS A 84 11.98 -9.04 23.79
CA HIS A 84 13.10 -9.15 24.74
C HIS A 84 14.46 -8.86 24.06
N HIS A 85 15.35 -8.16 24.78
CA HIS A 85 16.73 -7.93 24.34
C HIS A 85 17.61 -9.16 24.69
N MET A 1 -0.77 -0.91 -25.31
CA MET A 1 -0.83 -0.67 -23.85
C MET A 1 0.53 -0.11 -23.36
N PRO A 2 0.53 0.82 -22.36
CA PRO A 2 1.78 1.35 -21.77
C PRO A 2 2.39 0.31 -20.81
N SER A 3 2.96 -0.76 -21.39
CA SER A 3 3.38 -1.97 -20.65
C SER A 3 4.49 -1.69 -19.61
N GLU A 4 5.32 -0.64 -19.86
CA GLU A 4 6.32 -0.14 -18.89
C GLU A 4 5.61 0.47 -17.66
N GLU A 5 4.64 1.35 -17.94
CA GLU A 5 3.84 2.07 -16.92
C GLU A 5 2.77 1.13 -16.29
N GLU A 6 2.46 0.02 -16.97
CA GLU A 6 1.39 -0.93 -16.60
C GLU A 6 1.68 -1.62 -15.25
N GLU A 7 2.95 -1.50 -14.79
CA GLU A 7 3.35 -1.81 -13.42
C GLU A 7 2.36 -1.18 -12.42
N LYS A 8 2.14 0.13 -12.57
CA LYS A 8 1.22 0.92 -11.72
C LYS A 8 -0.22 0.36 -11.79
N ARG A 9 -0.69 0.05 -13.03
CA ARG A 9 -2.05 -0.45 -13.30
C ARG A 9 -2.36 -1.72 -12.47
N GLN A 10 -1.35 -2.61 -12.42
CA GLN A 10 -1.41 -3.89 -11.72
C GLN A 10 -1.23 -3.72 -10.20
N VAL A 11 -0.11 -3.09 -9.82
CA VAL A 11 0.42 -3.05 -8.44
C VAL A 11 -0.50 -2.31 -7.45
N LYS A 12 -1.15 -1.20 -7.89
CA LYS A 12 -2.09 -0.44 -7.01
C LYS A 12 -3.29 -1.33 -6.65
N GLN A 13 -3.75 -2.12 -7.64
CA GLN A 13 -4.87 -3.06 -7.47
C GLN A 13 -4.49 -4.21 -6.52
N VAL A 14 -3.29 -4.79 -6.73
CA VAL A 14 -2.75 -5.87 -5.87
C VAL A 14 -2.59 -5.36 -4.42
N ALA A 15 -2.12 -4.11 -4.29
CA ALA A 15 -1.84 -3.47 -2.99
C ALA A 15 -3.13 -3.15 -2.21
N LYS A 16 -4.17 -2.70 -2.94
CA LYS A 16 -5.46 -2.34 -2.31
C LYS A 16 -6.20 -3.60 -1.84
N GLU A 17 -6.00 -4.73 -2.55
CA GLU A 17 -6.55 -6.04 -2.13
C GLU A 17 -5.97 -6.46 -0.78
N LYS A 18 -4.64 -6.22 -0.60
CA LYS A 18 -3.92 -6.53 0.65
C LYS A 18 -4.51 -5.71 1.83
N LEU A 19 -4.90 -4.46 1.52
CA LEU A 19 -5.55 -3.53 2.49
C LEU A 19 -7.02 -3.89 2.75
N LEU A 20 -7.70 -4.44 1.74
CA LEU A 20 -9.11 -4.87 1.85
C LEU A 20 -9.23 -6.16 2.69
N GLU A 21 -8.15 -6.96 2.73
CA GLU A 21 -8.06 -8.13 3.63
C GLU A 21 -8.06 -7.68 5.10
N GLN A 22 -7.28 -6.60 5.37
CA GLN A 22 -7.16 -5.99 6.70
C GLN A 22 -8.44 -5.25 7.09
N SER A 23 -9.09 -4.62 6.11
CA SER A 23 -10.28 -3.79 6.32
C SER A 23 -11.19 -3.86 5.08
N PRO A 24 -12.15 -4.84 5.06
CA PRO A 24 -13.20 -4.92 4.01
C PRO A 24 -14.24 -3.78 4.14
N ASN A 25 -14.26 -3.16 5.34
CA ASN A 25 -15.21 -2.10 5.71
C ASN A 25 -14.82 -0.73 5.13
N SER A 26 -13.60 -0.64 4.59
CA SER A 26 -13.05 0.60 4.02
C SER A 26 -13.05 0.58 2.49
N LYS A 27 -13.03 1.78 1.90
CA LYS A 27 -12.71 1.99 0.49
C LYS A 27 -11.29 2.51 0.38
N VAL A 28 -10.45 1.79 -0.38
CA VAL A 28 -9.03 2.12 -0.57
C VAL A 28 -8.84 2.82 -1.93
N GLN A 29 -8.43 4.08 -1.88
CA GLN A 29 -8.02 4.86 -3.06
C GLN A 29 -6.47 4.75 -3.20
N VAL A 30 -5.92 5.14 -4.37
CA VAL A 30 -4.47 5.39 -4.52
C VAL A 30 -4.15 6.81 -4.01
N ARG A 31 -3.10 6.91 -3.17
CA ARG A 31 -2.67 8.19 -2.59
C ARG A 31 -1.43 8.73 -3.36
N ARG A 32 -0.49 7.82 -3.65
CA ARG A 32 0.81 8.14 -4.29
C ARG A 32 1.47 6.82 -4.74
N VAL A 33 2.30 6.86 -5.80
CA VAL A 33 3.06 5.68 -6.29
C VAL A 33 4.54 6.08 -6.47
N GLN A 34 5.47 5.27 -5.92
CA GLN A 34 6.93 5.46 -6.06
C GLN A 34 7.57 4.22 -6.70
N LYS A 35 8.01 4.33 -7.97
CA LYS A 35 8.79 3.27 -8.64
C LYS A 35 10.30 3.57 -8.42
N GLN A 36 10.96 2.73 -7.60
CA GLN A 36 12.38 2.89 -7.24
C GLN A 36 13.14 1.61 -7.61
N GLY A 37 13.66 1.58 -8.85
CA GLY A 37 14.53 0.50 -9.34
C GLY A 37 13.85 -0.86 -9.46
N ASN A 38 13.81 -1.60 -8.35
CA ASN A 38 13.26 -2.97 -8.27
C ASN A 38 12.05 -3.07 -7.32
N THR A 39 11.60 -1.93 -6.75
CA THR A 39 10.53 -1.91 -5.74
C THR A 39 9.60 -0.69 -5.93
N ILE A 40 8.30 -0.97 -6.17
CA ILE A 40 7.26 0.05 -6.21
C ILE A 40 6.58 0.16 -4.84
N ARG A 41 6.85 1.25 -4.12
CA ARG A 41 6.20 1.57 -2.85
C ARG A 41 4.95 2.39 -3.17
N VAL A 42 3.78 1.76 -3.18
CA VAL A 42 2.50 2.44 -3.43
C VAL A 42 1.91 2.89 -2.10
N GLU A 43 1.78 4.21 -1.93
CA GLU A 43 1.00 4.81 -0.86
C GLU A 43 -0.48 4.73 -1.27
N LEU A 44 -1.33 4.19 -0.40
CA LEU A 44 -2.77 4.11 -0.65
C LEU A 44 -3.52 4.77 0.50
N GLU A 45 -4.74 5.26 0.21
CA GLU A 45 -5.57 5.96 1.17
C GLU A 45 -6.74 5.05 1.59
N LEU A 46 -6.65 4.50 2.80
CA LEU A 46 -7.64 3.58 3.37
C LEU A 46 -8.53 4.37 4.35
N ARG A 47 -9.87 4.31 4.17
CA ARG A 47 -10.82 5.14 4.95
C ARG A 47 -11.89 4.25 5.62
N THR A 48 -11.73 3.99 6.95
CA THR A 48 -12.65 3.11 7.72
C THR A 48 -13.46 3.97 8.71
N ASN A 49 -14.81 3.96 8.56
CA ASN A 49 -15.77 4.57 9.50
C ASN A 49 -15.56 6.11 9.61
N GLY A 50 -14.96 6.71 8.56
CA GLY A 50 -14.71 8.16 8.49
C GLY A 50 -13.28 8.55 8.88
N LYS A 51 -12.51 7.62 9.49
CA LYS A 51 -11.07 7.86 9.76
C LYS A 51 -10.27 7.55 8.47
N LYS A 52 -9.17 8.27 8.26
CA LYS A 52 -8.27 8.06 7.13
C LYS A 52 -6.88 7.66 7.65
N GLU A 53 -6.29 6.64 7.02
CA GLU A 53 -4.93 6.20 7.32
C GLU A 53 -4.28 5.71 6.02
N ASN A 54 -3.10 6.25 5.73
CA ASN A 54 -2.32 5.93 4.53
C ASN A 54 -1.45 4.70 4.78
N TYR A 55 -1.29 3.83 3.77
CA TYR A 55 -0.47 2.61 3.87
C TYR A 55 0.46 2.51 2.65
N THR A 56 1.77 2.48 2.90
CA THR A 56 2.77 2.19 1.89
C THR A 56 2.94 0.67 1.77
N VAL A 57 2.29 0.09 0.76
CA VAL A 57 2.44 -1.33 0.44
C VAL A 57 3.55 -1.46 -0.60
N GLU A 58 4.72 -1.90 -0.12
CA GLU A 58 5.91 -2.09 -0.95
C GLU A 58 5.78 -3.40 -1.71
N VAL A 59 5.69 -3.29 -3.04
CA VAL A 59 5.60 -4.45 -3.94
C VAL A 59 6.85 -4.45 -4.84
N GLU A 60 7.59 -5.55 -4.79
CA GLU A 60 8.89 -5.70 -5.46
C GLU A 60 8.72 -6.50 -6.77
N ARG A 61 9.51 -6.12 -7.78
CA ARG A 61 9.57 -6.84 -9.05
C ARG A 61 10.47 -8.08 -8.92
N GLN A 62 9.84 -9.24 -8.85
CA GLN A 62 10.52 -10.55 -8.73
C GLN A 62 10.38 -11.28 -10.08
N GLY A 63 11.35 -11.05 -10.98
CA GLY A 63 11.31 -11.57 -12.35
C GLY A 63 10.25 -10.87 -13.19
N ASN A 64 9.15 -11.58 -13.48
CA ASN A 64 7.97 -11.03 -14.19
C ASN A 64 6.74 -10.98 -13.23
N THR A 65 6.91 -11.51 -12.01
CA THR A 65 5.85 -11.47 -10.98
C THR A 65 6.08 -10.31 -9.98
N TRP A 66 5.09 -10.11 -9.11
CA TRP A 66 5.07 -9.08 -8.06
C TRP A 66 4.97 -9.75 -6.69
N THR A 67 5.69 -9.22 -5.69
CA THR A 67 5.71 -9.79 -4.33
C THR A 67 5.71 -8.67 -3.27
N VAL A 68 4.73 -8.71 -2.35
CA VAL A 68 4.55 -7.69 -1.30
C VAL A 68 5.60 -7.89 -0.19
N LYS A 69 6.51 -6.89 -0.07
CA LYS A 69 7.54 -6.83 0.97
C LYS A 69 6.91 -6.70 2.36
N ARG A 70 5.99 -5.72 2.47
CA ARG A 70 5.18 -5.48 3.67
C ARG A 70 4.08 -4.45 3.39
N ILE A 71 3.11 -4.39 4.29
CA ILE A 71 2.13 -3.31 4.36
C ILE A 71 2.57 -2.37 5.50
N THR A 72 3.08 -1.20 5.14
CA THR A 72 3.57 -0.20 6.10
C THR A 72 2.44 0.78 6.44
N ARG A 73 1.99 0.77 7.70
CA ARG A 73 1.07 1.79 8.21
C ARG A 73 1.80 3.14 8.29
N THR A 74 1.12 4.25 7.96
CA THR A 74 1.68 5.60 8.14
C THR A 74 1.92 5.86 9.62
N VAL A 75 3.07 6.45 9.92
CA VAL A 75 3.51 6.72 11.28
C VAL A 75 3.73 8.24 11.44
N GLY A 76 3.23 8.79 12.55
CA GLY A 76 3.31 10.22 12.84
C GLY A 76 3.02 10.46 14.30
N SER A 77 4.10 10.66 15.10
CA SER A 77 4.05 10.72 16.57
C SER A 77 3.54 9.39 17.18
N LEU A 78 3.67 8.31 16.40
CA LEU A 78 3.18 6.97 16.75
C LEU A 78 4.40 6.08 17.05
N GLU A 79 4.35 5.38 18.19
CA GLU A 79 5.42 4.47 18.61
C GLU A 79 5.40 3.20 17.75
N HIS A 80 6.22 3.22 16.68
CA HIS A 80 6.50 2.02 15.87
C HIS A 80 7.45 1.12 16.67
N HIS A 81 6.85 0.32 17.57
CA HIS A 81 7.56 -0.47 18.59
C HIS A 81 8.45 -1.53 17.91
N HIS A 82 9.76 -1.43 18.18
CA HIS A 82 10.81 -2.23 17.54
C HIS A 82 10.74 -3.70 17.98
N HIS A 83 10.20 -4.54 17.10
CA HIS A 83 10.15 -6.00 17.29
C HIS A 83 10.94 -6.66 16.15
N HIS A 84 11.93 -7.48 16.52
CA HIS A 84 12.87 -8.09 15.55
C HIS A 84 12.15 -9.11 14.65
N HIS A 85 12.48 -9.06 13.35
CA HIS A 85 11.94 -9.96 12.30
C HIS A 85 13.09 -10.36 11.35
N MET A 1 5.45 -4.83 -27.32
CA MET A 1 4.48 -4.58 -26.24
C MET A 1 5.18 -3.85 -25.07
N PRO A 2 4.82 -2.54 -24.79
CA PRO A 2 5.30 -1.84 -23.60
C PRO A 2 4.41 -2.17 -22.36
N SER A 3 5.01 -2.83 -21.37
CA SER A 3 4.31 -3.25 -20.14
C SER A 3 4.64 -2.34 -18.95
N GLU A 4 5.33 -1.21 -19.24
CA GLU A 4 5.84 -0.26 -18.23
C GLU A 4 4.71 0.35 -17.40
N GLU A 5 3.72 0.92 -18.09
CA GLU A 5 2.55 1.56 -17.44
C GLU A 5 1.66 0.50 -16.77
N GLU A 6 1.68 -0.71 -17.34
CA GLU A 6 0.93 -1.86 -16.84
C GLU A 6 1.48 -2.34 -15.48
N GLU A 7 2.79 -2.11 -15.24
CA GLU A 7 3.44 -2.39 -13.93
C GLU A 7 2.72 -1.63 -12.81
N LYS A 8 2.41 -0.35 -13.09
CA LYS A 8 1.67 0.52 -12.16
C LYS A 8 0.25 -0.04 -11.97
N ARG A 9 -0.41 -0.43 -13.09
CA ARG A 9 -1.80 -0.97 -13.10
C ARG A 9 -1.93 -2.23 -12.22
N GLN A 10 -0.89 -3.08 -12.29
CA GLN A 10 -0.77 -4.33 -11.51
C GLN A 10 -0.60 -4.00 -10.02
N VAL A 11 0.43 -3.19 -9.71
CA VAL A 11 0.85 -2.89 -8.34
C VAL A 11 -0.22 -2.12 -7.54
N LYS A 12 -0.95 -1.21 -8.20
CA LYS A 12 -2.07 -0.46 -7.57
C LYS A 12 -3.20 -1.41 -7.20
N GLN A 13 -3.50 -2.36 -8.12
CA GLN A 13 -4.57 -3.35 -7.93
C GLN A 13 -4.19 -4.31 -6.79
N VAL A 14 -2.97 -4.85 -6.84
CA VAL A 14 -2.44 -5.75 -5.79
C VAL A 14 -2.48 -5.04 -4.42
N ALA A 15 -2.00 -3.79 -4.40
CA ALA A 15 -1.92 -2.96 -3.19
C ALA A 15 -3.29 -2.73 -2.54
N LYS A 16 -4.26 -2.27 -3.37
CA LYS A 16 -5.62 -1.97 -2.90
C LYS A 16 -6.30 -3.25 -2.40
N GLU A 17 -6.08 -4.39 -3.11
CA GLU A 17 -6.64 -5.68 -2.72
C GLU A 17 -6.03 -6.17 -1.39
N LYS A 18 -4.71 -5.98 -1.22
CA LYS A 18 -3.98 -6.39 0.00
C LYS A 18 -4.49 -5.61 1.24
N LEU A 19 -4.84 -4.34 1.02
CA LEU A 19 -5.44 -3.47 2.05
C LEU A 19 -6.91 -3.83 2.31
N LEU A 20 -7.59 -4.31 1.27
CA LEU A 20 -8.97 -4.81 1.36
C LEU A 20 -9.03 -6.17 2.08
N GLU A 21 -7.93 -6.98 2.00
CA GLU A 21 -7.79 -8.26 2.75
C GLU A 21 -7.90 -8.01 4.26
N GLN A 22 -7.33 -6.85 4.67
CA GLN A 22 -7.23 -6.44 6.07
C GLN A 22 -8.45 -5.59 6.50
N SER A 23 -9.02 -4.84 5.54
CA SER A 23 -10.12 -3.91 5.81
C SER A 23 -11.06 -3.80 4.58
N PRO A 24 -12.11 -4.69 4.49
CA PRO A 24 -13.11 -4.68 3.38
C PRO A 24 -14.15 -3.55 3.52
N ASN A 25 -14.31 -3.04 4.74
CA ASN A 25 -15.32 -2.01 5.07
C ASN A 25 -14.86 -0.61 4.64
N SER A 26 -13.57 -0.48 4.30
CA SER A 26 -12.98 0.77 3.82
C SER A 26 -12.72 0.69 2.31
N LYS A 27 -13.07 1.76 1.58
CA LYS A 27 -12.66 1.96 0.20
C LYS A 27 -11.17 2.38 0.18
N VAL A 28 -10.36 1.66 -0.58
CA VAL A 28 -8.92 1.94 -0.69
C VAL A 28 -8.65 2.70 -2.00
N GLN A 29 -8.24 3.96 -1.87
CA GLN A 29 -7.95 4.87 -2.99
C GLN A 29 -6.43 4.93 -3.21
N VAL A 30 -5.97 4.62 -4.44
CA VAL A 30 -4.55 4.78 -4.80
C VAL A 30 -4.18 6.28 -4.75
N ARG A 31 -3.27 6.63 -3.81
CA ARG A 31 -2.94 8.03 -3.52
C ARG A 31 -1.67 8.47 -4.29
N ARG A 32 -0.67 7.57 -4.33
CA ARG A 32 0.61 7.81 -5.04
C ARG A 32 1.25 6.47 -5.45
N VAL A 33 1.89 6.47 -6.62
CA VAL A 33 2.69 5.33 -7.13
C VAL A 33 4.16 5.77 -7.20
N GLN A 34 5.04 5.24 -6.33
CA GLN A 34 6.43 5.68 -6.26
C GLN A 34 7.41 4.50 -6.41
N LYS A 35 8.22 4.54 -7.48
CA LYS A 35 9.24 3.51 -7.77
C LYS A 35 10.48 3.72 -6.90
N GLN A 36 10.99 2.61 -6.32
CA GLN A 36 12.29 2.56 -5.61
C GLN A 36 13.11 1.39 -6.18
N GLY A 37 13.81 1.66 -7.31
CA GLY A 37 14.55 0.63 -8.03
C GLY A 37 13.63 -0.32 -8.79
N ASN A 38 13.27 -1.44 -8.14
CA ASN A 38 12.26 -2.41 -8.66
C ASN A 38 11.07 -2.51 -7.68
N THR A 39 11.25 -1.98 -6.46
CA THR A 39 10.23 -2.01 -5.40
C THR A 39 9.37 -0.75 -5.46
N ILE A 40 8.18 -0.86 -6.06
CA ILE A 40 7.22 0.24 -6.08
C ILE A 40 6.55 0.34 -4.71
N ARG A 41 6.91 1.38 -3.97
CA ARG A 41 6.21 1.77 -2.74
C ARG A 41 5.01 2.64 -3.16
N VAL A 42 3.85 1.97 -3.28
CA VAL A 42 2.56 2.64 -3.54
C VAL A 42 1.97 3.10 -2.20
N GLU A 43 1.70 4.40 -2.11
CA GLU A 43 0.95 5.00 -1.01
C GLU A 43 -0.54 4.98 -1.37
N LEU A 44 -1.38 4.51 -0.44
CA LEU A 44 -2.84 4.46 -0.64
C LEU A 44 -3.56 5.07 0.56
N GLU A 45 -4.86 5.28 0.38
CA GLU A 45 -5.74 5.96 1.31
C GLU A 45 -6.82 4.99 1.77
N LEU A 46 -6.88 4.70 3.05
CA LEU A 46 -7.81 3.74 3.64
C LEU A 46 -8.45 4.40 4.86
N ARG A 47 -9.77 4.36 4.93
CA ARG A 47 -10.54 5.03 5.99
C ARG A 47 -10.96 4.00 7.06
N THR A 48 -10.24 4.01 8.21
CA THR A 48 -10.50 3.10 9.33
C THR A 48 -11.27 3.87 10.41
N ASN A 49 -12.47 3.36 10.80
CA ASN A 49 -13.30 3.93 11.90
C ASN A 49 -13.71 5.40 11.62
N GLY A 50 -13.75 5.76 10.33
CA GLY A 50 -14.12 7.11 9.87
C GLY A 50 -12.91 8.00 9.61
N LYS A 51 -11.77 7.64 10.21
CA LYS A 51 -10.51 8.39 10.10
C LYS A 51 -9.75 7.95 8.84
N LYS A 52 -8.86 8.81 8.33
CA LYS A 52 -8.16 8.59 7.05
C LYS A 52 -6.65 8.34 7.28
N GLU A 53 -6.23 7.07 7.12
CA GLU A 53 -4.83 6.63 7.29
C GLU A 53 -4.19 6.36 5.92
N ASN A 54 -2.90 6.70 5.79
CA ASN A 54 -2.08 6.37 4.60
C ASN A 54 -1.34 5.05 4.83
N TYR A 55 -1.40 4.13 3.87
CA TYR A 55 -0.71 2.82 3.94
C TYR A 55 0.28 2.67 2.78
N THR A 56 1.55 2.49 3.12
CA THR A 56 2.60 2.20 2.16
C THR A 56 2.68 0.68 1.92
N VAL A 57 2.15 0.23 0.78
CA VAL A 57 2.29 -1.16 0.34
C VAL A 57 3.53 -1.24 -0.58
N GLU A 58 4.61 -1.80 -0.05
CA GLU A 58 5.89 -1.90 -0.77
C GLU A 58 5.88 -3.20 -1.58
N VAL A 59 5.60 -3.10 -2.88
CA VAL A 59 5.52 -4.23 -3.81
C VAL A 59 6.79 -4.27 -4.67
N GLU A 60 7.56 -5.35 -4.57
CA GLU A 60 8.84 -5.52 -5.29
C GLU A 60 8.65 -6.42 -6.51
N ARG A 61 9.41 -6.13 -7.58
CA ARG A 61 9.44 -6.98 -8.77
C ARG A 61 10.25 -8.28 -8.48
N GLN A 62 9.77 -9.39 -9.04
CA GLN A 62 10.45 -10.68 -8.98
C GLN A 62 10.25 -11.39 -10.33
N GLY A 63 11.12 -11.04 -11.29
CA GLY A 63 11.03 -11.56 -12.65
C GLY A 63 9.80 -11.01 -13.39
N ASN A 64 8.76 -11.86 -13.54
CA ASN A 64 7.50 -11.48 -14.22
C ASN A 64 6.40 -11.17 -13.20
N THR A 65 6.56 -11.63 -11.95
CA THR A 65 5.54 -11.48 -10.90
C THR A 65 5.89 -10.31 -9.95
N TRP A 66 4.95 -9.99 -9.04
CA TRP A 66 5.10 -8.93 -8.04
C TRP A 66 4.90 -9.53 -6.63
N THR A 67 5.91 -9.40 -5.77
CA THR A 67 5.90 -9.91 -4.39
C THR A 67 5.89 -8.73 -3.38
N VAL A 68 4.84 -8.66 -2.54
CA VAL A 68 4.71 -7.60 -1.51
C VAL A 68 5.68 -7.89 -0.34
N LYS A 69 6.59 -6.93 -0.10
CA LYS A 69 7.61 -7.00 0.95
C LYS A 69 7.00 -6.72 2.32
N ARG A 70 6.34 -5.56 2.44
CA ARG A 70 5.85 -5.06 3.71
C ARG A 70 4.82 -3.95 3.49
N ILE A 71 3.63 -4.13 4.07
CA ILE A 71 2.60 -3.08 4.20
C ILE A 71 2.79 -2.39 5.56
N THR A 72 2.83 -1.06 5.58
CA THR A 72 3.01 -0.27 6.80
C THR A 72 2.07 0.92 6.78
N ARG A 73 1.26 1.06 7.82
CA ARG A 73 0.45 2.25 8.06
C ARG A 73 1.38 3.37 8.57
N THR A 74 1.09 4.62 8.17
CA THR A 74 1.77 5.81 8.69
C THR A 74 1.60 5.88 10.22
N VAL A 75 2.61 6.44 10.93
CA VAL A 75 2.58 6.52 12.40
C VAL A 75 1.40 7.42 12.84
N GLY A 76 0.30 6.74 13.20
CA GLY A 76 -0.90 7.38 13.74
C GLY A 76 -1.17 6.85 15.12
N SER A 77 -0.08 6.57 15.82
CA SER A 77 -0.06 5.96 17.15
C SER A 77 1.15 6.53 17.90
N LEU A 78 1.51 5.94 19.05
CA LEU A 78 2.77 6.26 19.74
C LEU A 78 3.96 5.86 18.88
N GLU A 79 5.03 6.68 18.97
CA GLU A 79 6.28 6.44 18.24
C GLU A 79 7.06 5.29 18.92
N HIS A 80 6.69 4.07 18.50
CA HIS A 80 7.18 2.79 19.05
C HIS A 80 8.72 2.65 18.98
N HIS A 81 9.39 3.10 20.06
CA HIS A 81 10.86 2.92 20.22
C HIS A 81 11.12 1.55 20.88
N HIS A 82 11.89 0.70 20.18
CA HIS A 82 12.31 -0.61 20.68
C HIS A 82 13.84 -0.65 20.73
N HIS A 83 14.40 -1.61 21.49
CA HIS A 83 15.87 -1.72 21.67
C HIS A 83 16.53 -2.37 20.44
N HIS A 84 17.82 -2.03 20.23
CA HIS A 84 18.66 -2.65 19.20
C HIS A 84 19.72 -3.51 19.91
N HIS A 85 19.42 -4.80 20.07
CA HIS A 85 20.34 -5.75 20.73
C HIS A 85 21.37 -6.26 19.68
N MET A 1 5.48 -6.39 -25.61
CA MET A 1 6.44 -5.54 -24.88
C MET A 1 5.72 -4.87 -23.69
N PRO A 2 5.95 -5.37 -22.41
CA PRO A 2 5.28 -4.80 -21.21
C PRO A 2 5.88 -3.43 -20.84
N SER A 3 5.04 -2.38 -20.90
CA SER A 3 5.43 -1.02 -20.50
C SER A 3 5.49 -0.95 -18.97
N GLU A 4 6.46 -0.18 -18.43
CA GLU A 4 6.64 -0.05 -16.97
C GLU A 4 5.41 0.63 -16.33
N GLU A 5 4.74 1.53 -17.09
CA GLU A 5 3.50 2.19 -16.64
C GLU A 5 2.35 1.17 -16.48
N GLU A 6 2.30 0.16 -17.38
CA GLU A 6 1.39 -1.00 -17.26
C GLU A 6 1.70 -1.79 -15.99
N GLU A 7 3.00 -1.86 -15.62
CA GLU A 7 3.45 -2.58 -14.43
C GLU A 7 2.94 -1.89 -13.16
N LYS A 8 3.14 -0.54 -13.03
CA LYS A 8 2.59 0.23 -11.89
C LYS A 8 1.06 0.08 -11.78
N ARG A 9 0.37 0.02 -12.94
CA ARG A 9 -1.10 -0.16 -13.00
C ARG A 9 -1.50 -1.50 -12.33
N GLN A 10 -0.73 -2.56 -12.64
CA GLN A 10 -0.88 -3.89 -12.02
C GLN A 10 -0.57 -3.83 -10.50
N VAL A 11 0.51 -3.10 -10.14
CA VAL A 11 1.02 -2.99 -8.76
C VAL A 11 -0.02 -2.30 -7.83
N LYS A 12 -0.72 -1.28 -8.35
CA LYS A 12 -1.76 -0.53 -7.59
C LYS A 12 -2.94 -1.44 -7.25
N GLN A 13 -3.25 -2.36 -8.21
CA GLN A 13 -4.28 -3.38 -8.01
C GLN A 13 -3.83 -4.38 -6.93
N VAL A 14 -2.59 -4.89 -7.05
CA VAL A 14 -2.00 -5.84 -6.06
C VAL A 14 -1.96 -5.20 -4.65
N ALA A 15 -1.77 -3.88 -4.62
CA ALA A 15 -1.70 -3.08 -3.39
C ALA A 15 -3.09 -2.93 -2.71
N LYS A 16 -4.10 -2.53 -3.52
CA LYS A 16 -5.45 -2.19 -3.03
C LYS A 16 -6.18 -3.44 -2.53
N GLU A 17 -5.97 -4.59 -3.22
CA GLU A 17 -6.63 -5.86 -2.90
C GLU A 17 -6.22 -6.35 -1.51
N LYS A 18 -4.92 -6.19 -1.18
CA LYS A 18 -4.35 -6.65 0.11
C LYS A 18 -4.77 -5.73 1.27
N LEU A 19 -5.01 -4.45 0.96
CA LEU A 19 -5.61 -3.47 1.91
C LEU A 19 -7.11 -3.78 2.14
N LEU A 20 -7.79 -4.30 1.10
CA LEU A 20 -9.19 -4.78 1.20
C LEU A 20 -9.24 -6.08 2.03
N GLU A 21 -8.17 -6.91 1.94
CA GLU A 21 -8.05 -8.15 2.74
C GLU A 21 -8.01 -7.83 4.24
N GLN A 22 -7.23 -6.79 4.58
CA GLN A 22 -7.04 -6.33 5.97
C GLN A 22 -8.31 -5.63 6.50
N SER A 23 -8.92 -4.79 5.65
CA SER A 23 -10.12 -4.02 6.02
C SER A 23 -11.12 -4.00 4.86
N PRO A 24 -12.08 -4.98 4.84
CA PRO A 24 -13.29 -4.92 3.98
C PRO A 24 -14.30 -3.86 4.48
N ASN A 25 -14.06 -3.39 5.72
CA ASN A 25 -14.86 -2.36 6.38
C ASN A 25 -14.65 -0.99 5.73
N SER A 26 -13.49 -0.81 5.07
CA SER A 26 -13.09 0.45 4.44
C SER A 26 -12.94 0.27 2.93
N LYS A 27 -13.26 1.33 2.17
CA LYS A 27 -13.03 1.37 0.73
C LYS A 27 -11.69 2.08 0.50
N VAL A 28 -10.76 1.37 -0.14
CA VAL A 28 -9.37 1.82 -0.32
C VAL A 28 -9.21 2.45 -1.72
N GLN A 29 -8.53 3.59 -1.78
CA GLN A 29 -8.31 4.34 -3.04
C GLN A 29 -6.83 4.69 -3.16
N VAL A 30 -6.24 4.46 -4.35
CA VAL A 30 -4.83 4.75 -4.63
C VAL A 30 -4.54 6.26 -4.43
N ARG A 31 -3.63 6.56 -3.48
CA ARG A 31 -3.34 7.94 -3.05
C ARG A 31 -2.20 8.51 -3.90
N ARG A 32 -1.11 7.73 -4.02
CA ARG A 32 0.10 8.12 -4.77
C ARG A 32 0.93 6.87 -5.11
N VAL A 33 1.68 6.91 -6.22
CA VAL A 33 2.63 5.85 -6.61
C VAL A 33 4.07 6.40 -6.57
N GLN A 34 4.95 5.69 -5.87
CA GLN A 34 6.38 6.01 -5.77
C GLN A 34 7.17 4.84 -6.39
N LYS A 35 8.21 5.15 -7.17
CA LYS A 35 9.06 4.16 -7.84
C LYS A 35 10.42 4.14 -7.10
N GLN A 36 10.80 2.98 -6.54
CA GLN A 36 12.06 2.79 -5.80
C GLN A 36 12.77 1.53 -6.34
N GLY A 37 13.37 1.68 -7.54
CA GLY A 37 14.07 0.58 -8.22
C GLY A 37 13.14 -0.57 -8.58
N ASN A 38 13.37 -1.73 -7.96
CA ASN A 38 12.57 -2.95 -8.21
C ASN A 38 11.28 -2.94 -7.39
N THR A 39 11.27 -2.15 -6.30
CA THR A 39 10.12 -2.04 -5.38
C THR A 39 9.31 -0.76 -5.69
N ILE A 40 8.15 -0.93 -6.33
CA ILE A 40 7.19 0.16 -6.54
C ILE A 40 6.31 0.29 -5.28
N ARG A 41 6.53 1.38 -4.55
CA ARG A 41 5.81 1.71 -3.32
C ARG A 41 4.55 2.51 -3.63
N VAL A 42 3.40 1.82 -3.74
CA VAL A 42 2.11 2.49 -3.97
C VAL A 42 1.50 2.86 -2.61
N GLU A 43 1.44 4.17 -2.34
CA GLU A 43 0.68 4.71 -1.20
C GLU A 43 -0.82 4.72 -1.54
N LEU A 44 -1.66 4.25 -0.61
CA LEU A 44 -3.14 4.30 -0.76
C LEU A 44 -3.76 4.86 0.50
N GLU A 45 -5.04 5.18 0.41
CA GLU A 45 -5.82 5.74 1.51
C GLU A 45 -6.82 4.67 1.98
N LEU A 46 -6.86 4.43 3.28
CA LEU A 46 -7.72 3.44 3.93
C LEU A 46 -8.23 4.08 5.23
N ARG A 47 -9.54 3.92 5.47
CA ARG A 47 -10.25 4.68 6.49
C ARG A 47 -10.50 3.82 7.74
N THR A 48 -9.67 3.98 8.78
CA THR A 48 -9.86 3.24 10.05
C THR A 48 -11.08 3.84 10.79
N ASN A 49 -12.28 3.31 10.45
CA ASN A 49 -13.59 3.84 10.89
C ASN A 49 -13.79 5.30 10.41
N GLY A 50 -13.20 5.61 9.23
CA GLY A 50 -13.23 6.96 8.65
C GLY A 50 -11.94 7.75 8.86
N LYS A 51 -11.03 7.26 9.72
CA LYS A 51 -9.74 7.95 9.98
C LYS A 51 -8.79 7.75 8.81
N LYS A 52 -8.22 8.86 8.31
CA LYS A 52 -7.40 8.89 7.11
C LYS A 52 -5.97 8.46 7.44
N GLU A 53 -5.54 7.32 6.88
CA GLU A 53 -4.12 6.87 6.93
C GLU A 53 -3.63 6.52 5.51
N ASN A 54 -2.38 6.91 5.22
CA ASN A 54 -1.68 6.53 3.98
C ASN A 54 -0.86 5.25 4.24
N TYR A 55 -1.12 4.20 3.46
CA TYR A 55 -0.42 2.92 3.55
C TYR A 55 0.51 2.78 2.36
N THR A 56 1.80 2.72 2.64
CA THR A 56 2.83 2.54 1.61
C THR A 56 3.02 1.04 1.42
N VAL A 57 2.39 0.52 0.37
CA VAL A 57 2.43 -0.89 0.03
C VAL A 57 3.60 -1.11 -0.92
N GLU A 58 4.67 -1.66 -0.37
CA GLU A 58 5.93 -1.86 -1.05
C GLU A 58 5.88 -3.19 -1.81
N VAL A 59 5.66 -3.09 -3.14
CA VAL A 59 5.47 -4.23 -4.03
C VAL A 59 6.69 -4.34 -4.98
N GLU A 60 7.48 -5.40 -4.83
CA GLU A 60 8.75 -5.59 -5.58
C GLU A 60 8.58 -6.65 -6.68
N ARG A 61 9.33 -6.48 -7.77
CA ARG A 61 9.42 -7.45 -8.86
C ARG A 61 10.31 -8.63 -8.43
N GLN A 62 9.71 -9.80 -8.26
CA GLN A 62 10.42 -11.06 -8.03
C GLN A 62 10.03 -12.03 -9.16
N GLY A 63 11.01 -12.34 -10.02
CA GLY A 63 10.79 -13.15 -11.21
C GLY A 63 10.07 -12.35 -12.29
N ASN A 64 8.81 -12.69 -12.53
CA ASN A 64 7.93 -11.97 -13.49
C ASN A 64 6.67 -11.48 -12.77
N THR A 65 6.61 -11.67 -11.44
CA THR A 65 5.44 -11.33 -10.63
C THR A 65 5.73 -10.14 -9.70
N TRP A 66 4.68 -9.33 -9.44
CA TRP A 66 4.72 -8.22 -8.47
C TRP A 66 4.17 -8.70 -7.13
N THR A 67 5.06 -8.78 -6.13
CA THR A 67 4.75 -9.37 -4.81
C THR A 67 4.79 -8.27 -3.71
N VAL A 68 3.74 -8.21 -2.87
CA VAL A 68 3.70 -7.31 -1.71
C VAL A 68 4.70 -7.80 -0.64
N LYS A 69 5.79 -7.05 -0.51
CA LYS A 69 6.84 -7.30 0.50
C LYS A 69 6.27 -7.05 1.90
N ARG A 70 5.68 -5.86 2.05
CA ARG A 70 5.08 -5.40 3.31
C ARG A 70 4.15 -4.21 3.03
N ILE A 71 3.30 -3.89 4.02
CA ILE A 71 2.39 -2.73 3.99
C ILE A 71 2.70 -1.83 5.20
N THR A 72 3.32 -0.67 4.93
CA THR A 72 3.76 0.27 5.97
C THR A 72 2.66 1.33 6.21
N ARG A 73 1.92 1.19 7.32
CA ARG A 73 0.89 2.18 7.73
C ARG A 73 1.58 3.37 8.41
N THR A 74 1.18 4.60 8.03
CA THR A 74 1.59 5.82 8.74
C THR A 74 0.64 6.07 9.94
N VAL A 75 1.17 6.70 10.99
CA VAL A 75 0.39 7.07 12.18
C VAL A 75 0.42 8.59 12.35
N GLY A 76 -0.69 9.18 12.84
CA GLY A 76 -0.80 10.64 13.03
C GLY A 76 0.18 11.17 14.08
N SER A 77 0.28 10.44 15.20
CA SER A 77 1.19 10.77 16.31
C SER A 77 1.70 9.49 16.97
N LEU A 78 2.72 9.61 17.84
CA LEU A 78 3.43 8.45 18.43
C LEU A 78 4.01 8.80 19.82
N GLU A 79 3.38 9.78 20.50
CA GLU A 79 3.87 10.32 21.79
C GLU A 79 2.76 10.42 22.86
N HIS A 80 3.16 10.90 24.03
CA HIS A 80 2.26 11.38 25.09
C HIS A 80 2.97 12.60 25.72
N HIS A 81 2.51 13.80 25.37
CA HIS A 81 3.15 15.06 25.77
C HIS A 81 3.08 15.26 27.29
N HIS A 82 4.17 15.78 27.86
CA HIS A 82 4.21 16.20 29.27
C HIS A 82 3.45 17.55 29.40
N HIS A 83 3.07 17.89 30.65
CA HIS A 83 2.15 19.01 31.01
C HIS A 83 0.78 18.93 30.27
N HIS A 84 -0.13 19.84 30.62
CA HIS A 84 -1.49 19.92 30.01
C HIS A 84 -1.79 21.38 29.62
N HIS A 85 -2.59 21.57 28.56
CA HIS A 85 -2.99 22.90 28.06
C HIS A 85 -4.20 23.41 28.90
N MET A 1 6.28 -4.32 -26.83
CA MET A 1 5.94 -3.03 -26.18
C MET A 1 6.24 -3.12 -24.67
N PRO A 2 7.04 -2.16 -24.08
CA PRO A 2 7.28 -2.12 -22.62
C PRO A 2 5.97 -1.92 -21.82
N SER A 3 5.55 -2.97 -21.10
CA SER A 3 4.33 -2.97 -20.29
C SER A 3 4.55 -2.29 -18.92
N GLU A 4 5.67 -1.53 -18.79
CA GLU A 4 6.08 -0.81 -17.56
C GLU A 4 4.94 0.04 -16.95
N GLU A 5 4.11 0.64 -17.83
CA GLU A 5 2.97 1.49 -17.41
C GLU A 5 1.80 0.63 -16.91
N GLU A 6 1.62 -0.53 -17.56
CA GLU A 6 0.63 -1.54 -17.16
C GLU A 6 1.08 -2.24 -15.86
N GLU A 7 2.40 -2.20 -15.57
CA GLU A 7 2.92 -2.78 -14.32
C GLU A 7 2.35 -2.03 -13.12
N LYS A 8 2.41 -0.67 -13.12
CA LYS A 8 1.86 0.15 -12.01
C LYS A 8 0.34 -0.03 -11.85
N ARG A 9 -0.34 -0.40 -12.96
CA ARG A 9 -1.78 -0.76 -12.93
C ARG A 9 -1.99 -2.03 -12.06
N GLN A 10 -1.11 -3.02 -12.29
CA GLN A 10 -1.11 -4.29 -11.55
C GLN A 10 -0.66 -4.07 -10.09
N VAL A 11 0.32 -3.16 -9.89
CA VAL A 11 0.95 -2.91 -8.57
C VAL A 11 -0.04 -2.30 -7.57
N LYS A 12 -0.74 -1.22 -7.98
CA LYS A 12 -1.73 -0.54 -7.12
C LYS A 12 -2.93 -1.46 -6.82
N GLN A 13 -3.28 -2.31 -7.80
CA GLN A 13 -4.35 -3.30 -7.66
C GLN A 13 -3.99 -4.34 -6.59
N VAL A 14 -2.81 -4.97 -6.75
CA VAL A 14 -2.30 -5.97 -5.78
C VAL A 14 -2.17 -5.34 -4.37
N ALA A 15 -1.74 -4.07 -4.33
CA ALA A 15 -1.55 -3.32 -3.09
C ALA A 15 -2.89 -3.06 -2.36
N LYS A 16 -3.94 -2.67 -3.14
CA LYS A 16 -5.26 -2.37 -2.57
C LYS A 16 -5.96 -3.66 -2.13
N GLU A 17 -5.67 -4.78 -2.84
CA GLU A 17 -6.25 -6.09 -2.55
C GLU A 17 -5.77 -6.60 -1.19
N LYS A 18 -4.48 -6.37 -0.87
CA LYS A 18 -3.92 -6.80 0.44
C LYS A 18 -4.43 -5.89 1.57
N LEU A 19 -4.77 -4.62 1.23
CA LEU A 19 -5.48 -3.70 2.14
C LEU A 19 -6.94 -4.15 2.33
N LEU A 20 -7.52 -4.78 1.29
CA LEU A 20 -8.89 -5.36 1.33
C LEU A 20 -8.88 -6.73 2.04
N GLU A 21 -7.69 -7.37 2.17
CA GLU A 21 -7.53 -8.61 2.97
C GLU A 21 -7.63 -8.27 4.46
N GLN A 22 -7.02 -7.15 4.84
CA GLN A 22 -7.03 -6.63 6.23
C GLN A 22 -8.38 -5.97 6.54
N SER A 23 -8.95 -5.28 5.53
CA SER A 23 -10.15 -4.46 5.69
C SER A 23 -10.92 -4.35 4.33
N PRO A 24 -11.82 -5.34 4.01
CA PRO A 24 -12.63 -5.29 2.77
C PRO A 24 -13.83 -4.34 2.88
N ASN A 25 -14.23 -4.00 4.12
CA ASN A 25 -15.43 -3.18 4.42
C ASN A 25 -15.14 -1.69 4.15
N SER A 26 -13.86 -1.31 4.12
CA SER A 26 -13.44 0.08 3.87
C SER A 26 -13.00 0.25 2.41
N LYS A 27 -13.35 1.41 1.82
CA LYS A 27 -12.99 1.77 0.43
C LYS A 27 -11.51 2.21 0.37
N VAL A 28 -10.70 1.49 -0.42
CA VAL A 28 -9.27 1.76 -0.57
C VAL A 28 -9.03 2.59 -1.85
N GLN A 29 -8.61 3.83 -1.65
CA GLN A 29 -8.18 4.74 -2.73
C GLN A 29 -6.66 4.67 -2.88
N VAL A 30 -6.11 5.35 -3.90
CA VAL A 30 -4.65 5.57 -4.03
C VAL A 30 -4.32 7.03 -3.69
N ARG A 31 -3.24 7.26 -2.91
CA ARG A 31 -2.81 8.61 -2.52
C ARG A 31 -1.60 9.06 -3.38
N ARG A 32 -0.55 8.23 -3.39
CA ARG A 32 0.72 8.51 -4.09
C ARG A 32 1.40 7.18 -4.46
N VAL A 33 2.13 7.16 -5.58
CA VAL A 33 2.90 6.00 -6.04
C VAL A 33 4.37 6.41 -6.17
N GLN A 34 5.25 5.76 -5.41
CA GLN A 34 6.69 6.05 -5.42
C GLN A 34 7.46 4.83 -5.92
N LYS A 35 8.03 4.94 -7.13
CA LYS A 35 8.83 3.87 -7.75
C LYS A 35 10.27 4.01 -7.20
N GLN A 36 10.75 2.98 -6.48
CA GLN A 36 12.09 2.99 -5.88
C GLN A 36 12.81 1.67 -6.23
N GLY A 37 13.54 1.69 -7.36
CA GLY A 37 14.40 0.57 -7.78
C GLY A 37 13.63 -0.68 -8.19
N ASN A 38 13.74 -1.73 -7.38
CA ASN A 38 13.01 -3.00 -7.60
C ASN A 38 11.73 -3.06 -6.77
N THR A 39 11.43 -2.00 -5.99
CA THR A 39 10.27 -1.97 -5.09
C THR A 39 9.47 -0.67 -5.29
N ILE A 40 8.28 -0.77 -5.90
CA ILE A 40 7.36 0.35 -6.01
C ILE A 40 6.53 0.43 -4.71
N ARG A 41 6.82 1.44 -3.88
CA ARG A 41 6.09 1.72 -2.65
C ARG A 41 4.88 2.60 -2.98
N VAL A 42 3.73 1.94 -3.17
CA VAL A 42 2.45 2.61 -3.42
C VAL A 42 1.81 2.96 -2.09
N GLU A 43 1.70 4.25 -1.82
CA GLU A 43 1.01 4.80 -0.65
C GLU A 43 -0.48 4.97 -1.00
N LEU A 44 -1.34 4.08 -0.51
CA LEU A 44 -2.79 4.15 -0.77
C LEU A 44 -3.48 4.83 0.41
N GLU A 45 -4.74 5.23 0.19
CA GLU A 45 -5.53 5.91 1.21
C GLU A 45 -6.75 5.05 1.59
N LEU A 46 -6.66 4.43 2.77
CA LEU A 46 -7.73 3.59 3.34
C LEU A 46 -8.34 4.38 4.50
N ARG A 47 -9.68 4.50 4.50
CA ARG A 47 -10.41 5.27 5.53
C ARG A 47 -10.97 4.27 6.56
N THR A 48 -10.29 4.20 7.71
CA THR A 48 -10.59 3.27 8.80
C THR A 48 -11.49 3.96 9.84
N ASN A 49 -12.79 3.58 9.88
CA ASN A 49 -13.80 4.14 10.83
C ASN A 49 -13.99 5.66 10.65
N GLY A 50 -13.76 6.14 9.41
CA GLY A 50 -13.88 7.56 9.08
C GLY A 50 -12.53 8.28 9.09
N LYS A 51 -11.53 7.70 9.77
CA LYS A 51 -10.16 8.26 9.84
C LYS A 51 -9.46 8.04 8.49
N LYS A 52 -8.98 9.12 7.89
CA LYS A 52 -8.24 9.08 6.62
C LYS A 52 -6.78 8.73 6.91
N GLU A 53 -6.36 7.52 6.51
CA GLU A 53 -5.00 7.01 6.75
C GLU A 53 -4.35 6.56 5.45
N ASN A 54 -3.03 6.77 5.34
CA ASN A 54 -2.24 6.35 4.17
C ASN A 54 -1.36 5.14 4.56
N TYR A 55 -1.39 4.08 3.75
CA TYR A 55 -0.61 2.86 3.97
C TYR A 55 0.41 2.73 2.83
N THR A 56 1.70 2.73 3.19
CA THR A 56 2.80 2.54 2.24
C THR A 56 3.01 1.03 2.03
N VAL A 57 2.50 0.53 0.91
CA VAL A 57 2.60 -0.88 0.52
C VAL A 57 3.81 -1.06 -0.41
N GLU A 58 4.83 -1.74 0.11
CA GLU A 58 6.05 -2.06 -0.63
C GLU A 58 5.77 -3.27 -1.54
N VAL A 59 5.66 -3.03 -2.84
CA VAL A 59 5.45 -4.09 -3.85
C VAL A 59 6.71 -4.22 -4.71
N GLU A 60 7.37 -5.38 -4.61
CA GLU A 60 8.70 -5.63 -5.22
C GLU A 60 8.55 -6.48 -6.50
N ARG A 61 9.54 -6.39 -7.41
CA ARG A 61 9.53 -7.07 -8.70
C ARG A 61 10.17 -8.45 -8.57
N GLN A 62 9.51 -9.46 -9.12
CA GLN A 62 9.98 -10.85 -9.10
C GLN A 62 9.65 -11.51 -10.47
N GLY A 63 10.62 -11.44 -11.39
CA GLY A 63 10.48 -12.02 -12.73
C GLY A 63 9.46 -11.26 -13.60
N ASN A 64 8.25 -11.84 -13.75
CA ASN A 64 7.12 -11.24 -14.51
C ASN A 64 5.94 -10.91 -13.57
N THR A 65 6.12 -11.15 -12.26
CA THR A 65 5.08 -10.92 -11.24
C THR A 65 5.53 -9.84 -10.25
N TRP A 66 4.58 -9.35 -9.45
CA TRP A 66 4.81 -8.40 -8.35
C TRP A 66 4.42 -9.06 -7.02
N THR A 67 5.26 -8.90 -5.99
CA THR A 67 5.10 -9.53 -4.67
C THR A 67 5.12 -8.46 -3.56
N VAL A 68 4.05 -8.40 -2.75
CA VAL A 68 3.95 -7.46 -1.62
C VAL A 68 4.86 -7.91 -0.47
N LYS A 69 5.87 -7.09 -0.17
CA LYS A 69 6.83 -7.32 0.91
C LYS A 69 6.17 -7.03 2.27
N ARG A 70 5.66 -5.80 2.43
CA ARG A 70 5.03 -5.36 3.68
C ARG A 70 4.13 -4.14 3.44
N ILE A 71 3.05 -4.05 4.23
CA ILE A 71 2.20 -2.86 4.32
C ILE A 71 2.50 -2.14 5.65
N THR A 72 3.19 -1.00 5.56
CA THR A 72 3.51 -0.15 6.70
C THR A 72 2.69 1.15 6.60
N ARG A 73 1.79 1.36 7.57
CA ARG A 73 0.98 2.59 7.65
C ARG A 73 1.89 3.78 8.01
N THR A 74 1.56 4.96 7.47
CA THR A 74 2.33 6.18 7.69
C THR A 74 2.30 6.54 9.18
N VAL A 75 3.48 6.91 9.71
CA VAL A 75 3.63 7.31 11.12
C VAL A 75 3.47 8.84 11.23
N GLY A 76 3.02 9.31 12.40
CA GLY A 76 2.85 10.75 12.67
C GLY A 76 2.67 11.01 14.15
N SER A 77 3.52 10.35 14.96
CA SER A 77 3.49 10.42 16.44
C SER A 77 4.19 11.72 16.93
N LEU A 78 4.35 11.86 18.27
CA LEU A 78 5.08 12.98 18.88
C LEU A 78 6.60 12.78 18.68
N GLU A 79 7.04 13.04 17.45
CA GLU A 79 8.44 12.79 17.01
C GLU A 79 9.20 14.11 16.89
N HIS A 80 10.53 14.00 16.77
CA HIS A 80 11.45 15.13 16.77
C HIS A 80 11.33 15.94 15.46
N HIS A 81 10.54 17.03 15.52
CA HIS A 81 10.36 17.98 14.41
C HIS A 81 11.67 18.76 14.20
N HIS A 82 12.13 18.81 12.93
CA HIS A 82 13.46 19.30 12.55
C HIS A 82 14.56 18.41 13.17
N HIS A 83 14.87 17.31 12.47
CA HIS A 83 15.83 16.29 12.93
C HIS A 83 16.92 16.03 11.87
N HIS A 84 17.02 16.94 10.86
CA HIS A 84 18.13 16.95 9.88
C HIS A 84 18.41 18.38 9.42
N HIS A 85 19.64 18.61 8.92
CA HIS A 85 20.07 19.89 8.33
C HIS A 85 19.68 19.95 6.83
N MET A 1 -1.50 -5.80 -25.25
CA MET A 1 -0.36 -6.38 -24.50
C MET A 1 0.06 -5.44 -23.35
N PRO A 2 0.58 -5.99 -22.19
CA PRO A 2 0.95 -5.18 -21.01
C PRO A 2 2.16 -4.24 -21.26
N SER A 3 1.91 -2.93 -21.24
CA SER A 3 2.95 -1.89 -21.39
C SER A 3 3.69 -1.64 -20.05
N GLU A 4 4.68 -0.73 -20.07
CA GLU A 4 5.39 -0.28 -18.85
C GLU A 4 4.43 0.39 -17.84
N GLU A 5 3.30 0.91 -18.36
CA GLU A 5 2.22 1.48 -17.53
C GLU A 5 1.49 0.38 -16.76
N GLU A 6 1.23 -0.75 -17.45
CA GLU A 6 0.45 -1.88 -16.89
C GLU A 6 1.15 -2.54 -15.72
N GLU A 7 2.48 -2.35 -15.62
CA GLU A 7 3.27 -2.75 -14.45
C GLU A 7 2.69 -2.08 -13.19
N LYS A 8 2.62 -0.73 -13.22
CA LYS A 8 2.17 0.09 -12.06
C LYS A 8 0.66 -0.11 -11.81
N ARG A 9 -0.11 -0.35 -12.90
CA ARG A 9 -1.56 -0.68 -12.82
C ARG A 9 -1.78 -1.91 -11.91
N GLN A 10 -0.97 -2.95 -12.18
CA GLN A 10 -0.97 -4.21 -11.43
C GLN A 10 -0.51 -3.98 -9.98
N VAL A 11 0.57 -3.21 -9.78
CA VAL A 11 1.17 -2.96 -8.45
C VAL A 11 0.18 -2.27 -7.48
N LYS A 12 -0.53 -1.24 -7.99
CA LYS A 12 -1.54 -0.49 -7.22
C LYS A 12 -2.72 -1.40 -6.87
N GLN A 13 -3.03 -2.33 -7.79
CA GLN A 13 -4.07 -3.36 -7.59
C GLN A 13 -3.66 -4.31 -6.44
N VAL A 14 -2.44 -4.87 -6.52
CA VAL A 14 -1.92 -5.80 -5.50
C VAL A 14 -1.96 -5.14 -4.11
N ALA A 15 -1.48 -3.89 -4.07
CA ALA A 15 -1.41 -3.08 -2.84
C ALA A 15 -2.80 -2.84 -2.21
N LYS A 16 -3.79 -2.44 -3.07
CA LYS A 16 -5.15 -2.09 -2.61
C LYS A 16 -5.93 -3.33 -2.14
N GLU A 17 -5.70 -4.48 -2.82
CA GLU A 17 -6.38 -5.75 -2.50
C GLU A 17 -5.91 -6.30 -1.15
N LYS A 18 -4.61 -6.09 -0.84
CA LYS A 18 -4.01 -6.48 0.46
C LYS A 18 -4.59 -5.63 1.61
N LEU A 19 -4.86 -4.36 1.32
CA LEU A 19 -5.52 -3.42 2.25
C LEU A 19 -6.98 -3.83 2.50
N LEU A 20 -7.61 -4.41 1.46
CA LEU A 20 -8.97 -4.97 1.53
C LEU A 20 -9.01 -6.29 2.32
N GLU A 21 -7.87 -7.00 2.34
CA GLU A 21 -7.70 -8.21 3.17
C GLU A 21 -7.72 -7.84 4.66
N GLN A 22 -7.06 -6.72 5.00
CA GLN A 22 -6.99 -6.19 6.38
C GLN A 22 -8.34 -5.58 6.81
N SER A 23 -8.96 -4.86 5.87
CA SER A 23 -10.21 -4.13 6.11
C SER A 23 -11.10 -4.22 4.86
N PRO A 24 -12.14 -5.14 4.85
CA PRO A 24 -13.17 -5.17 3.78
C PRO A 24 -14.26 -4.09 3.99
N ASN A 25 -14.15 -3.36 5.11
CA ASN A 25 -15.07 -2.30 5.54
C ASN A 25 -14.47 -0.92 5.23
N SER A 26 -13.50 -0.86 4.27
CA SER A 26 -12.78 0.39 3.95
C SER A 26 -12.85 0.72 2.45
N LYS A 27 -12.73 2.02 2.12
CA LYS A 27 -12.44 2.48 0.75
C LYS A 27 -10.93 2.75 0.64
N VAL A 28 -10.27 2.06 -0.31
CA VAL A 28 -8.85 2.24 -0.57
C VAL A 28 -8.67 3.13 -1.82
N GLN A 29 -8.12 4.33 -1.62
CA GLN A 29 -7.68 5.23 -2.69
C GLN A 29 -6.17 5.05 -2.89
N VAL A 30 -5.65 5.45 -4.06
CA VAL A 30 -4.19 5.50 -4.30
C VAL A 30 -3.72 6.97 -4.12
N ARG A 31 -2.83 7.19 -3.14
CA ARG A 31 -2.38 8.53 -2.75
C ARG A 31 -1.19 8.98 -3.64
N ARG A 32 -0.12 8.17 -3.65
CA ARG A 32 1.16 8.52 -4.31
C ARG A 32 1.94 7.24 -4.64
N VAL A 33 2.65 7.22 -5.79
CA VAL A 33 3.43 6.05 -6.24
C VAL A 33 4.88 6.46 -6.56
N GLN A 34 5.84 5.80 -5.88
CA GLN A 34 7.29 5.88 -6.19
C GLN A 34 7.72 4.56 -6.84
N LYS A 35 8.42 4.64 -7.99
CA LYS A 35 9.02 3.46 -8.64
C LYS A 35 10.53 3.53 -8.38
N GLN A 36 11.06 2.65 -7.52
CA GLN A 36 12.48 2.64 -7.13
C GLN A 36 13.10 1.26 -7.45
N GLY A 37 13.70 1.15 -8.65
CA GLY A 37 14.36 -0.07 -9.11
C GLY A 37 13.38 -1.18 -9.42
N ASN A 38 13.21 -2.10 -8.46
CA ASN A 38 12.17 -3.16 -8.53
C ASN A 38 11.08 -2.91 -7.49
N THR A 39 11.45 -2.27 -6.36
CA THR A 39 10.52 -2.00 -5.26
C THR A 39 9.73 -0.72 -5.54
N ILE A 40 8.47 -0.89 -5.98
CA ILE A 40 7.53 0.22 -6.16
C ILE A 40 6.77 0.45 -4.83
N ARG A 41 7.03 1.61 -4.21
CA ARG A 41 6.33 2.07 -3.01
C ARG A 41 5.00 2.72 -3.41
N VAL A 42 3.91 1.97 -3.33
CA VAL A 42 2.56 2.53 -3.53
C VAL A 42 2.03 2.96 -2.16
N GLU A 43 1.99 4.27 -1.96
CA GLU A 43 1.30 4.90 -0.83
C GLU A 43 -0.19 5.03 -1.19
N LEU A 44 -1.05 4.45 -0.36
CA LEU A 44 -2.50 4.47 -0.56
C LEU A 44 -3.17 5.23 0.59
N GLU A 45 -4.34 5.81 0.32
CA GLU A 45 -5.15 6.50 1.34
C GLU A 45 -6.43 5.69 1.59
N LEU A 46 -6.46 4.97 2.73
CA LEU A 46 -7.54 4.05 3.11
C LEU A 46 -8.45 4.72 4.16
N ARG A 47 -9.73 4.30 4.23
CA ARG A 47 -10.71 4.81 5.22
C ARG A 47 -11.42 3.63 5.93
N THR A 48 -10.94 3.24 7.14
CA THR A 48 -11.57 2.20 7.97
C THR A 48 -12.77 2.81 8.71
N ASN A 49 -13.99 2.54 8.21
CA ASN A 49 -15.26 3.04 8.80
C ASN A 49 -15.30 4.59 8.76
N GLY A 50 -14.58 5.18 7.77
CA GLY A 50 -14.47 6.63 7.62
C GLY A 50 -13.18 7.20 8.20
N LYS A 51 -12.54 6.46 9.12
CA LYS A 51 -11.27 6.87 9.73
C LYS A 51 -10.15 6.81 8.69
N LYS A 52 -9.46 7.94 8.48
CA LYS A 52 -8.51 8.09 7.37
C LYS A 52 -7.13 7.64 7.85
N GLU A 53 -6.67 6.53 7.27
CA GLU A 53 -5.36 5.94 7.55
C GLU A 53 -4.62 5.71 6.22
N ASN A 54 -3.52 6.46 5.99
CA ASN A 54 -2.65 6.26 4.83
C ASN A 54 -1.72 5.07 5.11
N TYR A 55 -1.60 4.18 4.13
CA TYR A 55 -0.64 3.06 4.16
C TYR A 55 0.42 3.24 3.07
N THR A 56 1.44 2.39 3.12
CA THR A 56 2.51 2.31 2.12
C THR A 56 2.87 0.84 1.98
N VAL A 57 2.39 0.25 0.89
CA VAL A 57 2.62 -1.15 0.57
C VAL A 57 3.76 -1.21 -0.46
N GLU A 58 4.95 -1.61 0.02
CA GLU A 58 6.15 -1.75 -0.82
C GLU A 58 6.08 -3.09 -1.57
N VAL A 59 5.72 -3.00 -2.86
CA VAL A 59 5.57 -4.15 -3.75
C VAL A 59 6.78 -4.19 -4.71
N GLU A 60 7.59 -5.23 -4.61
CA GLU A 60 8.79 -5.43 -5.45
C GLU A 60 8.49 -6.47 -6.54
N ARG A 61 9.22 -6.39 -7.66
CA ARG A 61 9.08 -7.36 -8.77
C ARG A 61 9.85 -8.66 -8.48
N GLN A 62 9.21 -9.78 -8.84
CA GLN A 62 9.81 -11.12 -8.81
C GLN A 62 9.61 -11.74 -10.20
N GLY A 63 10.68 -11.77 -11.01
CA GLY A 63 10.59 -12.21 -12.41
C GLY A 63 9.80 -11.21 -13.26
N ASN A 64 8.59 -11.60 -13.70
CA ASN A 64 7.64 -10.68 -14.38
C ASN A 64 6.54 -10.23 -13.40
N THR A 65 6.33 -11.03 -12.32
CA THR A 65 5.22 -10.83 -11.38
C THR A 65 5.62 -9.83 -10.29
N TRP A 66 4.66 -9.47 -9.42
CA TRP A 66 4.88 -8.48 -8.34
C TRP A 66 4.49 -9.13 -7.00
N THR A 67 5.18 -8.72 -5.92
CA THR A 67 5.07 -9.39 -4.61
C THR A 67 5.23 -8.35 -3.47
N VAL A 68 4.35 -8.46 -2.46
CA VAL A 68 4.31 -7.51 -1.33
C VAL A 68 5.31 -7.92 -0.24
N LYS A 69 6.13 -6.96 0.20
CA LYS A 69 7.07 -7.15 1.30
C LYS A 69 6.35 -7.00 2.64
N ARG A 70 5.60 -5.89 2.77
CA ARG A 70 4.88 -5.54 4.00
C ARG A 70 3.91 -4.38 3.73
N ILE A 71 3.01 -4.16 4.70
CA ILE A 71 2.08 -3.01 4.71
C ILE A 71 2.38 -2.15 5.93
N THR A 72 2.96 -0.96 5.71
CA THR A 72 3.26 -0.01 6.79
C THR A 72 2.22 1.11 6.80
N ARG A 73 1.57 1.31 7.96
CA ARG A 73 0.69 2.47 8.16
C ARG A 73 1.56 3.69 8.55
N THR A 74 1.12 4.89 8.12
CA THR A 74 1.74 6.16 8.54
C THR A 74 1.56 6.38 10.06
N VAL A 75 2.50 7.11 10.69
CA VAL A 75 2.37 7.50 12.09
C VAL A 75 1.14 8.44 12.22
N GLY A 76 0.12 7.91 12.89
CA GLY A 76 -1.22 8.50 12.97
C GLY A 76 -2.25 7.44 13.24
N SER A 77 -3.35 7.80 13.93
CA SER A 77 -4.43 6.87 14.32
C SER A 77 -3.91 5.82 15.33
N LEU A 78 -2.93 6.23 16.16
CA LEU A 78 -2.29 5.35 17.17
C LEU A 78 -2.46 5.95 18.58
N GLU A 79 -1.92 5.25 19.59
CA GLU A 79 -1.88 5.73 20.98
C GLU A 79 -0.87 6.89 21.09
N HIS A 80 -1.37 8.08 21.48
CA HIS A 80 -0.49 9.22 21.84
C HIS A 80 0.17 8.90 23.18
N HIS A 81 1.43 8.39 23.12
CA HIS A 81 2.19 7.96 24.30
C HIS A 81 2.56 9.18 25.17
N HIS A 82 2.13 9.16 26.45
CA HIS A 82 2.49 10.19 27.43
C HIS A 82 4.00 10.09 27.72
N HIS A 83 4.44 8.83 27.86
CA HIS A 83 5.84 8.46 28.08
C HIS A 83 6.03 6.98 27.67
N HIS A 84 7.21 6.40 27.99
CA HIS A 84 7.50 4.97 27.78
C HIS A 84 8.71 4.56 28.66
N HIS A 85 8.47 3.73 29.70
CA HIS A 85 9.51 3.36 30.69
C HIS A 85 10.56 2.40 30.05
N MET A 1 3.11 -7.36 -18.25
CA MET A 1 3.43 -5.92 -18.25
C MET A 1 4.50 -5.65 -19.33
N PRO A 2 4.11 -5.12 -20.53
CA PRO A 2 5.08 -4.77 -21.61
C PRO A 2 6.08 -3.65 -21.20
N SER A 3 5.58 -2.64 -20.45
CA SER A 3 6.41 -1.48 -20.01
C SER A 3 6.10 -1.10 -18.55
N GLU A 4 6.79 -0.04 -18.08
CA GLU A 4 6.80 0.36 -16.66
C GLU A 4 5.41 0.82 -16.16
N GLU A 5 4.64 1.51 -17.02
CA GLU A 5 3.32 2.07 -16.64
C GLU A 5 2.32 0.97 -16.28
N GLU A 6 2.47 -0.19 -16.94
CA GLU A 6 1.62 -1.37 -16.73
C GLU A 6 1.91 -2.04 -15.38
N GLU A 7 3.13 -1.84 -14.84
CA GLU A 7 3.50 -2.24 -13.47
C GLU A 7 2.53 -1.60 -12.49
N LYS A 8 2.45 -0.26 -12.57
CA LYS A 8 1.65 0.58 -11.66
C LYS A 8 0.18 0.12 -11.64
N ARG A 9 -0.34 -0.22 -12.85
CA ARG A 9 -1.71 -0.73 -13.05
C ARG A 9 -1.96 -1.98 -12.18
N GLN A 10 -0.97 -2.91 -12.20
CA GLN A 10 -1.04 -4.15 -11.43
C GLN A 10 -0.86 -3.88 -9.92
N VAL A 11 0.21 -3.14 -9.57
CA VAL A 11 0.70 -2.98 -8.18
C VAL A 11 -0.34 -2.26 -7.29
N LYS A 12 -1.07 -1.28 -7.85
CA LYS A 12 -2.14 -0.57 -7.12
C LYS A 12 -3.27 -1.55 -6.74
N GLN A 13 -3.60 -2.44 -7.71
CA GLN A 13 -4.62 -3.48 -7.52
C GLN A 13 -4.15 -4.52 -6.48
N VAL A 14 -2.87 -4.94 -6.58
CA VAL A 14 -2.27 -5.90 -5.64
C VAL A 14 -2.30 -5.32 -4.21
N ALA A 15 -1.95 -4.02 -4.12
CA ALA A 15 -1.80 -3.29 -2.86
C ALA A 15 -3.16 -3.05 -2.17
N LYS A 16 -4.19 -2.70 -2.96
CA LYS A 16 -5.53 -2.40 -2.42
C LYS A 16 -6.16 -3.67 -1.84
N GLU A 17 -5.91 -4.83 -2.51
CA GLU A 17 -6.40 -6.15 -2.08
C GLU A 17 -5.88 -6.46 -0.67
N LYS A 18 -4.56 -6.21 -0.46
CA LYS A 18 -3.88 -6.43 0.83
C LYS A 18 -4.57 -5.66 1.96
N LEU A 19 -4.92 -4.40 1.66
CA LEU A 19 -5.59 -3.50 2.61
C LEU A 19 -7.06 -3.91 2.84
N LEU A 20 -7.67 -4.52 1.80
CA LEU A 20 -9.05 -5.05 1.87
C LEU A 20 -9.09 -6.38 2.66
N GLU A 21 -7.96 -7.12 2.71
CA GLU A 21 -7.85 -8.34 3.52
C GLU A 21 -7.92 -8.00 5.01
N GLN A 22 -7.33 -6.84 5.35
CA GLN A 22 -7.25 -6.33 6.72
C GLN A 22 -8.49 -5.47 7.07
N SER A 23 -9.09 -4.83 6.04
CA SER A 23 -10.28 -3.98 6.21
C SER A 23 -11.14 -3.99 4.92
N PRO A 24 -12.05 -5.01 4.76
CA PRO A 24 -12.98 -5.08 3.60
C PRO A 24 -14.21 -4.16 3.77
N ASN A 25 -14.35 -3.54 4.96
CA ASN A 25 -15.48 -2.64 5.30
C ASN A 25 -15.18 -1.18 4.94
N SER A 26 -14.05 -0.94 4.24
CA SER A 26 -13.67 0.39 3.75
C SER A 26 -13.22 0.29 2.28
N LYS A 27 -13.27 1.42 1.58
CA LYS A 27 -12.85 1.54 0.18
C LYS A 27 -11.43 2.14 0.13
N VAL A 28 -10.53 1.50 -0.64
CA VAL A 28 -9.13 1.93 -0.77
C VAL A 28 -8.96 2.76 -2.05
N GLN A 29 -8.33 3.93 -1.92
CA GLN A 29 -8.01 4.84 -3.03
C GLN A 29 -6.49 4.83 -3.29
N VAL A 30 -6.09 5.33 -4.46
CA VAL A 30 -4.67 5.56 -4.79
C VAL A 30 -4.28 6.99 -4.38
N ARG A 31 -3.30 7.10 -3.46
CA ARG A 31 -2.79 8.40 -2.98
C ARG A 31 -1.60 8.84 -3.87
N ARG A 32 -0.55 7.99 -3.93
CA ARG A 32 0.62 8.15 -4.82
C ARG A 32 1.19 6.77 -5.15
N VAL A 33 2.04 6.71 -6.20
CA VAL A 33 2.80 5.51 -6.57
C VAL A 33 4.27 5.92 -6.80
N GLN A 34 5.19 5.41 -5.97
CA GLN A 34 6.64 5.67 -6.11
C GLN A 34 7.35 4.47 -6.77
N LYS A 35 8.07 4.75 -7.88
CA LYS A 35 8.89 3.77 -8.60
C LYS A 35 10.36 3.88 -8.12
N GLN A 36 10.84 2.84 -7.43
CA GLN A 36 12.25 2.76 -6.97
C GLN A 36 12.90 1.50 -7.56
N GLY A 37 13.15 1.53 -8.88
CA GLY A 37 13.76 0.43 -9.60
C GLY A 37 12.96 -0.87 -9.52
N ASN A 38 13.44 -1.81 -8.70
CA ASN A 38 12.80 -3.12 -8.52
C ASN A 38 11.54 -2.99 -7.64
N THR A 39 11.64 -2.18 -6.57
CA THR A 39 10.58 -2.02 -5.58
C THR A 39 9.70 -0.78 -5.90
N ILE A 40 8.40 -1.02 -6.15
CA ILE A 40 7.38 0.04 -6.24
C ILE A 40 6.63 0.14 -4.90
N ARG A 41 6.76 1.31 -4.24
CA ARG A 41 6.10 1.60 -2.96
C ARG A 41 4.90 2.51 -3.22
N VAL A 42 3.71 1.91 -3.27
CA VAL A 42 2.46 2.63 -3.51
C VAL A 42 1.93 3.17 -2.17
N GLU A 43 1.68 4.48 -2.12
CA GLU A 43 0.90 5.10 -1.03
C GLU A 43 -0.59 4.99 -1.37
N LEU A 44 -1.37 4.36 -0.51
CA LEU A 44 -2.83 4.21 -0.69
C LEU A 44 -3.56 4.92 0.44
N GLU A 45 -4.88 5.07 0.29
CA GLU A 45 -5.70 5.83 1.22
C GLU A 45 -6.97 5.03 1.55
N LEU A 46 -6.98 4.41 2.74
CA LEU A 46 -8.10 3.62 3.27
C LEU A 46 -8.70 4.42 4.43
N ARG A 47 -10.03 4.53 4.48
CA ARG A 47 -10.69 5.35 5.51
C ARG A 47 -11.25 4.45 6.62
N THR A 48 -10.46 4.35 7.71
CA THR A 48 -10.79 3.53 8.88
C THR A 48 -11.75 4.33 9.79
N ASN A 49 -13.05 3.94 9.75
CA ASN A 49 -14.17 4.67 10.42
C ASN A 49 -14.39 6.05 9.76
N GLY A 50 -13.81 6.26 8.55
CA GLY A 50 -13.80 7.56 7.87
C GLY A 50 -12.47 8.32 8.02
N LYS A 51 -11.64 7.93 9.02
CA LYS A 51 -10.31 8.55 9.25
C LYS A 51 -9.33 8.18 8.12
N LYS A 52 -8.57 9.17 7.64
CA LYS A 52 -7.66 9.01 6.50
C LYS A 52 -6.37 8.30 6.96
N GLU A 53 -6.31 6.99 6.69
CA GLU A 53 -5.14 6.14 6.96
C GLU A 53 -4.42 5.82 5.65
N ASN A 54 -3.20 6.36 5.51
CA ASN A 54 -2.33 6.11 4.35
C ASN A 54 -1.41 4.90 4.62
N TYR A 55 -1.57 3.85 3.81
CA TYR A 55 -0.73 2.64 3.91
C TYR A 55 0.23 2.61 2.72
N THR A 56 1.54 2.59 3.02
CA THR A 56 2.59 2.41 2.02
C THR A 56 2.85 0.91 1.86
N VAL A 57 2.32 0.34 0.77
CA VAL A 57 2.48 -1.08 0.44
C VAL A 57 3.70 -1.22 -0.49
N GLU A 58 4.78 -1.74 0.10
CA GLU A 58 6.07 -1.92 -0.57
C GLU A 58 6.06 -3.26 -1.30
N VAL A 59 5.93 -3.20 -2.63
CA VAL A 59 5.87 -4.39 -3.51
C VAL A 59 7.13 -4.40 -4.41
N GLU A 60 7.85 -5.54 -4.46
CA GLU A 60 9.11 -5.65 -5.23
C GLU A 60 8.93 -6.61 -6.43
N ARG A 61 9.68 -6.35 -7.52
CA ARG A 61 9.60 -7.12 -8.76
C ARG A 61 10.24 -8.50 -8.59
N GLN A 62 9.49 -9.52 -8.96
CA GLN A 62 9.96 -10.92 -9.04
C GLN A 62 9.72 -11.41 -10.49
N GLY A 63 10.74 -11.23 -11.35
CA GLY A 63 10.67 -11.59 -12.77
C GLY A 63 9.76 -10.65 -13.57
N ASN A 64 8.54 -11.11 -13.89
CA ASN A 64 7.47 -10.29 -14.55
C ASN A 64 6.23 -10.21 -13.66
N THR A 65 6.30 -10.81 -12.46
CA THR A 65 5.23 -10.75 -11.45
C THR A 65 5.70 -9.96 -10.23
N TRP A 66 4.79 -9.76 -9.25
CA TRP A 66 5.03 -8.93 -8.06
C TRP A 66 4.93 -9.75 -6.78
N THR A 67 5.64 -9.28 -5.74
CA THR A 67 5.60 -9.86 -4.40
C THR A 67 5.54 -8.71 -3.37
N VAL A 68 4.45 -8.66 -2.59
CA VAL A 68 4.29 -7.66 -1.53
C VAL A 68 5.27 -7.98 -0.39
N LYS A 69 6.31 -7.13 -0.27
CA LYS A 69 7.31 -7.24 0.78
C LYS A 69 6.69 -6.95 2.14
N ARG A 70 6.10 -5.76 2.28
CA ARG A 70 5.60 -5.27 3.57
C ARG A 70 4.42 -4.31 3.39
N ILE A 71 3.42 -4.42 4.29
CA ILE A 71 2.38 -3.40 4.46
C ILE A 71 2.84 -2.45 5.58
N THR A 72 3.28 -1.25 5.21
CA THR A 72 3.62 -0.20 6.18
C THR A 72 2.42 0.73 6.33
N ARG A 73 2.04 1.03 7.57
CA ARG A 73 1.00 2.02 7.90
C ARG A 73 1.69 3.34 8.29
N THR A 74 1.03 4.46 7.99
CA THR A 74 1.45 5.79 8.48
C THR A 74 1.38 5.81 10.03
N VAL A 75 2.53 6.10 10.68
CA VAL A 75 2.60 6.16 12.15
C VAL A 75 1.89 7.44 12.65
N GLY A 76 0.64 7.27 13.10
CA GLY A 76 -0.16 8.36 13.65
C GLY A 76 -0.17 8.31 15.16
N SER A 77 -1.37 8.18 15.76
CA SER A 77 -1.50 7.93 17.20
C SER A 77 -1.09 6.48 17.51
N LEU A 78 0.17 6.34 17.94
CA LEU A 78 0.79 5.05 18.23
C LEU A 78 1.73 5.26 19.43
N GLU A 79 1.32 4.76 20.62
CA GLU A 79 2.17 4.72 21.81
C GLU A 79 3.31 3.73 21.54
N HIS A 80 4.44 4.24 21.02
CA HIS A 80 5.61 3.40 20.75
C HIS A 80 6.17 2.88 22.08
N HIS A 81 5.88 1.59 22.34
CA HIS A 81 6.41 0.85 23.49
C HIS A 81 7.92 0.66 23.28
N HIS A 82 8.70 0.67 24.39
CA HIS A 82 10.16 0.57 24.39
C HIS A 82 10.66 -0.61 23.52
N HIS A 83 9.92 -1.73 23.62
CA HIS A 83 10.09 -2.89 22.74
C HIS A 83 8.83 -3.78 22.84
N HIS A 84 8.23 -4.09 21.69
CA HIS A 84 7.18 -5.13 21.60
C HIS A 84 7.84 -6.51 21.47
N HIS A 85 9.00 -6.54 20.80
CA HIS A 85 9.78 -7.77 20.56
C HIS A 85 10.47 -8.24 21.86
N MET A 1 5.66 -3.60 -26.95
CA MET A 1 5.07 -2.90 -25.79
C MET A 1 5.44 -3.66 -24.49
N PRO A 2 6.41 -3.13 -23.66
CA PRO A 2 6.90 -3.82 -22.42
C PRO A 2 5.85 -3.86 -21.28
N SER A 3 4.75 -3.08 -21.42
CA SER A 3 3.66 -2.93 -20.42
C SER A 3 4.18 -2.20 -19.16
N GLU A 4 5.15 -1.29 -19.39
CA GLU A 4 5.88 -0.54 -18.34
C GLU A 4 4.96 0.48 -17.63
N GLU A 5 3.91 0.96 -18.32
CA GLU A 5 2.94 1.89 -17.71
C GLU A 5 1.81 1.10 -17.01
N GLU A 6 1.53 -0.12 -17.53
CA GLU A 6 0.45 -0.97 -16.99
C GLU A 6 0.90 -1.72 -15.71
N GLU A 7 2.21 -1.94 -15.56
CA GLU A 7 2.75 -2.63 -14.36
C GLU A 7 2.41 -1.82 -13.08
N LYS A 8 2.37 -0.47 -13.19
CA LYS A 8 1.98 0.43 -12.08
C LYS A 8 0.50 0.19 -11.71
N ARG A 9 -0.34 0.08 -12.76
CA ARG A 9 -1.79 -0.20 -12.63
C ARG A 9 -2.01 -1.52 -11.87
N GLN A 10 -1.20 -2.52 -12.24
CA GLN A 10 -1.22 -3.86 -11.63
C GLN A 10 -0.79 -3.80 -10.14
N VAL A 11 0.30 -3.06 -9.87
CA VAL A 11 0.92 -2.91 -8.54
C VAL A 11 -0.04 -2.22 -7.53
N LYS A 12 -0.78 -1.20 -8.01
CA LYS A 12 -1.77 -0.45 -7.20
C LYS A 12 -2.92 -1.39 -6.77
N GLN A 13 -3.31 -2.30 -7.68
CA GLN A 13 -4.38 -3.29 -7.45
C GLN A 13 -3.91 -4.37 -6.44
N VAL A 14 -2.66 -4.86 -6.62
CA VAL A 14 -2.02 -5.84 -5.71
C VAL A 14 -1.94 -5.27 -4.27
N ALA A 15 -1.57 -3.98 -4.20
CA ALA A 15 -1.37 -3.24 -2.94
C ALA A 15 -2.71 -3.07 -2.16
N LYS A 16 -3.76 -2.61 -2.89
CA LYS A 16 -5.08 -2.30 -2.29
C LYS A 16 -5.77 -3.58 -1.79
N GLU A 17 -5.46 -4.73 -2.43
CA GLU A 17 -5.97 -6.06 -2.03
C GLU A 17 -5.52 -6.42 -0.59
N LYS A 18 -4.24 -6.15 -0.29
CA LYS A 18 -3.65 -6.46 1.03
C LYS A 18 -4.22 -5.52 2.10
N LEU A 19 -4.64 -4.33 1.65
CA LEU A 19 -5.34 -3.34 2.49
C LEU A 19 -6.81 -3.76 2.72
N LEU A 20 -7.41 -4.45 1.74
CA LEU A 20 -8.78 -5.00 1.85
C LEU A 20 -8.80 -6.24 2.77
N GLU A 21 -7.64 -6.90 2.96
CA GLU A 21 -7.50 -8.02 3.93
C GLU A 21 -7.68 -7.50 5.37
N GLN A 22 -7.18 -6.28 5.59
CA GLN A 22 -7.22 -5.59 6.89
C GLN A 22 -8.59 -4.91 7.11
N SER A 23 -9.12 -4.29 6.04
CA SER A 23 -10.36 -3.50 6.10
C SER A 23 -11.02 -3.50 4.69
N PRO A 24 -11.92 -4.49 4.39
CA PRO A 24 -12.66 -4.54 3.09
C PRO A 24 -13.82 -3.52 3.02
N ASN A 25 -14.34 -3.16 4.19
CA ASN A 25 -15.52 -2.28 4.32
C ASN A 25 -15.19 -0.84 3.89
N SER A 26 -13.92 -0.47 4.00
CA SER A 26 -13.40 0.84 3.58
C SER A 26 -13.09 0.86 2.07
N LYS A 27 -13.44 1.97 1.39
CA LYS A 27 -13.13 2.19 -0.02
C LYS A 27 -11.68 2.72 -0.12
N VAL A 28 -10.79 1.88 -0.68
CA VAL A 28 -9.34 2.15 -0.73
C VAL A 28 -8.97 2.74 -2.10
N GLN A 29 -8.41 3.96 -2.08
CA GLN A 29 -7.89 4.64 -3.27
C GLN A 29 -6.37 4.65 -3.22
N VAL A 30 -5.72 5.09 -4.31
CA VAL A 30 -4.26 5.24 -4.39
C VAL A 30 -3.91 6.72 -4.24
N ARG A 31 -3.08 7.04 -3.25
CA ARG A 31 -2.73 8.44 -2.90
C ARG A 31 -1.46 8.89 -3.66
N ARG A 32 -0.42 8.04 -3.61
CA ARG A 32 0.92 8.32 -4.14
C ARG A 32 1.54 6.99 -4.61
N VAL A 33 2.33 7.02 -5.70
CA VAL A 33 3.11 5.85 -6.18
C VAL A 33 4.59 6.27 -6.30
N GLN A 34 5.49 5.44 -5.73
CA GLN A 34 6.96 5.66 -5.78
C GLN A 34 7.63 4.47 -6.46
N LYS A 35 8.12 4.69 -7.69
CA LYS A 35 8.75 3.64 -8.50
C LYS A 35 10.28 3.75 -8.33
N GLN A 36 10.89 2.75 -7.68
CA GLN A 36 12.33 2.74 -7.38
C GLN A 36 12.96 1.43 -7.92
N GLY A 37 13.37 1.47 -9.20
CA GLY A 37 14.13 0.37 -9.85
C GLY A 37 13.42 -0.98 -9.89
N ASN A 38 13.48 -1.71 -8.75
CA ASN A 38 12.91 -3.05 -8.61
C ASN A 38 11.59 -2.98 -7.80
N THR A 39 11.61 -2.23 -6.68
CA THR A 39 10.47 -2.14 -5.75
C THR A 39 9.67 -0.84 -5.98
N ILE A 40 8.33 -0.97 -6.04
CA ILE A 40 7.41 0.18 -6.14
C ILE A 40 6.63 0.34 -4.81
N ARG A 41 6.94 1.40 -4.04
CA ARG A 41 6.24 1.72 -2.79
C ARG A 41 5.00 2.57 -3.11
N VAL A 42 3.84 1.92 -3.21
CA VAL A 42 2.55 2.59 -3.43
C VAL A 42 1.90 2.94 -2.10
N GLU A 43 1.73 4.23 -1.85
CA GLU A 43 1.02 4.77 -0.68
C GLU A 43 -0.45 4.97 -1.03
N LEU A 44 -1.34 4.23 -0.38
CA LEU A 44 -2.79 4.27 -0.68
C LEU A 44 -3.55 4.92 0.48
N GLU A 45 -4.77 5.42 0.20
CA GLU A 45 -5.63 6.03 1.22
C GLU A 45 -6.79 5.07 1.54
N LEU A 46 -6.70 4.47 2.75
CA LEU A 46 -7.74 3.58 3.31
C LEU A 46 -8.35 4.32 4.49
N ARG A 47 -9.67 4.48 4.49
CA ARG A 47 -10.39 5.18 5.58
C ARG A 47 -11.07 4.14 6.50
N THR A 48 -10.35 3.79 7.60
CA THR A 48 -10.78 2.76 8.57
C THR A 48 -11.98 3.27 9.39
N ASN A 49 -13.19 2.81 9.02
CA ASN A 49 -14.46 3.17 9.69
C ASN A 49 -14.74 4.69 9.62
N GLY A 50 -14.17 5.35 8.57
CA GLY A 50 -14.33 6.79 8.36
C GLY A 50 -13.14 7.61 8.84
N LYS A 51 -12.08 6.95 9.34
CA LYS A 51 -10.82 7.62 9.75
C LYS A 51 -9.73 7.39 8.67
N LYS A 52 -9.15 8.48 8.13
CA LYS A 52 -8.18 8.40 7.02
C LYS A 52 -6.79 7.99 7.55
N GLU A 53 -6.30 6.85 7.05
CA GLU A 53 -4.96 6.31 7.34
C GLU A 53 -4.33 5.85 6.01
N ASN A 54 -3.16 6.40 5.66
CA ASN A 54 -2.41 6.00 4.45
C ASN A 54 -1.49 4.83 4.78
N TYR A 55 -1.40 3.86 3.85
CA TYR A 55 -0.55 2.67 4.01
C TYR A 55 0.48 2.62 2.87
N THR A 56 1.78 2.60 3.24
CA THR A 56 2.89 2.46 2.29
C THR A 56 3.15 0.96 2.07
N VAL A 57 2.69 0.47 0.91
CA VAL A 57 2.81 -0.94 0.50
C VAL A 57 3.97 -1.07 -0.51
N GLU A 58 5.03 -1.79 -0.13
CA GLU A 58 6.20 -2.01 -1.00
C GLU A 58 5.96 -3.28 -1.84
N VAL A 59 5.59 -3.10 -3.12
CA VAL A 59 5.37 -4.20 -4.08
C VAL A 59 6.55 -4.28 -5.06
N GLU A 60 7.36 -5.34 -4.93
CA GLU A 60 8.64 -5.52 -5.65
C GLU A 60 8.48 -6.50 -6.82
N ARG A 61 9.21 -6.24 -7.91
CA ARG A 61 9.23 -7.10 -9.11
C ARG A 61 9.96 -8.42 -8.77
N GLN A 62 9.20 -9.50 -8.62
CA GLN A 62 9.73 -10.84 -8.38
C GLN A 62 9.78 -11.60 -9.73
N GLY A 63 10.91 -11.39 -10.45
CA GLY A 63 11.11 -11.94 -11.78
C GLY A 63 10.19 -11.28 -12.80
N ASN A 64 9.10 -11.97 -13.14
CA ASN A 64 8.04 -11.48 -14.06
C ASN A 64 6.83 -10.97 -13.26
N THR A 65 6.58 -11.62 -12.11
CA THR A 65 5.45 -11.30 -11.22
C THR A 65 5.83 -10.18 -10.24
N TRP A 66 4.85 -9.77 -9.41
CA TRP A 66 5.06 -8.84 -8.30
C TRP A 66 4.87 -9.59 -6.96
N THR A 67 5.43 -9.03 -5.89
CA THR A 67 5.34 -9.60 -4.54
C THR A 67 5.28 -8.46 -3.51
N VAL A 68 4.41 -8.60 -2.50
CA VAL A 68 4.30 -7.62 -1.42
C VAL A 68 5.33 -7.96 -0.34
N LYS A 69 6.29 -7.04 -0.16
CA LYS A 69 7.38 -7.17 0.81
C LYS A 69 6.85 -6.89 2.23
N ARG A 70 6.13 -5.78 2.36
CA ARG A 70 5.51 -5.38 3.64
C ARG A 70 4.34 -4.42 3.41
N ILE A 71 3.49 -4.36 4.43
CA ILE A 71 2.44 -3.36 4.62
C ILE A 71 2.83 -2.55 5.86
N THR A 72 2.97 -1.22 5.74
CA THR A 72 3.16 -0.35 6.91
C THR A 72 2.12 0.77 6.87
N ARG A 73 1.49 1.02 8.03
CA ARG A 73 0.52 2.10 8.22
C ARG A 73 1.27 3.35 8.73
N THR A 74 0.90 4.54 8.23
CA THR A 74 1.41 5.81 8.77
C THR A 74 0.84 6.02 10.18
N VAL A 75 1.73 6.17 11.18
CA VAL A 75 1.33 6.30 12.59
C VAL A 75 0.63 7.66 12.83
N GLY A 76 -0.67 7.58 13.12
CA GLY A 76 -1.54 8.73 13.37
C GLY A 76 -2.39 8.48 14.62
N SER A 77 -2.84 7.22 14.76
CA SER A 77 -3.54 6.74 15.95
C SER A 77 -3.09 5.30 16.23
N LEU A 78 -2.40 5.10 17.37
CA LEU A 78 -1.97 3.76 17.84
C LEU A 78 -3.22 2.91 18.22
N GLU A 79 -3.04 1.58 18.32
CA GLU A 79 -4.10 0.66 18.74
C GLU A 79 -4.51 0.90 20.20
N HIS A 80 -5.42 1.87 20.42
CA HIS A 80 -6.08 2.07 21.70
C HIS A 80 -7.18 1.00 21.79
N HIS A 81 -6.80 -0.18 22.28
CA HIS A 81 -7.71 -1.32 22.41
C HIS A 81 -8.75 -1.00 23.48
N HIS A 82 -10.01 -1.27 23.14
CA HIS A 82 -11.19 -0.83 23.92
C HIS A 82 -11.24 -1.49 25.30
N HIS A 83 -10.78 -2.76 25.37
CA HIS A 83 -10.72 -3.55 26.61
C HIS A 83 -12.11 -3.62 27.27
N HIS A 84 -12.99 -4.47 26.73
CA HIS A 84 -14.38 -4.59 27.18
C HIS A 84 -14.74 -6.06 27.41
N HIS A 85 -15.74 -6.30 28.26
CA HIS A 85 -16.19 -7.65 28.65
C HIS A 85 -17.17 -8.21 27.58
N MET A 1 5.84 -3.78 -27.37
CA MET A 1 5.17 -2.92 -26.37
C MET A 1 5.88 -3.04 -25.01
N PRO A 2 6.26 -1.90 -24.33
CA PRO A 2 7.03 -1.93 -23.05
C PRO A 2 6.22 -2.48 -21.85
N SER A 3 4.89 -2.27 -21.89
CA SER A 3 3.94 -2.63 -20.80
C SER A 3 4.23 -1.87 -19.49
N GLU A 4 4.94 -0.71 -19.59
CA GLU A 4 5.41 0.07 -18.41
C GLU A 4 4.23 0.48 -17.52
N GLU A 5 3.22 1.10 -18.14
CA GLU A 5 2.02 1.60 -17.44
C GLU A 5 1.27 0.45 -16.75
N GLU A 6 1.17 -0.68 -17.48
CA GLU A 6 0.49 -1.90 -17.04
C GLU A 6 1.14 -2.45 -15.76
N GLU A 7 2.47 -2.28 -15.64
CA GLU A 7 3.21 -2.70 -14.45
C GLU A 7 2.66 -2.00 -13.20
N LYS A 8 2.60 -0.66 -13.23
CA LYS A 8 2.08 0.14 -12.09
C LYS A 8 0.56 -0.13 -11.88
N ARG A 9 -0.17 -0.38 -12.98
CA ARG A 9 -1.63 -0.68 -12.92
C ARG A 9 -1.89 -2.02 -12.18
N GLN A 10 -0.94 -2.96 -12.34
CA GLN A 10 -0.92 -4.22 -11.59
C GLN A 10 -0.59 -3.93 -10.12
N VAL A 11 0.48 -3.15 -9.88
CA VAL A 11 1.06 -2.93 -8.54
C VAL A 11 0.08 -2.20 -7.59
N LYS A 12 -0.56 -1.11 -8.08
CA LYS A 12 -1.53 -0.31 -7.29
C LYS A 12 -2.77 -1.15 -6.94
N GLN A 13 -3.16 -2.01 -7.90
CA GLN A 13 -4.29 -2.93 -7.74
C GLN A 13 -3.96 -3.97 -6.65
N VAL A 14 -2.83 -4.68 -6.82
CA VAL A 14 -2.34 -5.68 -5.82
C VAL A 14 -2.26 -5.03 -4.43
N ALA A 15 -1.72 -3.79 -4.41
CA ALA A 15 -1.54 -3.00 -3.18
C ALA A 15 -2.87 -2.76 -2.45
N LYS A 16 -3.92 -2.40 -3.22
CA LYS A 16 -5.24 -2.10 -2.65
C LYS A 16 -5.95 -3.40 -2.24
N GLU A 17 -5.64 -4.53 -2.93
CA GLU A 17 -6.20 -5.86 -2.59
C GLU A 17 -5.70 -6.31 -1.22
N LYS A 18 -4.43 -5.96 -0.91
CA LYS A 18 -3.79 -6.27 0.38
C LYS A 18 -4.35 -5.38 1.49
N LEU A 19 -4.74 -4.17 1.13
CA LEU A 19 -5.43 -3.24 2.02
C LEU A 19 -6.90 -3.67 2.24
N LEU A 20 -7.48 -4.39 1.26
CA LEU A 20 -8.82 -5.01 1.37
C LEU A 20 -8.74 -6.31 2.21
N GLU A 21 -7.53 -6.88 2.35
CA GLU A 21 -7.26 -8.00 3.28
C GLU A 21 -7.34 -7.51 4.74
N GLN A 22 -6.84 -6.29 4.97
CA GLN A 22 -6.89 -5.64 6.29
C GLN A 22 -8.31 -5.09 6.58
N SER A 23 -8.98 -4.61 5.52
CA SER A 23 -10.30 -3.99 5.62
C SER A 23 -11.02 -4.03 4.25
N PRO A 24 -11.91 -5.06 4.00
CA PRO A 24 -12.62 -5.22 2.70
C PRO A 24 -13.82 -4.27 2.54
N ASN A 25 -14.25 -3.67 3.66
CA ASN A 25 -15.46 -2.82 3.73
C ASN A 25 -15.12 -1.35 3.42
N SER A 26 -13.84 -1.00 3.58
CA SER A 26 -13.37 0.40 3.49
C SER A 26 -13.15 0.86 2.05
N LYS A 27 -13.15 2.19 1.86
CA LYS A 27 -12.70 2.81 0.62
C LYS A 27 -11.17 2.91 0.62
N VAL A 28 -10.54 2.28 -0.38
CA VAL A 28 -9.10 2.40 -0.63
C VAL A 28 -8.90 3.19 -1.93
N GLN A 29 -8.32 4.39 -1.81
CA GLN A 29 -7.99 5.27 -2.96
C GLN A 29 -6.46 5.29 -3.14
N VAL A 30 -5.96 5.38 -4.38
CA VAL A 30 -4.52 5.59 -4.63
C VAL A 30 -4.13 7.03 -4.24
N ARG A 31 -3.08 7.16 -3.40
CA ARG A 31 -2.59 8.48 -2.95
C ARG A 31 -1.41 8.94 -3.84
N ARG A 32 -0.32 8.17 -3.84
CA ARG A 32 0.92 8.47 -4.60
C ARG A 32 1.66 7.15 -4.94
N VAL A 33 2.57 7.21 -5.94
CA VAL A 33 3.33 6.03 -6.46
C VAL A 33 4.80 6.40 -6.69
N GLN A 34 5.73 5.72 -5.97
CA GLN A 34 7.18 5.96 -6.04
C GLN A 34 7.90 4.68 -6.49
N LYS A 35 8.49 4.68 -7.70
CA LYS A 35 9.24 3.53 -8.23
C LYS A 35 10.67 3.60 -7.65
N GLN A 36 10.97 2.71 -6.69
CA GLN A 36 12.24 2.72 -5.92
C GLN A 36 13.02 1.40 -6.18
N GLY A 37 13.92 1.42 -7.16
CA GLY A 37 14.76 0.27 -7.51
C GLY A 37 13.98 -0.82 -8.24
N ASN A 38 13.50 -1.81 -7.49
CA ASN A 38 12.59 -2.87 -7.99
C ASN A 38 11.26 -2.80 -7.24
N THR A 39 11.27 -2.13 -6.07
CA THR A 39 10.12 -2.00 -5.18
C THR A 39 9.34 -0.71 -5.49
N ILE A 40 8.17 -0.85 -6.12
CA ILE A 40 7.24 0.27 -6.30
C ILE A 40 6.43 0.46 -5.00
N ARG A 41 6.74 1.55 -4.28
CA ARG A 41 6.02 1.97 -3.09
C ARG A 41 4.75 2.71 -3.50
N VAL A 42 3.62 2.02 -3.45
CA VAL A 42 2.32 2.66 -3.68
C VAL A 42 1.75 3.10 -2.34
N GLU A 43 1.69 4.41 -2.13
CA GLU A 43 0.94 5.02 -1.03
C GLU A 43 -0.56 5.03 -1.40
N LEU A 44 -1.41 4.46 -0.52
CA LEU A 44 -2.87 4.48 -0.68
C LEU A 44 -3.52 4.98 0.63
N GLU A 45 -4.73 5.52 0.51
CA GLU A 45 -5.46 6.16 1.60
C GLU A 45 -6.76 5.35 1.87
N LEU A 46 -6.75 4.61 2.99
CA LEU A 46 -7.81 3.65 3.38
C LEU A 46 -8.61 4.26 4.56
N ARG A 47 -9.95 4.07 4.57
CA ARG A 47 -10.79 4.61 5.67
C ARG A 47 -11.15 3.46 6.64
N THR A 48 -10.37 3.32 7.71
CA THR A 48 -10.53 2.24 8.71
C THR A 48 -11.59 2.65 9.76
N ASN A 49 -12.81 2.12 9.61
CA ASN A 49 -13.92 2.26 10.61
C ASN A 49 -14.41 3.75 10.69
N GLY A 50 -14.10 4.54 9.65
CA GLY A 50 -14.41 5.98 9.65
C GLY A 50 -13.21 6.84 10.00
N LYS A 51 -12.14 6.23 10.52
CA LYS A 51 -10.84 6.90 10.67
C LYS A 51 -10.01 6.65 9.39
N LYS A 52 -9.59 7.72 8.70
CA LYS A 52 -8.91 7.59 7.41
C LYS A 52 -7.39 7.74 7.62
N GLU A 53 -6.63 6.71 7.23
CA GLU A 53 -5.18 6.63 7.45
C GLU A 53 -4.43 6.39 6.13
N ASN A 54 -3.21 6.91 6.06
CA ASN A 54 -2.31 6.74 4.91
C ASN A 54 -1.44 5.48 5.11
N TYR A 55 -1.58 4.52 4.19
CA TYR A 55 -0.74 3.29 4.15
C TYR A 55 0.19 3.38 2.93
N THR A 56 1.18 2.48 2.89
CA THR A 56 2.13 2.36 1.78
C THR A 56 2.49 0.89 1.59
N VAL A 57 1.94 0.28 0.55
CA VAL A 57 2.21 -1.13 0.24
C VAL A 57 3.39 -1.18 -0.75
N GLU A 58 4.54 -1.57 -0.19
CA GLU A 58 5.81 -1.72 -0.92
C GLU A 58 5.77 -3.05 -1.69
N VAL A 59 5.62 -2.98 -3.02
CA VAL A 59 5.51 -4.16 -3.89
C VAL A 59 6.73 -4.22 -4.85
N GLU A 60 7.59 -5.25 -4.67
CA GLU A 60 8.79 -5.46 -5.49
C GLU A 60 8.56 -6.57 -6.51
N ARG A 61 9.23 -6.46 -7.67
CA ARG A 61 9.14 -7.46 -8.75
C ARG A 61 9.79 -8.80 -8.31
N GLN A 62 9.04 -9.89 -8.52
CA GLN A 62 9.51 -11.26 -8.26
C GLN A 62 9.47 -12.07 -9.58
N GLY A 63 10.50 -11.86 -10.41
CA GLY A 63 10.62 -12.55 -11.70
C GLY A 63 9.58 -12.05 -12.72
N ASN A 64 8.50 -12.83 -12.89
CA ASN A 64 7.40 -12.52 -13.84
C ASN A 64 6.20 -11.88 -13.10
N THR A 65 6.07 -12.23 -11.82
CA THR A 65 4.97 -11.74 -10.95
C THR A 65 5.48 -10.60 -10.04
N TRP A 66 4.55 -9.95 -9.33
CA TRP A 66 4.88 -8.94 -8.30
C TRP A 66 4.62 -9.53 -6.90
N THR A 67 5.36 -9.06 -5.87
CA THR A 67 5.23 -9.55 -4.48
C THR A 67 5.26 -8.39 -3.48
N VAL A 68 4.54 -8.56 -2.37
CA VAL A 68 4.38 -7.52 -1.34
C VAL A 68 5.46 -7.68 -0.27
N LYS A 69 6.40 -6.71 -0.22
CA LYS A 69 7.47 -6.66 0.77
C LYS A 69 6.91 -6.34 2.16
N ARG A 70 6.22 -5.19 2.27
CA ARG A 70 5.64 -4.71 3.54
C ARG A 70 4.53 -3.68 3.30
N ILE A 71 3.42 -3.82 4.04
CA ILE A 71 2.43 -2.76 4.18
C ILE A 71 2.84 -1.91 5.40
N THR A 72 3.40 -0.73 5.12
CA THR A 72 3.82 0.22 6.15
C THR A 72 2.75 1.32 6.31
N ARG A 73 2.13 1.35 7.49
CA ARG A 73 1.26 2.46 7.90
C ARG A 73 2.14 3.69 8.24
N THR A 74 1.65 4.91 7.95
CA THR A 74 2.33 6.14 8.39
C THR A 74 2.22 6.24 9.93
N VAL A 75 3.29 6.72 10.59
CA VAL A 75 3.33 6.80 12.05
C VAL A 75 2.35 7.90 12.51
N GLY A 76 1.17 7.47 12.98
CA GLY A 76 0.15 8.38 13.50
C GLY A 76 0.57 8.98 14.83
N SER A 77 0.83 8.08 15.78
CA SER A 77 1.38 8.41 17.10
C SER A 77 2.12 7.20 17.66
N LEU A 78 3.04 7.48 18.60
CA LEU A 78 3.80 6.46 19.33
C LEU A 78 4.26 7.06 20.67
N GLU A 79 4.81 6.21 21.56
CA GLU A 79 5.28 6.62 22.88
C GLU A 79 6.63 5.96 23.17
N HIS A 80 7.53 6.70 23.85
CA HIS A 80 8.84 6.18 24.26
C HIS A 80 8.68 5.26 25.48
N HIS A 81 9.73 4.50 25.80
CA HIS A 81 9.79 3.69 27.03
C HIS A 81 10.16 4.58 28.22
N HIS A 82 9.52 4.35 29.38
CA HIS A 82 9.61 5.23 30.59
C HIS A 82 11.04 5.34 31.14
N HIS A 83 11.91 4.41 30.74
CA HIS A 83 13.33 4.40 31.12
C HIS A 83 14.16 4.22 29.84
N HIS A 84 14.77 5.32 29.35
CA HIS A 84 15.61 5.29 28.14
C HIS A 84 16.95 5.96 28.41
N HIS A 85 17.99 5.14 28.59
CA HIS A 85 19.39 5.59 28.64
C HIS A 85 19.92 5.62 27.18
#